data_5J7I
#
_entry.id   5J7I
#
_cell.length_a   93.054
_cell.length_b   109.543
_cell.length_c   204.149
_cell.angle_alpha   90.00
_cell.angle_beta   90.00
_cell.angle_gamma   90.00
#
_symmetry.space_group_name_H-M   'P 21 21 21'
#
loop_
_entity.id
_entity.type
_entity.pdbx_description
1 polymer 'Acetaldehyde dehydrogenase (Acetylating)'
2 non-polymer "ADENOSINE-5'-DIPHOSPHATE"
3 non-polymer ADENOSINE-5-DIPHOSPHORIBOSE
#
_entity_poly.entity_id   1
_entity_poly.type   'polypeptide(L)'
_entity_poly.pdbx_seq_one_letter_code
;MGSSHHHHHHSSGLVPRGSHMASMLRDIDLQSIQEVRNYLEEAKAAQKILEKMTQSEIDKIVESMANAAREEAGRLAAMA
VEETGFGNVEDKTLKNLFAANDVYNSIKDVKTVGIIRRDEENRVWEIAQPVGIVAGIIPSTNPTSTVIFKALIAVKARNA
IVFSPHPSAAKCTAEAARIMQEAAERAGAPKGLISCITQPTMAATNELMKHKLTDVILATGGPGLVKAAYSSGKPAYGVG
PGNVPVYIHESANIAKAVQLIIQSKTFDYGTI(SCY)ASEQALLVDESIKEKVVAELKQQGAYFLNEEEKQKVASIIMVN
GSLNAKIVGKAPQVIAEMAGIEIPSDVKLLVAEETEVGKEYPFSIEKLSPILAFYIVKGMEEASELAQKLLEVGGLGHTV
GIHAEDEKVIEAYTIDKPAGRIVVNAGTTFGGIGATVNVKPSLTLGCGAIGNNITSDNVTVTHLFNIKRVAFGVREMPKK
VEGAQKEPALTK
;
_entity_poly.pdbx_strand_id   A,B,C,D
#
# COMPACT_ATOMS: atom_id res chain seq x y z
N MET A 24 -14.46 8.30 20.40
CA MET A 24 -13.16 8.65 19.86
C MET A 24 -12.26 9.25 20.93
N LEU A 25 -11.02 8.77 20.98
CA LEU A 25 -9.95 9.35 21.78
C LEU A 25 -8.73 9.42 20.86
N ARG A 26 -8.03 10.55 20.81
CA ARG A 26 -6.83 10.62 19.99
C ARG A 26 -5.80 9.50 20.14
N ASP A 27 -5.54 8.96 21.34
CA ASP A 27 -4.41 8.05 21.44
C ASP A 27 -4.80 6.63 21.81
N ILE A 28 -6.09 6.31 21.76
CA ILE A 28 -6.54 4.92 21.85
C ILE A 28 -5.85 3.91 20.97
N ASP A 29 -5.54 4.30 19.73
CA ASP A 29 -4.84 3.41 18.84
C ASP A 29 -3.46 2.99 19.33
N LEU A 30 -2.66 3.93 19.81
CA LEU A 30 -1.31 3.58 20.24
C LEU A 30 -1.31 2.69 21.48
N GLN A 31 -2.14 3.02 22.45
CA GLN A 31 -2.23 2.19 23.65
C GLN A 31 -2.79 0.81 23.33
N SER A 32 -3.75 0.76 22.41
CA SER A 32 -4.32 -0.51 22.00
C SER A 32 -3.31 -1.36 21.24
N ILE A 33 -2.45 -0.73 20.42
CA ILE A 33 -1.35 -1.45 19.77
C ILE A 33 -0.44 -2.02 20.84
N GLN A 34 -0.07 -1.17 21.80
CA GLN A 34 0.74 -1.62 22.93
C GLN A 34 0.19 -2.82 23.66
N GLU A 35 -1.10 -2.81 23.92
CA GLU A 35 -1.75 -3.89 24.64
C GLU A 35 -1.59 -5.20 23.86
N VAL A 36 -1.87 -5.18 22.55
CA VAL A 36 -1.63 -6.34 21.69
C VAL A 36 -0.20 -6.86 21.81
N ARG A 37 0.77 -5.94 21.75
CA ARG A 37 2.18 -6.32 21.84
C ARG A 37 2.55 -6.99 23.15
N ASN A 38 2.08 -6.41 24.25
CA ASN A 38 2.27 -7.01 25.56
C ASN A 38 1.64 -8.41 25.67
N TYR A 39 0.41 -8.54 25.19
CA TYR A 39 -0.29 -9.82 25.21
C TYR A 39 0.43 -10.90 24.43
N LEU A 40 0.92 -10.55 23.25
CA LEU A 40 1.58 -11.55 22.41
C LEU A 40 2.87 -11.99 23.07
N GLU A 41 3.56 -11.06 23.72
CA GLU A 41 4.82 -11.41 24.36
C GLU A 41 4.59 -12.29 25.60
N GLU A 42 3.58 -12.00 26.40
CA GLU A 42 3.25 -12.90 27.52
C GLU A 42 2.74 -14.24 27.01
N ALA A 43 2.00 -14.20 25.90
CA ALA A 43 1.48 -15.41 25.28
C ALA A 43 2.63 -16.26 24.76
N LYS A 44 3.67 -15.61 24.26
CA LYS A 44 4.85 -16.33 23.78
C LYS A 44 5.45 -17.14 24.92
N ALA A 45 5.66 -16.48 26.04
CA ALA A 45 6.26 -17.14 27.19
C ALA A 45 5.35 -18.21 27.78
N ALA A 46 4.05 -17.93 27.81
CA ALA A 46 3.10 -18.86 28.42
C ALA A 46 2.98 -20.15 27.66
N GLN A 47 2.89 -20.04 26.34
CA GLN A 47 2.72 -21.20 25.46
C GLN A 47 3.90 -22.16 25.52
N LYS A 48 5.10 -21.60 25.62
CA LYS A 48 6.27 -22.43 25.73
C LYS A 48 6.18 -23.30 26.97
N ILE A 49 5.70 -22.71 28.07
CA ILE A 49 5.50 -23.41 29.32
C ILE A 49 4.36 -24.41 29.22
N LEU A 50 3.26 -24.02 28.60
CA LEU A 50 2.09 -24.89 28.50
C LEU A 50 2.48 -26.14 27.74
N GLU A 51 3.29 -25.92 26.70
CA GLU A 51 3.67 -26.93 25.73
C GLU A 51 4.47 -28.05 26.38
N LYS A 52 5.07 -27.73 27.53
CA LYS A 52 5.87 -28.68 28.28
C LYS A 52 5.08 -29.70 29.10
N MET A 53 3.78 -29.48 29.28
CA MET A 53 2.98 -30.35 30.13
C MET A 53 2.56 -31.66 29.49
N THR A 54 2.23 -32.62 30.36
CA THR A 54 1.66 -33.89 29.95
C THR A 54 0.21 -33.71 29.50
N GLN A 55 -0.29 -34.70 28.78
CA GLN A 55 -1.68 -34.70 28.33
C GLN A 55 -2.64 -34.49 29.49
N SER A 56 -2.36 -35.16 30.59
CA SER A 56 -3.25 -35.12 31.74
C SER A 56 -3.32 -33.75 32.40
N GLU A 57 -2.21 -33.03 32.41
CA GLU A 57 -2.18 -31.69 32.99
C GLU A 57 -2.95 -30.71 32.11
N ILE A 58 -2.76 -30.81 30.80
CA ILE A 58 -3.54 -30.04 29.85
C ILE A 58 -5.03 -30.33 29.98
N ASP A 59 -5.40 -31.61 30.02
CA ASP A 59 -6.81 -31.99 30.05
C ASP A 59 -7.48 -31.50 31.33
N LYS A 60 -6.73 -31.48 32.42
CA LYS A 60 -7.26 -30.93 33.65
C LYS A 60 -7.58 -29.45 33.51
N ILE A 61 -6.68 -28.72 32.86
CA ILE A 61 -6.89 -27.31 32.59
C ILE A 61 -8.11 -27.06 31.73
N VAL A 62 -8.26 -27.80 30.65
CA VAL A 62 -9.36 -27.59 29.73
C VAL A 62 -10.69 -27.85 30.44
N GLU A 63 -10.72 -28.88 31.30
CA GLU A 63 -11.95 -29.24 32.01
C GLU A 63 -12.38 -28.13 32.95
N SER A 64 -11.41 -27.57 33.68
CA SER A 64 -11.68 -26.48 34.60
C SER A 64 -12.23 -25.27 33.83
N MET A 65 -11.68 -25.01 32.65
CA MET A 65 -12.18 -23.94 31.79
C MET A 65 -13.63 -24.21 31.41
N ALA A 66 -13.93 -25.45 31.02
CA ALA A 66 -15.30 -25.79 30.63
C ALA A 66 -16.26 -25.56 31.79
N ASN A 67 -15.83 -25.88 33.01
CA ASN A 67 -16.69 -25.75 34.18
C ASN A 67 -17.03 -24.29 34.46
N ALA A 68 -16.03 -23.42 34.32
CA ALA A 68 -16.24 -22.00 34.58
C ALA A 68 -17.16 -21.42 33.53
N ALA A 69 -17.03 -21.88 32.29
CA ALA A 69 -17.87 -21.40 31.20
C ALA A 69 -19.31 -21.79 31.50
N ARG A 70 -19.47 -23.02 31.95
CA ARG A 70 -20.75 -23.57 32.32
C ARG A 70 -21.39 -22.72 33.42
N GLU A 71 -20.60 -22.37 34.44
CA GLU A 71 -21.10 -21.60 35.59
C GLU A 71 -21.47 -20.16 35.28
N GLU A 72 -20.76 -19.58 34.31
CA GLU A 72 -20.92 -18.19 33.98
C GLU A 72 -21.78 -17.96 32.73
N ALA A 73 -22.35 -19.03 32.20
CA ALA A 73 -23.11 -18.98 30.94
C ALA A 73 -24.19 -17.91 30.96
N GLY A 74 -24.92 -17.84 32.07
CA GLY A 74 -26.00 -16.88 32.20
C GLY A 74 -25.56 -15.44 32.34
N ARG A 75 -24.49 -15.23 33.12
CA ARG A 75 -24.02 -13.89 33.39
C ARG A 75 -23.43 -13.25 32.15
N LEU A 76 -22.66 -14.01 31.40
CA LEU A 76 -22.13 -13.55 30.12
C LEU A 76 -23.24 -13.32 29.09
N ALA A 77 -24.21 -14.23 29.04
CA ALA A 77 -25.33 -14.09 28.13
C ALA A 77 -26.00 -12.73 28.33
N ALA A 78 -26.25 -12.37 29.59
CA ALA A 78 -26.96 -11.14 29.90
C ALA A 78 -26.14 -9.92 29.48
N MET A 79 -24.85 -9.96 29.80
CA MET A 79 -23.90 -8.93 29.39
C MET A 79 -23.89 -8.75 27.88
N ALA A 80 -23.96 -9.86 27.16
CA ALA A 80 -23.83 -9.84 25.72
C ALA A 80 -25.09 -9.24 25.07
N VAL A 81 -26.25 -9.64 25.59
CA VAL A 81 -27.51 -9.10 25.12
C VAL A 81 -27.55 -7.59 25.37
N GLU A 82 -27.14 -7.18 26.57
CA GLU A 82 -27.29 -5.79 26.98
C GLU A 82 -26.33 -4.86 26.23
N GLU A 83 -25.13 -5.35 25.97
CA GLU A 83 -24.11 -4.50 25.38
C GLU A 83 -24.34 -4.36 23.89
N THR A 84 -24.72 -5.46 23.23
CA THR A 84 -24.86 -5.48 21.78
C THR A 84 -26.28 -5.13 21.34
N GLY A 85 -27.26 -5.36 22.21
CA GLY A 85 -28.64 -5.17 21.83
C GLY A 85 -29.17 -6.34 21.01
N PHE A 86 -28.32 -7.35 20.79
CA PHE A 86 -28.70 -8.51 20.00
C PHE A 86 -29.24 -9.65 20.86
N GLY A 87 -30.28 -10.32 20.35
CA GLY A 87 -30.74 -11.56 20.93
C GLY A 87 -31.45 -11.43 22.26
N ASN A 88 -31.49 -12.54 22.97
CA ASN A 88 -32.14 -12.62 24.26
C ASN A 88 -31.36 -13.55 25.17
N VAL A 89 -31.54 -13.38 26.47
CA VAL A 89 -30.66 -14.00 27.45
C VAL A 89 -30.76 -15.51 27.55
N GLU A 90 -31.95 -16.07 27.38
CA GLU A 90 -32.07 -17.51 27.46
C GLU A 90 -31.28 -18.18 26.37
N ASP A 91 -31.45 -17.71 25.15
CA ASP A 91 -30.80 -18.37 24.02
C ASP A 91 -29.30 -18.15 24.06
N LYS A 92 -28.85 -16.96 24.44
CA LYS A 92 -27.41 -16.74 24.53
C LYS A 92 -26.82 -17.65 25.61
N THR A 93 -27.60 -17.93 26.66
CA THR A 93 -27.14 -18.79 27.73
C THR A 93 -26.98 -20.21 27.19
N LEU A 94 -27.97 -20.63 26.41
CA LEU A 94 -27.93 -21.92 25.74
C LEU A 94 -26.75 -21.98 24.81
N LYS A 95 -26.53 -20.89 24.10
CA LYS A 95 -25.39 -20.74 23.20
C LYS A 95 -24.06 -20.92 23.90
N ASN A 96 -23.90 -20.32 25.06
CA ASN A 96 -22.66 -20.46 25.81
C ASN A 96 -22.45 -21.89 26.30
N LEU A 97 -23.55 -22.55 26.64
CA LEU A 97 -23.52 -23.91 27.15
C LEU A 97 -23.18 -24.92 26.08
N PHE A 98 -23.51 -24.59 24.84
CA PHE A 98 -23.14 -25.39 23.68
C PHE A 98 -21.63 -25.45 23.59
N ALA A 99 -20.99 -24.30 23.81
CA ALA A 99 -19.53 -24.24 23.76
C ALA A 99 -18.94 -24.96 24.96
N ALA A 100 -19.56 -24.82 26.12
CA ALA A 100 -19.01 -25.42 27.33
C ALA A 100 -19.17 -26.94 27.39
N ASN A 101 -20.21 -27.46 26.75
CA ASN A 101 -20.54 -28.89 26.85
C ASN A 101 -20.30 -29.70 25.58
N ASP A 102 -21.01 -29.36 24.51
CA ASP A 102 -20.90 -30.10 23.27
C ASP A 102 -19.49 -30.05 22.70
N VAL A 103 -18.90 -28.86 22.70
CA VAL A 103 -17.56 -28.71 22.18
C VAL A 103 -16.54 -29.39 23.08
N TYR A 104 -16.65 -29.17 24.39
CA TYR A 104 -15.76 -29.83 25.34
C TYR A 104 -15.79 -31.33 25.18
N ASN A 105 -16.99 -31.89 25.18
CA ASN A 105 -17.15 -33.32 25.08
C ASN A 105 -16.59 -33.90 23.79
N SER A 106 -16.64 -33.13 22.71
CA SER A 106 -16.16 -33.62 21.42
C SER A 106 -14.64 -33.61 21.28
N ILE A 107 -13.96 -32.95 22.20
CA ILE A 107 -12.51 -32.80 22.13
C ILE A 107 -11.78 -33.36 23.34
N LYS A 108 -12.51 -33.63 24.41
CA LYS A 108 -11.85 -33.95 25.67
C LYS A 108 -11.02 -35.24 25.60
N ASP A 109 -11.42 -36.19 24.76
CA ASP A 109 -10.65 -37.42 24.64
C ASP A 109 -9.69 -37.46 23.44
N VAL A 110 -9.53 -36.33 22.74
CA VAL A 110 -8.58 -36.33 21.64
C VAL A 110 -7.16 -36.20 22.16
N LYS A 111 -6.24 -37.03 21.71
CA LYS A 111 -4.83 -36.85 22.09
C LYS A 111 -4.17 -35.74 21.31
N THR A 112 -3.48 -34.88 22.04
CA THR A 112 -2.81 -33.73 21.46
C THR A 112 -1.38 -33.53 21.99
N VAL A 113 -0.94 -34.43 22.86
CA VAL A 113 0.42 -34.36 23.42
C VAL A 113 1.22 -35.56 22.95
N GLY A 114 2.43 -35.31 22.46
CA GLY A 114 3.34 -36.39 22.14
C GLY A 114 2.90 -37.26 20.98
N ILE A 115 3.19 -38.55 21.08
CA ILE A 115 2.81 -39.49 20.04
C ILE A 115 1.34 -39.80 20.14
N ILE A 116 0.58 -39.46 19.10
CA ILE A 116 -0.86 -39.63 19.17
C ILE A 116 -1.28 -40.86 18.38
N ARG A 117 -0.35 -41.46 17.64
CA ARG A 117 -0.70 -42.61 16.82
C ARG A 117 0.57 -43.33 16.32
N ARG A 118 0.56 -44.67 16.31
CA ARG A 118 1.71 -45.47 15.85
C ARG A 118 1.32 -46.54 14.81
N ASP A 119 1.59 -46.32 13.53
CA ASP A 119 1.14 -47.26 12.50
C ASP A 119 2.27 -48.26 12.25
N GLU A 120 2.19 -49.40 12.92
CA GLU A 120 3.32 -50.33 12.98
C GLU A 120 3.62 -51.09 11.69
N GLU A 121 2.59 -51.40 10.89
CA GLU A 121 2.81 -52.14 9.64
C GLU A 121 3.44 -51.23 8.62
N ASN A 122 2.97 -49.98 8.60
CA ASN A 122 3.43 -48.97 7.67
C ASN A 122 4.66 -48.24 8.20
N ARG A 123 5.00 -48.53 9.45
CA ARG A 123 6.14 -47.90 10.12
C ARG A 123 6.14 -46.37 10.18
N VAL A 124 5.11 -45.81 10.83
CA VAL A 124 4.95 -44.36 10.94
C VAL A 124 4.41 -43.98 12.32
N TRP A 125 5.09 -43.07 13.04
CA TRP A 125 4.56 -42.46 14.27
C TRP A 125 4.08 -41.04 13.96
N GLU A 126 2.92 -40.66 14.50
CA GLU A 126 2.46 -39.27 14.43
C GLU A 126 2.68 -38.51 15.75
N ILE A 127 3.35 -37.36 15.66
CA ILE A 127 3.58 -36.52 16.83
C ILE A 127 2.77 -35.23 16.71
N ALA A 128 2.04 -34.87 17.77
CA ALA A 128 1.31 -33.61 17.81
C ALA A 128 2.17 -32.39 18.08
N GLN A 129 2.06 -31.40 17.20
CA GLN A 129 2.82 -30.15 17.29
C GLN A 129 1.92 -28.89 17.29
N PRO A 130 1.88 -28.14 18.42
CA PRO A 130 1.09 -26.91 18.50
C PRO A 130 1.50 -25.85 17.49
N VAL A 131 0.55 -25.10 16.96
CA VAL A 131 0.88 -24.05 16.00
C VAL A 131 1.56 -22.84 16.66
N GLY A 132 1.34 -22.69 17.96
CA GLY A 132 1.99 -21.65 18.76
C GLY A 132 1.03 -20.62 19.34
N ILE A 133 0.94 -19.47 18.69
CA ILE A 133 0.04 -18.40 19.15
C ILE A 133 -1.03 -18.13 18.11
N VAL A 134 -2.28 -18.26 18.55
CA VAL A 134 -3.43 -18.00 17.70
C VAL A 134 -3.99 -16.60 17.93
N ALA A 135 -4.32 -15.91 16.83
CA ALA A 135 -5.05 -14.65 16.89
C ALA A 135 -6.53 -14.90 16.64
N GLY A 136 -7.34 -14.65 17.66
CA GLY A 136 -8.77 -14.96 17.59
C GLY A 136 -9.69 -13.78 17.43
N ILE A 137 -10.25 -13.65 16.22
CA ILE A 137 -11.20 -12.59 15.93
C ILE A 137 -12.62 -13.00 16.29
N ILE A 138 -13.29 -12.14 17.06
CA ILE A 138 -14.57 -12.47 17.66
C ILE A 138 -15.65 -11.63 17.01
N PRO A 139 -16.76 -12.26 16.58
CA PRO A 139 -17.87 -11.60 15.90
C PRO A 139 -18.78 -10.85 16.86
N SER A 140 -19.56 -9.92 16.33
CA SER A 140 -20.47 -9.14 17.15
C SER A 140 -21.76 -9.88 17.54
N THR A 141 -22.09 -10.92 16.77
CA THR A 141 -23.27 -11.76 17.00
C THR A 141 -23.16 -12.85 18.10
N ASN A 142 -21.97 -13.45 18.23
CA ASN A 142 -21.70 -14.53 19.19
C ASN A 142 -20.49 -14.27 20.07
N PRO A 143 -20.47 -13.13 20.75
CA PRO A 143 -19.25 -12.67 21.41
C PRO A 143 -18.74 -13.64 22.47
N THR A 144 -19.56 -14.04 23.43
CA THR A 144 -19.06 -14.77 24.58
C THR A 144 -18.91 -16.25 24.29
N SER A 145 -19.83 -16.79 23.50
CA SER A 145 -19.82 -18.20 23.13
C SER A 145 -18.63 -18.58 22.25
N THR A 146 -18.23 -17.66 21.39
CA THR A 146 -17.12 -17.87 20.46
C THR A 146 -15.77 -17.86 21.17
N VAL A 147 -15.67 -17.02 22.20
CA VAL A 147 -14.49 -16.96 23.03
C VAL A 147 -14.27 -18.28 23.76
N ILE A 148 -15.34 -18.78 24.34
CA ILE A 148 -15.29 -20.02 25.08
C ILE A 148 -14.87 -21.14 24.15
N PHE A 149 -15.53 -21.22 23.01
CA PHE A 149 -15.25 -22.25 22.01
C PHE A 149 -13.77 -22.22 21.59
N LYS A 150 -13.29 -21.06 21.19
CA LYS A 150 -11.91 -20.93 20.71
C LYS A 150 -10.90 -21.15 21.82
N ALA A 151 -11.21 -20.70 23.03
CA ALA A 151 -10.27 -20.88 24.11
C ALA A 151 -10.08 -22.35 24.41
N LEU A 152 -11.16 -23.12 24.44
CA LEU A 152 -11.05 -24.55 24.67
C LEU A 152 -10.23 -25.32 23.63
N ILE A 153 -10.52 -25.13 22.34
CA ILE A 153 -9.82 -25.89 21.30
C ILE A 153 -8.38 -25.43 21.15
N ALA A 154 -8.11 -24.16 21.41
CA ALA A 154 -6.76 -23.62 21.31
C ALA A 154 -5.84 -24.19 22.42
N VAL A 155 -6.35 -24.22 23.64
CA VAL A 155 -5.57 -24.64 24.81
C VAL A 155 -5.40 -26.15 24.80
N LYS A 156 -6.44 -26.86 24.39
CA LYS A 156 -6.40 -28.32 24.29
C LYS A 156 -5.28 -28.77 23.33
N ALA A 157 -5.03 -27.98 22.29
CA ALA A 157 -3.95 -28.27 21.34
C ALA A 157 -2.63 -27.65 21.78
N ARG A 158 -2.66 -27.02 22.95
CA ARG A 158 -1.47 -26.52 23.66
C ARG A 158 -0.97 -25.19 23.08
N ASN A 159 -1.89 -24.36 22.61
CA ASN A 159 -1.56 -23.03 22.10
C ASN A 159 -1.90 -21.93 23.10
N ALA A 160 -1.31 -20.76 22.91
CA ALA A 160 -1.85 -19.53 23.50
C ALA A 160 -2.81 -18.86 22.52
N ILE A 161 -3.68 -17.99 23.01
CA ILE A 161 -4.59 -17.28 22.14
C ILE A 161 -4.85 -15.85 22.62
N VAL A 162 -4.82 -14.91 21.69
CA VAL A 162 -5.14 -13.50 21.96
C VAL A 162 -6.40 -13.09 21.20
N PHE A 163 -7.43 -12.66 21.92
CA PHE A 163 -8.71 -12.29 21.29
C PHE A 163 -8.87 -10.82 20.88
N SER A 164 -9.60 -10.61 19.79
CA SER A 164 -9.96 -9.26 19.31
C SER A 164 -11.47 -9.15 19.12
N PRO A 165 -12.15 -8.43 20.03
CA PRO A 165 -13.59 -8.21 19.89
C PRO A 165 -14.02 -7.20 18.83
N HIS A 166 -15.20 -7.43 18.28
CA HIS A 166 -15.94 -6.35 17.64
C HIS A 166 -16.12 -5.26 18.70
N PRO A 167 -15.96 -3.99 18.30
CA PRO A 167 -16.04 -2.90 19.29
C PRO A 167 -17.36 -2.80 20.05
N SER A 168 -18.46 -3.18 19.42
CA SER A 168 -19.77 -3.06 20.06
C SER A 168 -20.00 -4.18 21.07
N ALA A 169 -19.04 -5.08 21.21
CA ALA A 169 -19.16 -6.18 22.14
C ALA A 169 -17.88 -6.33 22.93
N ALA A 170 -17.13 -5.24 23.04
CA ALA A 170 -15.82 -5.29 23.68
C ALA A 170 -15.83 -5.74 25.14
N LYS A 171 -16.78 -5.24 25.93
CA LYS A 171 -16.79 -5.56 27.36
C LYS A 171 -17.20 -6.99 27.70
N CYS A 172 -18.25 -7.50 27.09
CA CYS A 172 -18.69 -8.85 27.38
C CYS A 172 -17.69 -9.88 26.83
N THR A 173 -17.08 -9.56 25.68
CA THR A 173 -16.04 -10.42 25.07
C THR A 173 -14.81 -10.56 25.95
N ALA A 174 -14.32 -9.41 26.42
CA ALA A 174 -13.18 -9.37 27.32
C ALA A 174 -13.46 -10.11 28.62
N GLU A 175 -14.70 -10.01 29.10
CA GLU A 175 -15.09 -10.64 30.35
C GLU A 175 -15.05 -12.15 30.18
N ALA A 176 -15.48 -12.61 29.00
CA ALA A 176 -15.44 -14.02 28.70
C ALA A 176 -14.02 -14.56 28.68
N ALA A 177 -13.12 -13.80 28.06
CA ALA A 177 -11.72 -14.15 28.06
C ALA A 177 -11.11 -14.18 29.45
N ARG A 178 -11.47 -13.20 30.26
CA ARG A 178 -10.99 -13.10 31.63
C ARG A 178 -11.35 -14.33 32.47
N ILE A 179 -12.60 -14.77 32.39
CA ILE A 179 -13.05 -15.95 33.12
C ILE A 179 -12.32 -17.22 32.68
N MET A 180 -12.06 -17.36 31.38
CA MET A 180 -11.31 -18.50 30.85
C MET A 180 -9.90 -18.62 31.39
N GLN A 181 -9.18 -17.50 31.45
CA GLN A 181 -7.79 -17.53 31.91
C GLN A 181 -7.70 -17.88 33.38
N GLU A 182 -8.60 -17.31 34.17
CA GLU A 182 -8.65 -17.57 35.60
C GLU A 182 -9.05 -19.01 35.89
N ALA A 183 -10.02 -19.52 35.13
CA ALA A 183 -10.39 -20.93 35.23
C ALA A 183 -9.20 -21.81 34.91
N ALA A 184 -8.43 -21.40 33.92
CA ALA A 184 -7.29 -22.17 33.46
C ALA A 184 -6.15 -22.13 34.49
N GLU A 185 -5.91 -20.94 35.04
CA GLU A 185 -4.87 -20.73 36.05
C GLU A 185 -5.01 -21.57 37.33
N ARG A 186 -6.22 -21.66 37.88
CA ARG A 186 -6.47 -22.48 39.06
C ARG A 186 -6.02 -23.93 38.87
N ALA A 187 -6.16 -24.42 37.64
CA ALA A 187 -5.79 -25.81 37.31
C ALA A 187 -4.39 -25.96 36.72
N GLY A 188 -3.57 -24.91 36.86
CA GLY A 188 -2.16 -24.97 36.52
C GLY A 188 -1.62 -24.17 35.34
N ALA A 189 -2.50 -23.55 34.58
CA ALA A 189 -2.03 -22.81 33.41
C ALA A 189 -1.17 -21.59 33.82
N PRO A 190 -0.24 -21.17 32.94
CA PRO A 190 0.56 -19.94 33.12
C PRO A 190 -0.26 -18.67 32.84
N LYS A 191 0.12 -17.56 33.47
CA LYS A 191 -0.46 -16.26 33.20
C LYS A 191 -0.23 -15.91 31.74
N GLY A 192 -1.16 -15.21 31.10
CA GLY A 192 -0.93 -14.63 29.78
C GLY A 192 -1.29 -15.57 28.64
N LEU A 193 -1.79 -16.74 29.01
CA LEU A 193 -2.13 -17.77 28.02
C LEU A 193 -3.31 -17.29 27.19
N ILE A 194 -4.29 -16.71 27.89
CA ILE A 194 -5.52 -16.24 27.29
C ILE A 194 -5.70 -14.77 27.62
N SER A 195 -5.85 -13.95 26.58
CA SER A 195 -5.95 -12.51 26.76
C SER A 195 -6.95 -11.95 25.77
N CYS A 196 -7.37 -10.71 25.98
CA CYS A 196 -8.30 -10.08 25.05
C CYS A 196 -8.08 -8.57 24.99
N ILE A 197 -7.97 -8.08 23.76
CA ILE A 197 -7.90 -6.65 23.49
C ILE A 197 -9.12 -5.99 24.14
N THR A 198 -8.93 -4.95 24.92
CA THR A 198 -10.06 -4.31 25.59
C THR A 198 -10.57 -3.11 24.80
N GLN A 199 -9.68 -2.51 24.00
CA GLN A 199 -10.00 -1.34 23.19
C GLN A 199 -9.77 -1.70 21.73
N PRO A 200 -10.73 -2.39 21.11
CA PRO A 200 -10.56 -2.88 19.74
C PRO A 200 -10.40 -1.76 18.72
N THR A 201 -9.43 -1.90 17.83
CA THR A 201 -9.23 -0.93 16.76
C THR A 201 -8.64 -1.62 15.54
N MET A 202 -8.75 -0.94 14.39
CA MET A 202 -8.18 -1.42 13.15
C MET A 202 -6.69 -1.59 13.32
N ALA A 203 -6.07 -0.56 13.90
CA ALA A 203 -4.65 -0.61 14.17
C ALA A 203 -4.28 -1.83 14.99
N ALA A 204 -5.09 -2.13 16.00
CA ALA A 204 -4.78 -3.25 16.88
C ALA A 204 -4.99 -4.58 16.17
N THR A 205 -6.09 -4.68 15.46
CA THR A 205 -6.38 -5.87 14.67
C THR A 205 -5.27 -6.11 13.65
N ASN A 206 -4.87 -5.02 13.00
CA ASN A 206 -3.81 -5.02 12.00
C ASN A 206 -2.48 -5.46 12.60
N GLU A 207 -2.18 -4.91 13.76
CA GLU A 207 -0.96 -5.23 14.47
C GLU A 207 -0.96 -6.71 14.78
N LEU A 208 -2.11 -7.19 15.29
CA LEU A 208 -2.28 -8.58 15.72
C LEU A 208 -2.14 -9.62 14.61
N MET A 209 -2.67 -9.33 13.43
CA MET A 209 -2.65 -10.30 12.33
C MET A 209 -1.27 -10.48 11.71
N LYS A 210 -0.46 -9.43 11.75
CA LYS A 210 0.79 -9.41 11.00
C LYS A 210 2.01 -9.49 11.91
N HIS A 211 1.78 -9.43 13.22
CA HIS A 211 2.86 -9.36 14.19
C HIS A 211 3.78 -10.58 14.06
N LYS A 212 5.07 -10.36 14.30
CA LYS A 212 6.08 -11.42 14.21
C LYS A 212 5.77 -12.66 15.05
N LEU A 213 5.19 -12.45 16.22
CA LEU A 213 4.87 -13.54 17.13
C LEU A 213 3.57 -14.29 16.83
N THR A 214 2.74 -13.76 15.93
CA THR A 214 1.49 -14.43 15.57
C THR A 214 1.74 -15.60 14.65
N ASP A 215 1.17 -16.75 14.98
CA ASP A 215 1.44 -17.98 14.24
C ASP A 215 0.28 -18.37 13.31
N VAL A 216 -0.94 -18.27 13.81
CA VAL A 216 -2.16 -18.55 13.01
C VAL A 216 -3.28 -17.57 13.34
N ILE A 217 -4.01 -17.13 12.32
CA ILE A 217 -5.22 -16.31 12.50
C ILE A 217 -6.51 -17.12 12.34
N LEU A 218 -7.33 -17.14 13.39
CA LEU A 218 -8.73 -17.55 13.30
C LEU A 218 -9.64 -16.34 13.13
N ALA A 219 -10.22 -16.17 11.95
CA ALA A 219 -10.98 -14.98 11.64
C ALA A 219 -12.45 -15.27 11.52
N THR A 220 -13.18 -15.08 12.62
CA THR A 220 -14.63 -15.22 12.60
C THR A 220 -15.18 -13.80 12.60
N GLY A 221 -15.67 -13.36 11.45
CA GLY A 221 -16.12 -12.01 11.26
C GLY A 221 -16.66 -11.76 9.87
N GLY A 222 -16.88 -10.50 9.55
CA GLY A 222 -17.40 -10.12 8.25
C GLY A 222 -16.41 -10.35 7.13
N PRO A 223 -16.87 -10.27 5.87
CA PRO A 223 -16.05 -10.55 4.70
C PRO A 223 -14.83 -9.67 4.55
N GLY A 224 -14.88 -8.45 5.08
CA GLY A 224 -13.76 -7.55 5.00
C GLY A 224 -12.56 -8.04 5.77
N LEU A 225 -12.83 -8.52 6.97
CA LEU A 225 -11.77 -8.94 7.85
C LEU A 225 -11.16 -10.28 7.47
N VAL A 226 -11.99 -11.17 6.92
CA VAL A 226 -11.49 -12.46 6.49
C VAL A 226 -10.54 -12.27 5.31
N LYS A 227 -10.91 -11.38 4.40
CA LYS A 227 -10.06 -11.07 3.27
C LYS A 227 -8.73 -10.51 3.76
N ALA A 228 -8.81 -9.67 4.79
CA ALA A 228 -7.62 -9.08 5.40
C ALA A 228 -6.70 -10.12 6.03
N ALA A 229 -7.30 -11.10 6.70
CA ALA A 229 -6.55 -12.17 7.35
C ALA A 229 -5.80 -13.04 6.34
N TYR A 230 -6.44 -13.29 5.20
CA TYR A 230 -5.78 -14.04 4.13
C TYR A 230 -4.87 -13.14 3.30
N SER A 231 -4.71 -11.90 3.75
CA SER A 231 -3.85 -10.92 3.12
C SER A 231 -2.73 -10.56 4.08
N SER A 232 -2.73 -11.24 5.22
CA SER A 232 -1.88 -10.84 6.33
C SER A 232 -0.46 -11.36 6.17
N GLY A 233 -0.26 -12.31 5.28
CA GLY A 233 1.03 -12.97 5.20
C GLY A 233 1.16 -14.14 6.16
N LYS A 234 0.09 -14.43 6.90
CA LYS A 234 0.12 -15.52 7.87
C LYS A 234 -0.88 -16.59 7.46
N PRO A 235 -0.65 -17.83 7.91
CA PRO A 235 -1.68 -18.87 7.77
C PRO A 235 -2.94 -18.46 8.48
N ALA A 236 -4.08 -18.60 7.81
CA ALA A 236 -5.35 -18.21 8.42
C ALA A 236 -6.46 -19.21 8.15
N TYR A 237 -7.34 -19.38 9.14
CA TYR A 237 -8.62 -20.05 8.99
C TYR A 237 -9.75 -19.03 9.06
N GLY A 238 -10.40 -18.77 7.93
CA GLY A 238 -11.47 -17.80 7.85
C GLY A 238 -12.86 -18.42 7.82
N VAL A 239 -13.88 -17.57 7.92
CA VAL A 239 -15.26 -17.99 7.65
C VAL A 239 -15.78 -17.22 6.45
N GLY A 240 -16.99 -17.56 6.01
CA GLY A 240 -17.71 -16.78 5.04
C GLY A 240 -19.12 -16.46 5.53
N PRO A 241 -19.79 -15.51 4.87
CA PRO A 241 -21.15 -15.26 5.30
C PRO A 241 -22.07 -16.34 4.80
N GLY A 242 -23.20 -16.51 5.49
CA GLY A 242 -24.24 -17.42 5.09
C GLY A 242 -25.39 -16.70 4.41
N ASN A 243 -26.16 -17.42 3.62
CA ASN A 243 -27.42 -16.88 3.17
C ASN A 243 -28.28 -18.10 2.82
N VAL A 244 -28.65 -18.84 3.86
CA VAL A 244 -29.10 -20.24 3.73
C VAL A 244 -30.51 -20.43 3.18
N PRO A 245 -30.65 -21.09 2.00
CA PRO A 245 -31.98 -21.44 1.48
C PRO A 245 -32.37 -22.84 1.93
N VAL A 246 -33.63 -23.08 2.29
CA VAL A 246 -34.07 -24.40 2.70
C VAL A 246 -35.30 -24.77 1.88
N TYR A 247 -35.22 -25.93 1.26
CA TYR A 247 -36.26 -26.44 0.38
C TYR A 247 -37.21 -27.36 1.12
N ILE A 248 -38.50 -27.03 1.09
CA ILE A 248 -39.52 -27.93 1.58
C ILE A 248 -40.21 -28.58 0.40
N HIS A 249 -39.88 -29.85 0.22
CA HIS A 249 -40.39 -30.68 -0.87
C HIS A 249 -41.74 -31.24 -0.47
N GLU A 250 -42.61 -31.53 -1.44
CA GLU A 250 -43.96 -31.99 -1.13
C GLU A 250 -43.94 -33.24 -0.24
N SER A 251 -42.83 -33.97 -0.25
CA SER A 251 -42.71 -35.18 0.56
C SER A 251 -42.39 -34.88 2.02
N ALA A 252 -42.21 -33.60 2.33
CA ALA A 252 -41.80 -33.20 3.66
C ALA A 252 -42.91 -33.41 4.69
N ASN A 253 -42.53 -33.85 5.88
CA ASN A 253 -43.38 -33.67 7.06
C ASN A 253 -43.58 -32.21 7.41
N ILE A 254 -44.69 -31.62 6.98
CA ILE A 254 -44.85 -30.16 7.03
C ILE A 254 -44.92 -29.60 8.45
N ALA A 255 -45.65 -30.26 9.34
CA ALA A 255 -45.77 -29.80 10.72
C ALA A 255 -44.44 -29.82 11.45
N LYS A 256 -43.72 -30.92 11.27
CA LYS A 256 -42.44 -31.12 11.94
C LYS A 256 -41.38 -30.19 11.39
N ALA A 257 -41.41 -29.98 10.08
CA ALA A 257 -40.44 -29.13 9.41
C ALA A 257 -40.56 -27.67 9.86
N VAL A 258 -41.80 -27.18 9.86
CA VAL A 258 -42.06 -25.81 10.29
C VAL A 258 -41.64 -25.59 11.74
N GLN A 259 -41.94 -26.56 12.59
CA GLN A 259 -41.55 -26.48 13.99
C GLN A 259 -40.02 -26.39 14.12
N LEU A 260 -39.30 -27.23 13.38
CA LEU A 260 -37.84 -27.22 13.40
C LEU A 260 -37.24 -25.90 12.87
N ILE A 261 -37.86 -25.38 11.80
CA ILE A 261 -37.40 -24.16 11.12
C ILE A 261 -37.56 -22.93 12.00
N ILE A 262 -38.69 -22.84 12.69
CA ILE A 262 -38.98 -21.68 13.53
C ILE A 262 -38.04 -21.71 14.74
N GLN A 263 -37.80 -22.88 15.30
CA GLN A 263 -36.88 -23.02 16.42
C GLN A 263 -35.49 -22.53 16.03
N SER A 264 -35.04 -22.91 14.84
CA SER A 264 -33.72 -22.54 14.36
C SER A 264 -33.63 -21.07 13.99
N LYS A 265 -34.65 -20.61 13.27
CA LYS A 265 -34.68 -19.26 12.75
C LYS A 265 -34.76 -18.22 13.86
N THR A 266 -35.57 -18.50 14.87
CA THR A 266 -35.78 -17.53 15.93
C THR A 266 -34.79 -17.67 17.08
N PHE A 267 -33.89 -18.64 17.00
CA PHE A 267 -32.93 -18.84 18.07
C PHE A 267 -32.00 -17.65 18.20
N ASP A 268 -31.95 -17.09 19.40
CA ASP A 268 -31.25 -15.84 19.67
C ASP A 268 -31.68 -14.77 18.67
N TYR A 269 -32.95 -14.82 18.29
CA TYR A 269 -33.50 -13.97 17.23
C TYR A 269 -32.67 -13.99 15.93
N GLY A 270 -32.14 -15.16 15.56
CA GLY A 270 -31.62 -15.37 14.22
C GLY A 270 -30.21 -14.86 13.98
N THR A 271 -29.44 -14.74 15.05
CA THR A 271 -28.08 -14.17 15.01
C THR A 271 -26.97 -15.08 14.52
N ILE A 272 -27.20 -16.38 14.35
CA ILE A 272 -26.09 -17.26 14.02
C ILE A 272 -26.10 -17.17 12.50
N ALA A 274 -25.48 -19.23 9.94
CA ALA A 274 -26.18 -20.26 9.17
C ALA A 274 -27.62 -20.44 9.58
N SER A 275 -28.41 -19.38 9.46
CA SER A 275 -29.78 -19.38 9.95
C SER A 275 -30.61 -19.36 8.67
N GLU A 276 -31.84 -19.88 8.72
CA GLU A 276 -32.63 -19.92 7.50
C GLU A 276 -32.82 -18.48 7.08
N GLN A 277 -32.80 -18.22 5.79
CA GLN A 277 -33.04 -16.86 5.29
C GLN A 277 -34.17 -16.81 4.28
N ALA A 278 -34.42 -17.93 3.63
CA ALA A 278 -35.45 -18.04 2.60
C ALA A 278 -36.00 -19.45 2.56
N LEU A 279 -37.31 -19.59 2.46
CA LEU A 279 -37.90 -20.90 2.26
C LEU A 279 -38.28 -21.08 0.81
N LEU A 280 -38.01 -22.27 0.29
CA LEU A 280 -38.42 -22.64 -1.06
C LEU A 280 -39.43 -23.76 -0.91
N VAL A 281 -40.64 -23.53 -1.39
CA VAL A 281 -41.76 -24.42 -1.10
C VAL A 281 -42.46 -24.90 -2.36
N ASP A 282 -42.68 -26.21 -2.43
CA ASP A 282 -43.37 -26.83 -3.55
C ASP A 282 -44.79 -26.29 -3.62
N GLU A 283 -45.20 -25.89 -4.82
CA GLU A 283 -46.52 -25.29 -5.00
C GLU A 283 -47.58 -26.24 -4.45
N SER A 284 -47.38 -27.53 -4.70
CA SER A 284 -48.34 -28.57 -4.31
C SER A 284 -48.63 -28.60 -2.81
N ILE A 285 -47.75 -28.01 -2.01
CA ILE A 285 -47.94 -28.00 -0.56
C ILE A 285 -47.89 -26.58 0.02
N LYS A 286 -47.95 -25.61 -0.88
CA LYS A 286 -47.94 -24.20 -0.51
C LYS A 286 -49.02 -23.97 0.55
N GLU A 287 -50.24 -24.34 0.21
N GLU A 287 -50.27 -24.21 0.18
CA GLU A 287 -51.41 -24.15 1.07
CA GLU A 287 -51.40 -24.09 1.11
C GLU A 287 -51.16 -24.61 2.50
C GLU A 287 -51.12 -24.58 2.53
N LYS A 288 -50.76 -25.86 2.68
CA LYS A 288 -50.50 -26.40 4.02
C LYS A 288 -49.37 -25.71 4.75
N VAL A 289 -48.33 -25.35 4.02
CA VAL A 289 -47.13 -24.80 4.65
C VAL A 289 -47.41 -23.42 5.21
N VAL A 290 -48.04 -22.56 4.42
CA VAL A 290 -48.41 -21.22 4.86
C VAL A 290 -49.25 -21.27 6.14
N ALA A 291 -50.21 -22.17 6.17
CA ALA A 291 -51.15 -22.28 7.29
C ALA A 291 -50.41 -22.80 8.52
N GLU A 292 -49.53 -23.76 8.29
CA GLU A 292 -48.72 -24.35 9.36
C GLU A 292 -47.73 -23.36 9.96
N LEU A 293 -47.16 -22.50 9.12
CA LEU A 293 -46.26 -21.45 9.59
C LEU A 293 -47.03 -20.48 10.45
N LYS A 294 -48.18 -20.08 9.95
CA LYS A 294 -49.09 -19.20 10.66
C LYS A 294 -49.45 -19.80 12.01
N GLN A 295 -49.74 -21.09 12.01
CA GLN A 295 -50.16 -21.80 13.22
C GLN A 295 -49.12 -21.79 14.32
N GLN A 296 -47.87 -21.71 13.94
CA GLN A 296 -46.78 -21.78 14.90
C GLN A 296 -46.16 -20.41 15.20
N GLY A 297 -46.80 -19.34 14.73
CA GLY A 297 -46.42 -17.99 15.16
C GLY A 297 -45.88 -17.05 14.10
N ALA A 298 -45.92 -17.44 12.83
CA ALA A 298 -45.47 -16.58 11.75
C ALA A 298 -46.52 -15.55 11.34
N TYR A 299 -46.05 -14.34 11.06
CA TYR A 299 -46.86 -13.26 10.51
C TYR A 299 -46.47 -12.96 9.06
N PHE A 300 -47.35 -13.29 8.13
CA PHE A 300 -47.12 -13.00 6.72
C PHE A 300 -47.42 -11.57 6.33
N LEU A 301 -46.40 -10.85 5.88
CA LEU A 301 -46.54 -9.46 5.48
C LEU A 301 -47.32 -9.32 4.17
N ASN A 302 -48.18 -8.31 4.10
CA ASN A 302 -48.87 -7.97 2.86
C ASN A 302 -48.00 -7.00 2.09
N GLU A 303 -48.46 -6.58 0.91
CA GLU A 303 -47.64 -5.78 0.02
C GLU A 303 -47.26 -4.49 0.72
N GLU A 304 -48.23 -3.91 1.44
CA GLU A 304 -47.97 -2.69 2.18
C GLU A 304 -46.97 -2.88 3.31
N GLU A 305 -47.13 -3.96 4.06
CA GLU A 305 -46.20 -4.29 5.13
C GLU A 305 -44.82 -4.63 4.59
N LYS A 306 -44.80 -5.40 3.50
CA LYS A 306 -43.54 -5.79 2.87
C LYS A 306 -42.69 -4.56 2.57
N GLN A 307 -43.29 -3.56 1.96
CA GLN A 307 -42.52 -2.41 1.52
C GLN A 307 -41.98 -1.58 2.68
N LYS A 308 -42.74 -1.46 3.76
CA LYS A 308 -42.28 -0.76 4.95
C LYS A 308 -41.11 -1.46 5.64
N VAL A 309 -41.22 -2.78 5.82
CA VAL A 309 -40.17 -3.54 6.47
C VAL A 309 -38.91 -3.53 5.61
N ALA A 310 -39.08 -3.68 4.29
CA ALA A 310 -37.96 -3.78 3.36
C ALA A 310 -37.09 -2.54 3.41
N SER A 311 -37.72 -1.44 3.81
CA SER A 311 -37.06 -0.14 3.85
C SER A 311 -36.05 -0.02 4.98
N ILE A 312 -36.23 -0.82 6.01
CA ILE A 312 -35.35 -0.80 7.19
C ILE A 312 -34.46 -2.03 7.32
N ILE A 313 -34.53 -2.92 6.35
CA ILE A 313 -33.70 -4.10 6.36
C ILE A 313 -32.26 -3.75 6.03
N MET A 314 -32.06 -2.85 5.08
CA MET A 314 -30.74 -2.30 4.84
C MET A 314 -30.73 -0.79 4.77
N VAL A 315 -29.63 -0.23 5.28
CA VAL A 315 -29.35 1.20 5.19
C VAL A 315 -28.02 1.40 4.48
N ASN A 316 -27.96 2.43 3.65
CA ASN A 316 -27.03 2.46 2.53
C ASN A 316 -27.34 1.21 1.71
N GLY A 317 -26.32 0.47 1.28
CA GLY A 317 -26.56 -0.78 0.57
C GLY A 317 -26.01 -1.98 1.33
N SER A 318 -26.15 -1.94 2.65
CA SER A 318 -25.69 -3.03 3.53
C SER A 318 -26.74 -3.26 4.61
N LEU A 319 -26.73 -4.44 5.21
CA LEU A 319 -27.65 -4.80 6.28
C LEU A 319 -27.67 -3.76 7.41
N ASN A 320 -28.90 -3.41 7.82
CA ASN A 320 -29.16 -2.47 8.89
C ASN A 320 -28.92 -3.04 10.29
N ALA A 321 -27.92 -2.50 10.97
CA ALA A 321 -27.53 -3.00 12.29
C ALA A 321 -28.62 -2.91 13.34
N LYS A 322 -29.59 -2.02 13.16
CA LYS A 322 -30.62 -1.83 14.17
C LYS A 322 -31.66 -2.95 14.26
N ILE A 323 -31.74 -3.79 13.23
CA ILE A 323 -32.61 -4.96 13.28
C ILE A 323 -31.94 -6.28 13.62
N VAL A 324 -30.61 -6.32 13.61
CA VAL A 324 -29.91 -7.56 13.93
C VAL A 324 -30.26 -8.11 15.32
N GLY A 325 -30.73 -9.35 15.36
CA GLY A 325 -30.96 -10.03 16.62
C GLY A 325 -32.13 -9.42 17.37
N LYS A 326 -32.99 -8.70 16.67
CA LYS A 326 -34.11 -8.03 17.32
C LYS A 326 -35.39 -8.85 17.23
N ALA A 327 -36.20 -8.83 18.28
CA ALA A 327 -37.48 -9.50 18.25
C ALA A 327 -38.35 -8.91 17.14
N PRO A 328 -39.26 -9.72 16.57
CA PRO A 328 -40.18 -9.24 15.51
C PRO A 328 -40.95 -7.95 15.83
N GLN A 329 -41.43 -7.83 17.05
CA GLN A 329 -42.21 -6.67 17.46
C GLN A 329 -41.37 -5.40 17.40
N VAL A 330 -40.11 -5.54 17.77
CA VAL A 330 -39.18 -4.43 17.69
C VAL A 330 -38.99 -4.05 16.24
N ILE A 331 -38.80 -5.05 15.37
CA ILE A 331 -38.65 -4.78 13.96
C ILE A 331 -39.91 -4.13 13.38
N ALA A 332 -41.07 -4.65 13.76
CA ALA A 332 -42.35 -4.11 13.30
C ALA A 332 -42.52 -2.64 13.66
N GLU A 333 -42.27 -2.34 14.92
CA GLU A 333 -42.36 -0.97 15.44
C GLU A 333 -41.42 -0.05 14.68
N MET A 334 -40.21 -0.52 14.39
CA MET A 334 -39.19 0.28 13.72
C MET A 334 -39.66 0.59 12.32
N ALA A 335 -40.35 -0.35 11.71
CA ALA A 335 -40.84 -0.17 10.35
C ALA A 335 -42.17 0.58 10.38
N GLY A 336 -42.65 0.84 11.59
CA GLY A 336 -43.90 1.54 11.80
C GLY A 336 -45.15 0.79 11.39
N ILE A 337 -45.17 -0.51 11.67
CA ILE A 337 -46.36 -1.34 11.48
C ILE A 337 -46.65 -1.96 12.83
N GLU A 338 -47.84 -2.51 13.02
CA GLU A 338 -48.13 -3.19 14.26
C GLU A 338 -48.58 -4.60 14.02
N ILE A 339 -48.17 -5.47 14.93
CA ILE A 339 -48.37 -6.89 14.81
C ILE A 339 -48.73 -7.41 16.19
N PRO A 340 -49.42 -8.56 16.25
CA PRO A 340 -49.73 -9.12 17.57
C PRO A 340 -48.46 -9.43 18.36
N SER A 341 -48.59 -9.37 19.68
CA SER A 341 -47.45 -9.53 20.57
C SER A 341 -46.96 -10.97 20.59
N ASP A 342 -47.78 -11.90 20.11
CA ASP A 342 -47.40 -13.31 20.10
C ASP A 342 -46.71 -13.71 18.79
N VAL A 343 -46.57 -12.78 17.85
CA VAL A 343 -45.93 -13.10 16.57
C VAL A 343 -44.51 -13.53 16.87
N LYS A 344 -44.11 -14.65 16.25
CA LYS A 344 -42.79 -15.22 16.48
C LYS A 344 -41.78 -14.92 15.35
N LEU A 345 -42.27 -14.66 14.15
CA LEU A 345 -41.40 -14.31 13.03
C LEU A 345 -42.20 -13.62 11.93
N LEU A 346 -41.55 -12.73 11.19
CA LEU A 346 -42.13 -12.11 10.00
C LEU A 346 -41.79 -12.87 8.72
N VAL A 347 -42.79 -13.06 7.86
CA VAL A 347 -42.59 -13.73 6.58
C VAL A 347 -43.06 -12.87 5.42
N ALA A 348 -42.34 -12.96 4.31
CA ALA A 348 -42.63 -12.17 3.14
C ALA A 348 -42.44 -12.96 1.86
N GLU A 349 -43.54 -13.12 1.13
CA GLU A 349 -43.53 -13.83 -0.14
C GLU A 349 -42.72 -13.05 -1.18
N GLU A 350 -41.86 -13.74 -1.94
CA GLU A 350 -40.90 -13.09 -2.85
C GLU A 350 -40.71 -13.90 -4.10
N THR A 351 -40.28 -13.20 -5.15
CA THR A 351 -39.98 -13.80 -6.43
C THR A 351 -38.60 -13.43 -6.94
N GLU A 352 -38.09 -12.29 -6.46
CA GLU A 352 -36.82 -11.81 -6.93
C GLU A 352 -35.66 -12.13 -6.00
N VAL A 353 -34.49 -12.18 -6.61
CA VAL A 353 -33.23 -12.46 -5.94
C VAL A 353 -32.25 -11.40 -6.37
N GLY A 354 -31.57 -10.79 -5.42
CA GLY A 354 -30.59 -9.78 -5.75
C GLY A 354 -30.27 -8.88 -4.57
N LYS A 355 -29.11 -8.24 -4.69
CA LYS A 355 -28.55 -7.40 -3.65
C LYS A 355 -29.50 -6.25 -3.28
N GLU A 356 -30.37 -5.90 -4.22
CA GLU A 356 -31.28 -4.76 -4.09
C GLU A 356 -32.68 -5.16 -3.63
N TYR A 357 -32.86 -6.45 -3.41
CA TYR A 357 -34.09 -7.02 -2.86
C TYR A 357 -33.81 -7.53 -1.45
N PRO A 358 -33.95 -6.64 -0.44
CA PRO A 358 -33.48 -6.87 0.92
C PRO A 358 -33.97 -8.17 1.54
N PHE A 359 -35.05 -8.73 1.02
CA PHE A 359 -35.56 -9.97 1.58
C PHE A 359 -34.79 -11.18 1.06
N SER A 360 -34.02 -11.02 -0.01
CA SER A 360 -33.27 -12.14 -0.58
C SER A 360 -31.87 -12.31 0.02
N ILE A 361 -31.42 -11.29 0.74
CA ILE A 361 -30.10 -11.32 1.37
C ILE A 361 -30.12 -11.92 2.76
N GLU A 362 -28.94 -12.02 3.37
CA GLU A 362 -28.81 -12.54 4.72
C GLU A 362 -29.30 -11.48 5.69
N LYS A 363 -30.28 -11.84 6.52
CA LYS A 363 -30.99 -10.84 7.32
C LYS A 363 -30.66 -10.88 8.82
N LEU A 364 -30.06 -11.97 9.27
CA LEU A 364 -29.62 -12.10 10.67
C LEU A 364 -30.67 -11.63 11.66
N SER A 365 -31.91 -12.04 11.42
CA SER A 365 -33.03 -11.61 12.26
C SER A 365 -34.26 -12.45 11.92
N PRO A 366 -35.34 -12.36 12.72
CA PRO A 366 -36.50 -13.23 12.50
C PRO A 366 -37.38 -12.74 11.36
N ILE A 367 -36.77 -12.61 10.18
CA ILE A 367 -37.46 -12.31 8.94
C ILE A 367 -37.12 -13.38 7.92
N LEU A 368 -38.13 -13.83 7.21
CA LEU A 368 -37.98 -14.96 6.32
C LEU A 368 -38.63 -14.63 4.98
N ALA A 369 -37.86 -14.81 3.91
CA ALA A 369 -38.43 -14.72 2.57
C ALA A 369 -39.11 -16.03 2.28
N PHE A 370 -40.12 -15.97 1.43
CA PHE A 370 -40.92 -17.14 1.12
C PHE A 370 -41.06 -17.29 -0.38
N TYR A 371 -40.43 -18.32 -0.94
CA TYR A 371 -40.47 -18.52 -2.39
C TYR A 371 -41.28 -19.74 -2.76
N ILE A 372 -42.14 -19.53 -3.76
CA ILE A 372 -42.93 -20.59 -4.35
C ILE A 372 -42.17 -21.15 -5.55
N VAL A 373 -42.08 -22.48 -5.64
CA VAL A 373 -41.39 -23.11 -6.76
C VAL A 373 -42.26 -24.25 -7.26
N LYS A 374 -42.07 -24.60 -8.52
CA LYS A 374 -42.86 -25.63 -9.16
C LYS A 374 -42.36 -27.03 -8.84
N GLY A 375 -41.04 -27.21 -8.81
CA GLY A 375 -40.45 -28.47 -8.42
C GLY A 375 -39.01 -28.38 -7.98
N MET A 376 -38.37 -29.54 -7.86
CA MET A 376 -36.97 -29.63 -7.44
C MET A 376 -36.00 -28.83 -8.28
N GLU A 377 -36.19 -28.86 -9.59
CA GLU A 377 -35.30 -28.17 -10.50
C GLU A 377 -35.33 -26.65 -10.32
N GLU A 378 -36.51 -26.07 -10.20
CA GLU A 378 -36.62 -24.64 -9.97
C GLU A 378 -36.04 -24.27 -8.61
N ALA A 379 -36.28 -25.13 -7.62
CA ALA A 379 -35.70 -24.95 -6.31
C ALA A 379 -34.18 -24.90 -6.32
N SER A 380 -33.54 -25.80 -7.07
CA SER A 380 -32.08 -25.84 -7.17
C SER A 380 -31.50 -24.58 -7.80
N GLU A 381 -32.11 -24.12 -8.87
CA GLU A 381 -31.69 -22.89 -9.52
C GLU A 381 -31.74 -21.73 -8.52
N LEU A 382 -32.87 -21.56 -7.82
CA LEU A 382 -33.04 -20.45 -6.88
C LEU A 382 -32.06 -20.54 -5.71
N ALA A 383 -31.95 -21.73 -5.13
CA ALA A 383 -30.98 -21.97 -4.07
C ALA A 383 -29.61 -21.49 -4.53
N GLN A 384 -29.26 -21.84 -5.77
CA GLN A 384 -27.96 -21.49 -6.32
C GLN A 384 -27.83 -19.97 -6.38
N LYS A 385 -28.89 -19.29 -6.83
CA LYS A 385 -28.89 -17.83 -6.91
C LYS A 385 -28.80 -17.13 -5.56
N LEU A 386 -29.49 -17.65 -4.56
CA LEU A 386 -29.39 -17.10 -3.21
C LEU A 386 -27.99 -17.25 -2.64
N LEU A 387 -27.37 -18.41 -2.86
CA LEU A 387 -26.02 -18.62 -2.35
C LEU A 387 -25.03 -17.63 -2.95
N GLU A 388 -25.18 -17.30 -4.22
CA GLU A 388 -24.30 -16.33 -4.88
C GLU A 388 -24.45 -14.94 -4.30
N VAL A 389 -25.58 -14.68 -3.65
CA VAL A 389 -25.73 -13.44 -2.91
C VAL A 389 -25.17 -13.58 -1.50
N GLY A 390 -23.91 -13.99 -1.40
CA GLY A 390 -23.20 -13.97 -0.13
C GLY A 390 -23.44 -15.18 0.76
N GLY A 391 -23.58 -16.36 0.15
CA GLY A 391 -23.71 -17.58 0.92
C GLY A 391 -22.92 -18.77 0.41
N LEU A 392 -22.07 -18.56 -0.58
CA LEU A 392 -21.39 -19.69 -1.20
C LEU A 392 -20.53 -20.47 -0.23
N GLY A 393 -20.67 -21.79 -0.28
CA GLY A 393 -19.87 -22.67 0.55
C GLY A 393 -20.38 -22.84 1.97
N HIS A 394 -21.41 -22.11 2.35
CA HIS A 394 -21.77 -22.10 3.75
C HIS A 394 -22.74 -23.23 4.06
N THR A 395 -24.04 -22.96 4.00
CA THR A 395 -25.05 -23.94 4.40
C THR A 395 -26.30 -23.90 3.54
N VAL A 396 -26.85 -25.07 3.28
CA VAL A 396 -28.20 -25.20 2.74
C VAL A 396 -28.98 -26.19 3.58
N GLY A 397 -30.31 -26.19 3.42
CA GLY A 397 -31.16 -27.14 4.08
C GLY A 397 -32.20 -27.72 3.15
N ILE A 398 -32.70 -28.91 3.49
CA ILE A 398 -33.86 -29.46 2.80
C ILE A 398 -34.70 -30.28 3.78
N HIS A 399 -36.01 -30.15 3.65
CA HIS A 399 -36.92 -30.99 4.39
C HIS A 399 -37.68 -31.89 3.45
N ALA A 400 -37.55 -33.18 3.68
CA ALA A 400 -38.05 -34.17 2.75
C ALA A 400 -37.92 -35.52 3.40
N GLU A 401 -38.81 -36.42 3.02
CA GLU A 401 -38.76 -37.80 3.44
C GLU A 401 -38.46 -38.69 2.23
N ASP A 402 -38.46 -38.09 1.03
CA ASP A 402 -38.15 -38.80 -0.22
C ASP A 402 -36.63 -38.85 -0.45
N GLU A 403 -36.07 -40.02 -0.19
CA GLU A 403 -34.63 -40.28 -0.28
C GLU A 403 -33.99 -39.98 -1.62
N LYS A 404 -34.72 -40.21 -2.70
CA LYS A 404 -34.14 -40.06 -4.02
C LYS A 404 -33.98 -38.59 -4.40
N VAL A 405 -34.95 -37.77 -3.97
CA VAL A 405 -34.90 -36.32 -4.13
C VAL A 405 -33.78 -35.63 -3.37
N ILE A 406 -33.58 -36.04 -2.12
CA ILE A 406 -32.51 -35.50 -1.28
C ILE A 406 -31.16 -35.67 -1.94
N GLU A 407 -30.84 -36.91 -2.28
CA GLU A 407 -29.61 -37.23 -2.97
C GLU A 407 -29.45 -36.39 -4.23
N ALA A 408 -30.54 -36.30 -4.99
CA ALA A 408 -30.51 -35.53 -6.23
C ALA A 408 -30.37 -34.03 -5.98
N TYR A 409 -31.01 -33.54 -4.92
CA TYR A 409 -31.02 -32.11 -4.66
C TYR A 409 -29.68 -31.65 -4.11
N THR A 410 -29.10 -32.47 -3.25
CA THR A 410 -27.93 -32.06 -2.47
C THR A 410 -26.61 -32.15 -3.20
N ILE A 411 -26.51 -33.04 -4.18
CA ILE A 411 -25.21 -33.38 -4.76
C ILE A 411 -24.45 -32.20 -5.35
N ASP A 412 -25.16 -31.25 -5.95
CA ASP A 412 -24.50 -30.16 -6.65
C ASP A 412 -24.60 -28.79 -5.98
N LYS A 413 -24.89 -28.79 -4.69
CA LYS A 413 -24.98 -27.53 -3.97
C LYS A 413 -23.61 -27.18 -3.43
N PRO A 414 -23.11 -25.96 -3.72
CA PRO A 414 -21.80 -25.56 -3.19
C PRO A 414 -21.88 -25.06 -1.74
N ALA A 415 -21.98 -25.98 -0.78
CA ALA A 415 -22.03 -25.63 0.65
C ALA A 415 -21.39 -26.73 1.51
N GLY A 416 -20.61 -26.32 2.50
CA GLY A 416 -19.97 -27.28 3.39
C GLY A 416 -20.92 -27.98 4.33
N ARG A 417 -22.04 -27.33 4.67
CA ARG A 417 -23.03 -27.96 5.54
C ARG A 417 -24.36 -28.11 4.80
N ILE A 418 -24.76 -29.35 4.55
CA ILE A 418 -25.98 -29.63 3.82
C ILE A 418 -26.94 -30.35 4.75
N VAL A 419 -27.86 -29.59 5.34
CA VAL A 419 -28.65 -30.06 6.47
C VAL A 419 -29.97 -30.68 5.99
N VAL A 420 -30.22 -31.91 6.42
CA VAL A 420 -31.44 -32.62 6.04
C VAL A 420 -32.38 -32.83 7.23
N ASN A 421 -33.61 -32.36 7.06
CA ASN A 421 -34.68 -32.55 8.04
C ASN A 421 -34.25 -32.08 9.41
N ALA A 422 -33.73 -30.86 9.47
CA ALA A 422 -33.40 -30.20 10.72
C ALA A 422 -33.30 -28.70 10.53
N GLY A 423 -33.27 -27.97 11.63
CA GLY A 423 -33.07 -26.53 11.56
C GLY A 423 -31.61 -26.29 11.22
N THR A 424 -31.36 -25.29 10.37
CA THR A 424 -30.02 -25.08 9.84
C THR A 424 -29.10 -24.41 10.85
N THR A 425 -29.67 -23.65 11.76
CA THR A 425 -28.88 -23.07 12.84
C THR A 425 -28.16 -24.15 13.64
N PHE A 426 -28.91 -25.12 14.15
CA PHE A 426 -28.38 -26.14 15.06
C PHE A 426 -27.64 -27.21 14.29
N GLY A 427 -28.07 -27.45 13.05
CA GLY A 427 -27.39 -28.37 12.17
C GLY A 427 -26.03 -27.80 11.80
N GLY A 428 -26.03 -26.53 11.40
CA GLY A 428 -24.84 -25.87 10.88
C GLY A 428 -23.70 -25.92 11.88
N ILE A 429 -24.01 -25.62 13.14
CA ILE A 429 -22.99 -25.55 14.18
C ILE A 429 -22.63 -26.94 14.71
N GLY A 430 -23.36 -27.95 14.27
CA GLY A 430 -23.07 -29.32 14.67
C GLY A 430 -23.74 -29.73 15.97
N ALA A 431 -24.74 -28.97 16.39
CA ALA A 431 -25.54 -29.36 17.55
C ALA A 431 -26.47 -30.55 17.30
N THR A 432 -27.23 -30.49 16.22
CA THR A 432 -28.27 -31.48 15.93
C THR A 432 -28.05 -32.35 14.69
N VAL A 433 -26.97 -32.11 13.97
CA VAL A 433 -26.50 -33.01 12.92
C VAL A 433 -25.03 -33.25 13.18
N ASN A 434 -24.50 -34.33 12.61
CA ASN A 434 -23.17 -34.74 12.96
C ASN A 434 -22.04 -34.11 12.15
N VAL A 435 -21.90 -32.79 12.31
CA VAL A 435 -20.62 -32.13 12.05
C VAL A 435 -20.02 -31.77 13.40
N LYS A 436 -18.74 -31.43 13.41
CA LYS A 436 -18.04 -31.15 14.65
C LYS A 436 -18.66 -29.91 15.30
N PRO A 437 -19.05 -29.98 16.59
CA PRO A 437 -19.55 -28.75 17.23
C PRO A 437 -18.56 -27.59 17.11
N SER A 438 -19.01 -26.45 16.57
CA SER A 438 -18.13 -25.32 16.28
C SER A 438 -18.88 -24.01 16.06
N LEU A 439 -18.21 -22.90 16.36
CA LEU A 439 -18.70 -21.57 16.00
C LEU A 439 -17.85 -20.83 14.97
N THR A 440 -17.03 -21.57 14.24
CA THR A 440 -16.25 -21.00 13.15
C THR A 440 -16.42 -21.89 11.90
N LEU A 441 -17.32 -21.48 11.02
CA LEU A 441 -17.75 -22.34 9.91
C LEU A 441 -17.11 -21.98 8.58
N GLY A 442 -16.18 -22.82 8.14
CA GLY A 442 -15.44 -22.58 6.90
C GLY A 442 -16.28 -22.85 5.65
N CYS A 443 -16.08 -22.01 4.63
CA CYS A 443 -16.87 -22.07 3.39
C CYS A 443 -16.10 -22.63 2.20
N GLY A 444 -15.00 -23.31 2.47
CA GLY A 444 -14.17 -23.90 1.42
C GLY A 444 -13.62 -22.89 0.43
N ALA A 445 -12.99 -23.39 -0.63
CA ALA A 445 -12.37 -22.53 -1.64
C ALA A 445 -13.36 -21.58 -2.30
N ILE A 446 -14.58 -22.05 -2.52
CA ILE A 446 -15.59 -21.26 -3.21
C ILE A 446 -15.99 -20.03 -2.37
N GLY A 447 -15.77 -20.11 -1.05
CA GLY A 447 -15.94 -18.99 -0.15
C GLY A 447 -14.67 -18.42 0.48
N ASN A 448 -13.57 -18.46 -0.27
CA ASN A 448 -12.29 -17.84 0.11
C ASN A 448 -11.69 -18.36 1.41
N ASN A 449 -11.86 -19.66 1.67
CA ASN A 449 -11.36 -20.30 2.89
C ASN A 449 -10.52 -21.53 2.57
N ILE A 450 -9.60 -21.87 3.46
CA ILE A 450 -8.74 -23.02 3.25
C ILE A 450 -9.48 -24.32 3.55
N THR A 451 -10.59 -24.25 4.27
CA THR A 451 -11.38 -25.46 4.56
C THR A 451 -12.88 -25.19 4.66
N SER A 452 -13.65 -26.26 4.44
CA SER A 452 -15.10 -26.25 4.57
C SER A 452 -15.53 -26.95 5.85
N ASP A 453 -14.54 -27.42 6.62
CA ASP A 453 -14.81 -28.09 7.88
C ASP A 453 -15.36 -27.12 8.92
N ASN A 454 -16.12 -27.64 9.88
CA ASN A 454 -16.27 -26.96 11.15
C ASN A 454 -14.94 -27.02 11.85
N VAL A 455 -14.34 -25.86 12.09
CA VAL A 455 -13.01 -25.78 12.69
C VAL A 455 -13.04 -26.23 14.14
N THR A 456 -12.01 -27.00 14.53
CA THR A 456 -11.96 -27.62 15.84
C THR A 456 -10.49 -27.84 16.21
N VAL A 457 -10.26 -28.59 17.29
CA VAL A 457 -8.91 -28.71 17.85
C VAL A 457 -7.86 -29.31 16.92
N THR A 458 -8.26 -30.18 16.00
CA THR A 458 -7.29 -30.82 15.10
C THR A 458 -6.73 -29.86 14.06
N HIS A 459 -7.39 -28.71 13.91
CA HIS A 459 -6.91 -27.66 13.03
C HIS A 459 -5.87 -26.78 13.69
N LEU A 460 -5.68 -26.98 14.99
CA LEU A 460 -4.75 -26.12 15.74
C LEU A 460 -3.52 -26.85 16.25
N PHE A 461 -3.23 -28.03 15.69
CA PHE A 461 -1.88 -28.54 15.79
C PHE A 461 -1.52 -29.18 14.46
N ASN A 462 -0.25 -29.02 14.08
CA ASN A 462 0.29 -29.67 12.91
C ASN A 462 0.71 -31.09 13.29
N ILE A 463 0.73 -32.00 12.32
CA ILE A 463 1.28 -33.34 12.56
C ILE A 463 2.67 -33.55 11.96
N LYS A 464 3.61 -33.93 12.84
CA LYS A 464 4.93 -34.39 12.47
C LYS A 464 4.93 -35.91 12.35
N ARG A 465 5.58 -36.42 11.32
CA ARG A 465 5.61 -37.86 11.05
C ARG A 465 6.98 -38.51 11.13
N VAL A 466 7.15 -39.42 12.07
CA VAL A 466 8.35 -40.25 12.18
C VAL A 466 8.18 -41.47 11.30
N ALA A 467 8.96 -41.58 10.25
CA ALA A 467 8.73 -42.57 9.19
C ALA A 467 10.00 -43.34 8.86
N PHE A 468 9.89 -44.67 8.84
CA PHE A 468 11.08 -45.52 8.72
C PHE A 468 11.35 -45.90 7.29
N GLY A 469 12.63 -46.09 6.98
CA GLY A 469 13.07 -46.64 5.72
C GLY A 469 12.43 -48.00 5.46
N VAL A 470 11.75 -48.13 4.34
CA VAL A 470 11.12 -49.39 3.97
C VAL A 470 11.45 -49.78 2.53
N ARG A 471 12.17 -48.90 1.82
CA ARG A 471 12.50 -49.15 0.43
C ARG A 471 13.92 -48.67 0.12
N GLU A 472 14.56 -49.27 -0.89
CA GLU A 472 15.85 -48.77 -1.38
C GLU A 472 15.54 -47.94 -2.61
N MET A 473 16.23 -46.82 -2.84
CA MET A 473 16.01 -46.10 -4.09
C MET A 473 16.92 -46.65 -5.21
N PRO A 474 16.35 -47.08 -6.35
CA PRO A 474 17.29 -47.45 -7.44
C PRO A 474 18.02 -46.23 -8.04
N LYS A 475 19.34 -46.23 -8.21
CA LYS A 475 20.01 -45.04 -8.78
C LYS A 475 19.84 -44.87 -10.29
N LYS A 476 19.64 -45.97 -11.02
CA LYS A 476 19.58 -45.88 -12.47
C LYS A 476 18.37 -46.57 -13.08
N VAL A 477 17.93 -45.92 -14.15
CA VAL A 477 16.77 -46.30 -14.94
C VAL A 477 17.37 -47.03 -16.10
N GLU A 478 16.55 -47.70 -16.87
CA GLU A 478 17.02 -48.42 -18.03
C GLU A 478 18.14 -47.67 -18.78
N ALA B 22 12.68 -8.49 -28.80
CA ALA B 22 12.61 -7.60 -27.66
C ALA B 22 12.63 -6.15 -28.08
N SER B 23 11.92 -5.82 -29.16
CA SER B 23 11.68 -4.44 -29.51
C SER B 23 10.65 -3.87 -28.55
N MET B 24 9.73 -4.74 -28.16
CA MET B 24 8.61 -4.42 -27.29
C MET B 24 8.74 -5.08 -25.92
N LEU B 25 9.95 -5.57 -25.60
CA LEU B 25 10.19 -6.28 -24.35
C LEU B 25 9.90 -5.46 -23.10
N ARG B 26 9.96 -4.15 -23.22
CA ARG B 26 9.61 -3.23 -22.12
C ARG B 26 8.24 -3.51 -21.51
N ASP B 27 7.32 -3.98 -22.32
CA ASP B 27 5.93 -4.11 -21.94
C ASP B 27 5.61 -5.60 -21.67
N ILE B 28 6.67 -6.38 -21.49
CA ILE B 28 6.56 -7.79 -21.08
C ILE B 28 5.70 -7.92 -19.84
N ASP B 29 5.78 -6.95 -18.94
CA ASP B 29 4.91 -6.96 -17.77
C ASP B 29 3.44 -6.94 -18.19
N LEU B 30 3.06 -6.05 -19.11
CA LEU B 30 1.67 -6.03 -19.58
C LEU B 30 1.27 -7.31 -20.33
N GLN B 31 2.17 -7.82 -21.17
CA GLN B 31 1.89 -9.04 -21.93
C GLN B 31 1.68 -10.24 -21.02
N SER B 32 2.52 -10.35 -20.00
CA SER B 32 2.47 -11.49 -19.09
C SER B 32 1.21 -11.44 -18.26
N ILE B 33 0.77 -10.25 -17.92
CA ILE B 33 -0.46 -10.06 -17.18
C ILE B 33 -1.68 -10.46 -18.00
N GLN B 34 -1.73 -9.95 -19.22
CA GLN B 34 -2.81 -10.25 -20.13
C GLN B 34 -2.90 -11.75 -20.41
N GLU B 35 -1.73 -12.38 -20.49
CA GLU B 35 -1.65 -13.80 -20.78
C GLU B 35 -2.28 -14.60 -19.64
N VAL B 36 -1.98 -14.18 -18.42
CA VAL B 36 -2.55 -14.79 -17.23
C VAL B 36 -4.06 -14.69 -17.24
N ARG B 37 -4.57 -13.53 -17.61
CA ARG B 37 -5.99 -13.34 -17.67
C ARG B 37 -6.60 -14.28 -18.67
N ASN B 38 -5.93 -14.44 -19.82
CA ASN B 38 -6.42 -15.37 -20.83
C ASN B 38 -6.45 -16.80 -20.31
N TYR B 39 -5.36 -17.22 -19.68
CA TYR B 39 -5.25 -18.57 -19.13
C TYR B 39 -6.34 -18.86 -18.10
N LEU B 40 -6.67 -17.86 -17.27
CA LEU B 40 -7.61 -18.08 -16.17
C LEU B 40 -9.02 -18.19 -16.73
N GLU B 41 -9.31 -17.39 -17.74
CA GLU B 41 -10.62 -17.42 -18.35
C GLU B 41 -10.81 -18.77 -19.03
N GLU B 42 -9.75 -19.27 -19.65
CA GLU B 42 -9.82 -20.56 -20.32
C GLU B 42 -9.92 -21.67 -19.28
N ALA B 43 -9.22 -21.48 -18.17
CA ALA B 43 -9.23 -22.43 -17.07
C ALA B 43 -10.62 -22.57 -16.46
N LYS B 44 -11.32 -21.46 -16.33
CA LYS B 44 -12.66 -21.45 -15.76
C LYS B 44 -13.62 -22.30 -16.54
N ALA B 45 -13.61 -22.14 -17.85
CA ALA B 45 -14.46 -22.93 -18.74
C ALA B 45 -14.15 -24.41 -18.71
N ALA B 46 -12.87 -24.75 -18.75
CA ALA B 46 -12.45 -26.14 -18.71
C ALA B 46 -12.87 -26.86 -17.44
N GLN B 47 -12.66 -26.22 -16.29
CA GLN B 47 -13.04 -26.82 -15.01
C GLN B 47 -14.55 -27.01 -14.83
N LYS B 48 -15.37 -26.11 -15.37
CA LYS B 48 -16.81 -26.27 -15.26
C LYS B 48 -17.24 -27.58 -15.93
N ILE B 49 -16.61 -27.83 -17.07
CA ILE B 49 -16.83 -29.02 -17.89
C ILE B 49 -16.29 -30.27 -17.23
N LEU B 50 -15.08 -30.15 -16.69
CA LEU B 50 -14.36 -31.26 -16.09
C LEU B 50 -15.14 -31.76 -14.88
N GLU B 51 -15.71 -30.81 -14.13
CA GLU B 51 -16.41 -31.08 -12.89
C GLU B 51 -17.61 -32.00 -13.11
N LYS B 52 -18.13 -31.98 -14.34
CA LYS B 52 -19.29 -32.79 -14.72
C LYS B 52 -18.95 -34.23 -15.08
N MET B 53 -17.68 -34.55 -15.22
CA MET B 53 -17.28 -35.89 -15.66
C MET B 53 -17.39 -36.93 -14.54
N THR B 54 -17.50 -38.18 -14.96
CA THR B 54 -17.54 -39.31 -14.06
C THR B 54 -16.19 -39.67 -13.51
N GLN B 55 -16.21 -40.49 -12.45
CA GLN B 55 -14.97 -40.97 -11.84
C GLN B 55 -14.15 -41.70 -12.88
N SER B 56 -14.81 -42.52 -13.69
CA SER B 56 -14.12 -43.24 -14.76
C SER B 56 -13.41 -42.31 -15.73
N GLU B 57 -14.10 -41.28 -16.17
CA GLU B 57 -13.53 -40.29 -17.07
C GLU B 57 -12.33 -39.55 -16.48
N ILE B 58 -12.47 -39.06 -15.26
CA ILE B 58 -11.35 -38.42 -14.58
C ILE B 58 -10.15 -39.37 -14.47
N ASP B 59 -10.41 -40.59 -13.99
CA ASP B 59 -9.36 -41.59 -13.77
C ASP B 59 -8.67 -42.06 -15.05
N LYS B 60 -9.42 -42.09 -16.15
CA LYS B 60 -8.88 -42.40 -17.46
C LYS B 60 -7.93 -41.28 -17.94
N ILE B 61 -8.29 -40.03 -17.69
CA ILE B 61 -7.45 -38.87 -18.03
C ILE B 61 -6.14 -38.76 -17.27
N VAL B 62 -6.22 -38.91 -15.95
CA VAL B 62 -5.06 -38.81 -15.08
C VAL B 62 -4.03 -39.86 -15.44
N GLU B 63 -4.53 -41.05 -15.74
CA GLU B 63 -3.67 -42.17 -16.12
C GLU B 63 -2.89 -41.86 -17.39
N SER B 64 -3.54 -41.25 -18.38
CA SER B 64 -2.86 -40.90 -19.63
C SER B 64 -1.77 -39.86 -19.34
N MET B 65 -2.04 -38.94 -18.41
CA MET B 65 -1.06 -37.93 -18.05
C MET B 65 0.17 -38.60 -17.43
N ALA B 66 -0.04 -39.53 -16.50
CA ALA B 66 1.06 -40.25 -15.88
C ALA B 66 1.87 -41.04 -16.92
N ASN B 67 1.19 -41.64 -17.89
CA ASN B 67 1.86 -42.41 -18.93
C ASN B 67 2.73 -41.56 -19.86
N ALA B 68 2.22 -40.40 -20.26
CA ALA B 68 2.97 -39.49 -21.11
C ALA B 68 4.20 -38.94 -20.40
N ALA B 69 4.02 -38.62 -19.12
CA ALA B 69 5.12 -38.11 -18.30
C ALA B 69 6.26 -39.13 -18.25
N ARG B 70 5.86 -40.39 -18.08
CA ARG B 70 6.79 -41.51 -18.07
C ARG B 70 7.62 -41.62 -19.34
N GLU B 71 6.96 -41.64 -20.51
CA GLU B 71 7.66 -41.73 -21.78
C GLU B 71 8.60 -40.55 -22.05
N GLU B 72 8.21 -39.38 -21.56
CA GLU B 72 8.90 -38.14 -21.86
C GLU B 72 9.89 -37.77 -20.77
N ALA B 73 9.98 -38.64 -19.77
CA ALA B 73 10.72 -38.37 -18.53
C ALA B 73 12.15 -37.98 -18.83
N GLY B 74 12.81 -38.75 -19.69
CA GLY B 74 14.17 -38.46 -20.04
C GLY B 74 14.32 -37.13 -20.77
N ARG B 75 13.49 -36.87 -21.77
CA ARG B 75 13.65 -35.65 -22.55
C ARG B 75 13.46 -34.42 -21.69
N LEU B 76 12.44 -34.42 -20.84
CA LEU B 76 12.22 -33.31 -19.92
C LEU B 76 13.40 -33.15 -18.95
N ALA B 77 13.88 -34.26 -18.41
CA ALA B 77 15.04 -34.25 -17.53
C ALA B 77 16.20 -33.52 -18.21
N ALA B 78 16.46 -33.83 -19.47
CA ALA B 78 17.59 -33.24 -20.18
C ALA B 78 17.40 -31.76 -20.50
N MET B 79 16.18 -31.34 -20.80
CA MET B 79 15.88 -29.91 -20.96
C MET B 79 16.15 -29.12 -19.68
N ALA B 80 15.67 -29.62 -18.55
CA ALA B 80 15.83 -28.92 -17.29
C ALA B 80 17.32 -28.75 -16.98
N VAL B 81 18.09 -29.81 -17.15
CA VAL B 81 19.52 -29.75 -16.89
C VAL B 81 20.16 -28.75 -17.84
N GLU B 82 19.75 -28.83 -19.11
CA GLU B 82 20.32 -27.98 -20.13
C GLU B 82 19.98 -26.51 -19.91
N GLU B 83 18.73 -26.23 -19.55
CA GLU B 83 18.26 -24.85 -19.38
C GLU B 83 18.75 -24.18 -18.10
N THR B 84 18.74 -24.91 -16.99
CA THR B 84 19.04 -24.33 -15.68
C THR B 84 20.48 -24.51 -15.27
N GLY B 85 21.15 -25.52 -15.78
CA GLY B 85 22.51 -25.82 -15.35
C GLY B 85 22.59 -26.54 -14.02
N PHE B 86 21.44 -26.84 -13.42
CA PHE B 86 21.42 -27.57 -12.15
C PHE B 86 21.29 -29.06 -12.44
N GLY B 87 22.02 -29.88 -11.70
CA GLY B 87 21.78 -31.31 -11.67
C GLY B 87 22.34 -32.09 -12.85
N ASN B 88 21.81 -33.30 -13.03
CA ASN B 88 22.23 -34.20 -14.10
C ASN B 88 21.04 -34.94 -14.65
N VAL B 89 21.17 -35.47 -15.86
CA VAL B 89 20.05 -36.04 -16.60
C VAL B 89 19.54 -37.35 -16.00
N GLU B 90 20.45 -38.19 -15.50
CA GLU B 90 20.03 -39.46 -14.96
C GLU B 90 19.10 -39.23 -13.77
N ASP B 91 19.52 -38.37 -12.84
CA ASP B 91 18.76 -38.15 -11.62
C ASP B 91 17.45 -37.39 -11.86
N LYS B 92 17.47 -36.38 -12.72
CA LYS B 92 16.22 -35.69 -13.05
C LYS B 92 15.23 -36.62 -13.73
N THR B 93 15.73 -37.61 -14.46
CA THR B 93 14.84 -38.55 -15.10
C THR B 93 14.12 -39.32 -14.00
N LEU B 94 14.87 -39.75 -12.99
CA LEU B 94 14.29 -40.45 -11.85
C LEU B 94 13.33 -39.57 -11.06
N LYS B 95 13.65 -38.29 -10.97
CA LYS B 95 12.77 -37.34 -10.29
C LYS B 95 11.42 -37.23 -10.99
N ASN B 96 11.46 -37.14 -12.32
CA ASN B 96 10.26 -37.08 -13.15
C ASN B 96 9.42 -38.37 -13.06
N LEU B 97 10.10 -39.51 -13.02
CA LEU B 97 9.44 -40.81 -12.91
C LEU B 97 8.77 -41.00 -11.56
N PHE B 98 9.36 -40.42 -10.51
CA PHE B 98 8.79 -40.46 -9.16
C PHE B 98 7.41 -39.81 -9.11
N ALA B 99 7.26 -38.70 -9.81
CA ALA B 99 5.99 -38.00 -9.92
C ALA B 99 5.05 -38.83 -10.79
N ALA B 100 5.60 -39.40 -11.86
CA ALA B 100 4.80 -40.18 -12.80
C ALA B 100 4.35 -41.56 -12.29
N ASN B 101 5.14 -42.16 -11.38
CA ASN B 101 4.82 -43.51 -10.90
C ASN B 101 4.32 -43.56 -9.45
N ASP B 102 5.16 -43.14 -8.50
CA ASP B 102 4.81 -43.24 -7.09
C ASP B 102 3.65 -42.33 -6.71
N VAL B 103 3.70 -41.09 -7.18
CA VAL B 103 2.63 -40.14 -6.90
C VAL B 103 1.34 -40.65 -7.53
N TYR B 104 1.41 -41.06 -8.79
CA TYR B 104 0.24 -41.57 -9.49
C TYR B 104 -0.38 -42.76 -8.76
N ASN B 105 0.45 -43.73 -8.39
CA ASN B 105 -0.01 -44.93 -7.69
C ASN B 105 -0.65 -44.68 -6.33
N SER B 106 -0.20 -43.64 -5.65
CA SER B 106 -0.72 -43.28 -4.34
C SER B 106 -2.09 -42.60 -4.41
N ILE B 107 -2.47 -42.18 -5.61
CA ILE B 107 -3.72 -41.47 -5.89
C ILE B 107 -4.69 -42.19 -6.81
N LYS B 108 -4.28 -43.28 -7.43
CA LYS B 108 -5.05 -43.85 -8.53
C LYS B 108 -6.45 -44.28 -8.11
N ASP B 109 -6.60 -44.69 -6.86
CA ASP B 109 -7.89 -45.14 -6.34
C ASP B 109 -8.59 -44.09 -5.48
N VAL B 110 -8.04 -42.89 -5.36
CA VAL B 110 -8.73 -41.93 -4.51
C VAL B 110 -9.95 -41.41 -5.24
N LYS B 111 -11.06 -41.50 -4.52
CA LYS B 111 -12.36 -41.03 -4.94
C LYS B 111 -12.45 -39.52 -4.84
N THR B 112 -12.84 -38.88 -5.94
CA THR B 112 -12.89 -37.43 -6.01
C THR B 112 -14.18 -36.93 -6.61
N VAL B 113 -15.05 -37.85 -7.03
CA VAL B 113 -16.30 -37.46 -7.69
C VAL B 113 -17.50 -37.89 -6.85
N GLY B 114 -18.40 -36.93 -6.59
CA GLY B 114 -19.63 -37.20 -5.87
C GLY B 114 -19.43 -37.63 -4.43
N ILE B 115 -20.17 -38.65 -4.02
CA ILE B 115 -20.13 -39.14 -2.64
C ILE B 115 -18.96 -40.09 -2.49
N ILE B 116 -18.04 -39.74 -1.59
CA ILE B 116 -16.79 -40.48 -1.47
C ILE B 116 -16.72 -41.31 -0.19
N ARG B 117 -17.67 -41.09 0.70
CA ARG B 117 -17.72 -41.84 1.94
C ARG B 117 -19.11 -41.75 2.54
N ARG B 118 -19.62 -42.88 3.07
CA ARG B 118 -20.90 -42.87 3.77
C ARG B 118 -20.69 -43.38 5.19
N ASP B 119 -21.36 -42.75 6.14
CA ASP B 119 -21.26 -43.17 7.54
C ASP B 119 -22.68 -43.30 8.06
N GLU B 120 -23.24 -44.48 7.91
CA GLU B 120 -24.66 -44.68 8.10
C GLU B 120 -25.07 -44.50 9.57
N GLU B 121 -24.23 -44.93 10.51
CA GLU B 121 -24.61 -44.86 11.94
C GLU B 121 -24.47 -43.45 12.50
N ASN B 122 -23.67 -42.62 11.83
CA ASN B 122 -23.58 -41.22 12.20
C ASN B 122 -24.49 -40.39 11.29
N ARG B 123 -25.04 -41.07 10.28
CA ARG B 123 -25.99 -40.49 9.32
C ARG B 123 -25.35 -39.28 8.66
N VAL B 124 -24.13 -39.50 8.19
CA VAL B 124 -23.40 -38.52 7.41
C VAL B 124 -22.84 -39.20 6.17
N TRP B 125 -22.84 -38.50 5.05
CA TRP B 125 -21.97 -38.88 3.96
C TRP B 125 -21.28 -37.63 3.42
N GLU B 126 -20.14 -37.85 2.77
CA GLU B 126 -19.26 -36.80 2.31
C GLU B 126 -19.28 -36.65 0.80
N ILE B 127 -19.37 -35.41 0.34
CA ILE B 127 -19.35 -35.12 -1.10
C ILE B 127 -18.12 -34.27 -1.41
N ALA B 128 -17.37 -34.70 -2.43
CA ALA B 128 -16.17 -33.99 -2.87
C ALA B 128 -16.46 -32.74 -3.69
N GLN B 129 -15.73 -31.68 -3.37
CA GLN B 129 -15.88 -30.39 -4.03
C GLN B 129 -14.53 -29.83 -4.50
N PRO B 130 -14.35 -29.73 -5.82
CA PRO B 130 -13.10 -29.17 -6.34
C PRO B 130 -12.90 -27.74 -5.85
N VAL B 131 -11.67 -27.36 -5.55
CA VAL B 131 -11.40 -25.99 -5.14
C VAL B 131 -11.59 -25.02 -6.31
N GLY B 132 -11.55 -25.55 -7.54
CA GLY B 132 -11.74 -24.74 -8.73
C GLY B 132 -10.50 -24.55 -9.60
N ILE B 133 -9.92 -23.35 -9.56
CA ILE B 133 -8.70 -23.06 -10.32
C ILE B 133 -7.51 -22.87 -9.38
N VAL B 134 -6.46 -23.65 -9.65
CA VAL B 134 -5.23 -23.63 -8.85
C VAL B 134 -4.12 -22.85 -9.53
N ALA B 135 -3.40 -22.06 -8.75
CA ALA B 135 -2.22 -21.35 -9.24
C ALA B 135 -0.97 -22.07 -8.72
N GLY B 136 -0.21 -22.68 -9.62
CA GLY B 136 1.00 -23.42 -9.28
C GLY B 136 2.31 -22.70 -9.54
N ILE B 137 3.06 -22.41 -8.48
CA ILE B 137 4.38 -21.79 -8.61
C ILE B 137 5.47 -22.84 -8.62
N ILE B 138 6.32 -22.80 -9.64
CA ILE B 138 7.30 -23.85 -9.87
C ILE B 138 8.74 -23.38 -9.61
N PRO B 139 9.54 -24.19 -8.88
CA PRO B 139 10.93 -23.86 -8.58
C PRO B 139 11.88 -24.15 -9.76
N SER B 140 13.06 -23.53 -9.78
CA SER B 140 14.06 -23.79 -10.80
C SER B 140 14.79 -25.13 -10.62
N THR B 141 14.77 -25.67 -9.40
CA THR B 141 15.48 -26.90 -9.08
C THR B 141 14.75 -28.17 -9.51
N ASN B 142 13.43 -28.12 -9.38
CA ASN B 142 12.56 -29.24 -9.71
C ASN B 142 11.48 -28.86 -10.71
N PRO B 143 11.88 -28.23 -11.83
CA PRO B 143 10.87 -27.58 -12.66
C PRO B 143 9.92 -28.58 -13.31
N THR B 144 10.44 -29.62 -13.95
CA THR B 144 9.57 -30.51 -14.70
C THR B 144 8.84 -31.47 -13.77
N SER B 145 9.54 -31.98 -12.77
CA SER B 145 8.94 -32.95 -11.86
C SER B 145 7.80 -32.35 -11.04
N THR B 146 7.94 -31.08 -10.67
CA THR B 146 6.92 -30.40 -9.87
C THR B 146 5.66 -30.11 -10.69
N VAL B 147 5.85 -29.80 -11.97
CA VAL B 147 4.72 -29.64 -12.88
C VAL B 147 3.93 -30.95 -12.96
N ILE B 148 4.65 -32.05 -13.14
CA ILE B 148 4.02 -33.35 -13.25
C ILE B 148 3.24 -33.70 -11.98
N PHE B 149 3.88 -33.58 -10.83
CA PHE B 149 3.25 -33.87 -9.54
C PHE B 149 1.99 -33.04 -9.31
N LYS B 150 2.08 -31.73 -9.50
CA LYS B 150 0.96 -30.86 -9.20
C LYS B 150 -0.18 -31.05 -10.19
N ALA B 151 0.15 -31.29 -11.45
CA ALA B 151 -0.85 -31.52 -12.50
C ALA B 151 -1.66 -32.78 -12.22
N LEU B 152 -0.98 -33.82 -11.73
CA LEU B 152 -1.66 -35.08 -11.48
C LEU B 152 -2.67 -34.96 -10.36
N ILE B 153 -2.27 -34.34 -9.25
CA ILE B 153 -3.14 -34.28 -8.08
C ILE B 153 -4.25 -33.26 -8.29
N ALA B 154 -3.95 -32.18 -9.00
CA ALA B 154 -4.92 -31.13 -9.23
C ALA B 154 -6.07 -31.62 -10.11
N VAL B 155 -5.74 -32.30 -11.20
CA VAL B 155 -6.72 -32.77 -12.18
C VAL B 155 -7.52 -33.96 -11.64
N LYS B 156 -6.85 -34.79 -10.86
CA LYS B 156 -7.49 -35.91 -10.19
C LYS B 156 -8.62 -35.41 -9.28
N ALA B 157 -8.39 -34.25 -8.66
CA ALA B 157 -9.40 -33.63 -7.79
C ALA B 157 -10.38 -32.74 -8.57
N ARG B 158 -10.24 -32.74 -9.89
CA ARG B 158 -11.17 -32.09 -10.82
C ARG B 158 -11.00 -30.57 -10.85
N ASN B 159 -9.75 -30.12 -10.72
CA ASN B 159 -9.43 -28.71 -10.81
C ASN B 159 -8.76 -28.37 -12.14
N ALA B 160 -8.75 -27.09 -12.47
CA ALA B 160 -7.87 -26.57 -13.52
C ALA B 160 -6.62 -26.07 -12.81
N ILE B 161 -5.52 -25.93 -13.53
CA ILE B 161 -4.32 -25.39 -12.91
C ILE B 161 -3.55 -24.50 -13.90
N VAL B 162 -3.14 -23.32 -13.42
CA VAL B 162 -2.33 -22.39 -14.20
C VAL B 162 -0.95 -22.25 -13.55
N PHE B 163 0.09 -22.52 -14.34
CA PHE B 163 1.46 -22.56 -13.82
C PHE B 163 2.25 -21.26 -14.05
N SER B 164 3.06 -20.92 -13.05
CA SER B 164 4.04 -19.84 -13.14
C SER B 164 5.45 -20.41 -12.97
N PRO B 165 6.25 -20.41 -14.03
CA PRO B 165 7.60 -20.96 -13.90
C PRO B 165 8.54 -20.01 -13.24
N HIS B 166 9.61 -20.56 -12.69
CA HIS B 166 10.77 -19.77 -12.37
C HIS B 166 11.37 -19.24 -13.67
N PRO B 167 11.85 -17.98 -13.67
CA PRO B 167 12.36 -17.40 -14.92
C PRO B 167 13.59 -18.10 -15.52
N SER B 168 14.44 -18.64 -14.67
CA SER B 168 15.59 -19.43 -15.09
C SER B 168 15.18 -20.72 -15.79
N ALA B 169 13.92 -21.11 -15.61
CA ALA B 169 13.42 -22.41 -16.03
C ALA B 169 12.14 -22.31 -16.89
N ALA B 170 11.94 -21.17 -17.54
CA ALA B 170 10.66 -20.89 -18.20
C ALA B 170 10.33 -21.92 -19.30
N LYS B 171 11.31 -22.28 -20.13
CA LYS B 171 11.02 -23.12 -21.30
C LYS B 171 10.72 -24.58 -20.97
N CYS B 172 11.54 -25.19 -20.10
CA CYS B 172 11.32 -26.59 -19.76
C CYS B 172 10.06 -26.74 -18.90
N THR B 173 9.76 -25.74 -18.10
CA THR B 173 8.57 -25.78 -17.26
C THR B 173 7.35 -25.77 -18.17
N ALA B 174 7.37 -24.86 -19.13
CA ALA B 174 6.30 -24.69 -20.11
C ALA B 174 6.11 -25.95 -20.93
N GLU B 175 7.21 -26.63 -21.22
CA GLU B 175 7.14 -27.84 -22.02
C GLU B 175 6.46 -28.96 -21.24
N ALA B 176 6.79 -29.05 -19.95
CA ALA B 176 6.16 -30.04 -19.08
C ALA B 176 4.64 -29.89 -18.99
N ALA B 177 4.19 -28.65 -18.86
CA ALA B 177 2.76 -28.36 -18.78
C ALA B 177 2.06 -28.79 -20.06
N ARG B 178 2.68 -28.49 -21.20
CA ARG B 178 2.12 -28.85 -22.50
C ARG B 178 1.97 -30.35 -22.66
N ILE B 179 2.99 -31.10 -22.25
CA ILE B 179 2.90 -32.55 -22.29
C ILE B 179 1.77 -33.10 -21.42
N MET B 180 1.58 -32.52 -20.24
CA MET B 180 0.49 -32.98 -19.40
C MET B 180 -0.85 -32.64 -20.02
N GLN B 181 -0.98 -31.42 -20.52
CA GLN B 181 -2.22 -30.99 -21.15
C GLN B 181 -2.58 -31.72 -22.43
N GLU B 182 -1.59 -31.92 -23.29
CA GLU B 182 -1.83 -32.60 -24.56
C GLU B 182 -2.14 -34.06 -24.30
N ALA B 183 -1.43 -34.65 -23.35
CA ALA B 183 -1.71 -36.02 -22.93
C ALA B 183 -3.09 -36.13 -22.31
N ALA B 184 -3.50 -35.09 -21.61
CA ALA B 184 -4.82 -35.06 -20.98
C ALA B 184 -5.90 -35.04 -22.06
N GLU B 185 -5.69 -34.19 -23.07
CA GLU B 185 -6.62 -34.07 -24.19
C GLU B 185 -6.79 -35.36 -24.97
N ARG B 186 -5.70 -36.09 -25.19
CA ARG B 186 -5.78 -37.35 -25.93
C ARG B 186 -6.71 -38.32 -25.20
N ALA B 187 -6.78 -38.18 -23.87
CA ALA B 187 -7.64 -39.04 -23.06
C ALA B 187 -8.98 -38.35 -22.76
N GLY B 188 -9.26 -37.26 -23.47
CA GLY B 188 -10.56 -36.64 -23.40
C GLY B 188 -10.70 -35.34 -22.63
N ALA B 189 -9.61 -34.80 -22.10
CA ALA B 189 -9.74 -33.57 -21.31
C ALA B 189 -9.95 -32.35 -22.22
N PRO B 190 -10.61 -31.29 -21.69
CA PRO B 190 -10.81 -30.03 -22.40
C PRO B 190 -9.55 -29.15 -22.54
N LYS B 191 -9.44 -28.34 -23.59
CA LYS B 191 -8.38 -27.32 -23.64
C LYS B 191 -8.40 -26.29 -22.53
N GLY B 192 -7.20 -25.80 -22.25
CA GLY B 192 -7.01 -24.75 -21.28
C GLY B 192 -7.06 -25.26 -19.86
N LEU B 193 -7.16 -26.57 -19.69
CA LEU B 193 -7.25 -27.14 -18.35
C LEU B 193 -5.93 -26.94 -17.60
N ILE B 194 -4.84 -27.12 -18.33
CA ILE B 194 -3.49 -27.01 -17.78
C ILE B 194 -2.73 -26.00 -18.64
N SER B 195 -2.24 -24.93 -18.04
CA SER B 195 -1.53 -23.91 -18.78
C SER B 195 -0.34 -23.40 -17.98
N CYS B 196 0.51 -22.62 -18.64
CA CYS B 196 1.74 -22.16 -18.03
C CYS B 196 2.22 -20.82 -18.56
N ILE B 197 2.43 -19.90 -17.64
CA ILE B 197 2.99 -18.59 -17.95
C ILE B 197 4.33 -18.78 -18.66
N THR B 198 4.51 -18.16 -19.82
CA THR B 198 5.73 -18.36 -20.61
C THR B 198 6.82 -17.34 -20.23
N GLN B 199 6.41 -16.15 -19.79
CA GLN B 199 7.31 -15.06 -19.42
C GLN B 199 7.09 -14.68 -17.97
N PRO B 200 7.70 -15.41 -17.03
CA PRO B 200 7.44 -15.13 -15.60
C PRO B 200 7.89 -13.74 -15.16
N THR B 201 7.03 -13.06 -14.42
CA THR B 201 7.36 -11.76 -13.87
C THR B 201 6.64 -11.61 -12.55
N MET B 202 7.14 -10.74 -11.69
CA MET B 202 6.43 -10.41 -10.45
C MET B 202 5.04 -9.91 -10.81
N ALA B 203 4.96 -9.10 -11.84
CA ALA B 203 3.69 -8.52 -12.23
C ALA B 203 2.72 -9.65 -12.55
N ALA B 204 3.20 -10.67 -13.26
CA ALA B 204 2.35 -11.77 -13.67
C ALA B 204 1.98 -12.66 -12.49
N THR B 205 2.97 -12.91 -11.63
CA THR B 205 2.78 -13.69 -10.41
C THR B 205 1.75 -13.01 -9.53
N ASN B 206 1.87 -11.70 -9.40
CA ASN B 206 0.95 -10.90 -8.64
C ASN B 206 -0.46 -10.97 -9.22
N GLU B 207 -0.54 -10.87 -10.54
CA GLU B 207 -1.81 -11.02 -11.23
C GLU B 207 -2.40 -12.38 -10.97
N LEU B 208 -1.56 -13.41 -11.09
CA LEU B 208 -2.03 -14.77 -10.92
C LEU B 208 -2.56 -15.05 -9.53
N MET B 209 -1.86 -14.56 -8.51
CA MET B 209 -2.27 -14.83 -7.14
C MET B 209 -3.51 -14.09 -6.69
N LYS B 210 -3.70 -12.87 -7.19
CA LYS B 210 -4.80 -12.02 -6.75
C LYS B 210 -6.04 -11.98 -7.67
N HIS B 211 -5.93 -12.58 -8.85
CA HIS B 211 -6.96 -12.45 -9.87
C HIS B 211 -8.26 -13.04 -9.35
N LYS B 212 -9.37 -12.46 -9.76
CA LYS B 212 -10.71 -12.95 -9.42
C LYS B 212 -10.93 -14.46 -9.54
N LEU B 213 -10.42 -15.07 -10.60
CA LEU B 213 -10.72 -16.47 -10.87
C LEU B 213 -9.84 -17.47 -10.11
N THR B 214 -8.74 -17.01 -9.53
CA THR B 214 -7.87 -17.89 -8.77
C THR B 214 -8.46 -18.27 -7.41
N ASP B 215 -8.56 -19.58 -7.16
CA ASP B 215 -9.18 -20.07 -5.94
C ASP B 215 -8.16 -20.46 -4.86
N VAL B 216 -7.12 -21.20 -5.24
CA VAL B 216 -6.07 -21.65 -4.30
C VAL B 216 -4.66 -21.53 -4.89
N ILE B 217 -3.73 -21.04 -4.09
CA ILE B 217 -2.32 -20.99 -4.47
C ILE B 217 -1.49 -22.13 -3.89
N LEU B 218 -0.79 -22.83 -4.78
CA LEU B 218 0.25 -23.77 -4.38
C LEU B 218 1.62 -23.16 -4.65
N ALA B 219 2.28 -22.70 -3.58
CA ALA B 219 3.51 -21.94 -3.74
C ALA B 219 4.76 -22.73 -3.33
N THR B 220 5.43 -23.32 -4.31
CA THR B 220 6.69 -24.04 -4.08
C THR B 220 7.84 -23.17 -4.62
N GLY B 221 8.43 -22.36 -3.75
CA GLY B 221 9.47 -21.41 -4.12
C GLY B 221 10.20 -20.84 -2.91
N GLY B 222 10.96 -19.78 -3.11
CA GLY B 222 11.63 -19.13 -2.00
C GLY B 222 10.71 -18.48 -0.97
N PRO B 223 11.27 -18.15 0.21
CA PRO B 223 10.53 -17.57 1.35
C PRO B 223 9.78 -16.28 1.06
N GLY B 224 10.28 -15.49 0.11
CA GLY B 224 9.65 -14.23 -0.22
C GLY B 224 8.41 -14.48 -1.03
N LEU B 225 8.50 -15.47 -1.90
CA LEU B 225 7.37 -15.84 -2.72
C LEU B 225 6.25 -16.51 -1.94
N VAL B 226 6.59 -17.35 -0.98
CA VAL B 226 5.59 -17.97 -0.14
C VAL B 226 4.85 -17.00 0.78
N LYS B 227 5.60 -16.08 1.38
CA LYS B 227 5.06 -15.04 2.23
C LYS B 227 4.05 -14.21 1.42
N ALA B 228 4.43 -13.91 0.18
CA ALA B 228 3.57 -13.19 -0.75
C ALA B 228 2.27 -13.94 -1.04
N ALA B 229 2.36 -15.27 -1.17
CA ALA B 229 1.18 -16.11 -1.41
C ALA B 229 0.17 -16.01 -0.26
N TYR B 230 0.68 -16.01 0.96
CA TYR B 230 -0.16 -15.88 2.14
C TYR B 230 -0.50 -14.42 2.43
N SER B 231 -0.08 -13.53 1.54
CA SER B 231 -0.48 -12.12 1.58
C SER B 231 -1.44 -11.77 0.44
N SER B 232 -1.89 -12.80 -0.26
CA SER B 232 -2.56 -12.61 -1.55
C SER B 232 -4.07 -12.38 -1.45
N GLY B 233 -4.62 -12.64 -0.26
CA GLY B 233 -6.07 -12.64 -0.08
C GLY B 233 -6.71 -13.96 -0.47
N LYS B 234 -5.89 -14.92 -0.90
CA LYS B 234 -6.39 -16.22 -1.34
C LYS B 234 -5.91 -17.28 -0.35
N PRO B 235 -6.69 -18.36 -0.16
CA PRO B 235 -6.17 -19.53 0.55
C PRO B 235 -4.93 -20.07 -0.15
N ALA B 236 -3.88 -20.39 0.62
CA ALA B 236 -2.61 -20.80 0.02
C ALA B 236 -1.95 -21.94 0.79
N TYR B 237 -1.43 -22.90 0.04
CA TYR B 237 -0.48 -23.89 0.56
C TYR B 237 0.94 -23.56 0.13
N GLY B 238 1.74 -23.10 1.08
CA GLY B 238 3.13 -22.77 0.80
C GLY B 238 4.12 -23.81 1.30
N VAL B 239 5.39 -23.60 0.98
CA VAL B 239 6.47 -24.40 1.57
C VAL B 239 7.42 -23.54 2.37
N GLY B 240 8.46 -24.19 2.89
CA GLY B 240 9.57 -23.52 3.54
C GLY B 240 10.89 -24.12 3.12
N PRO B 241 12.00 -23.42 3.42
CA PRO B 241 13.28 -24.02 3.06
C PRO B 241 13.64 -25.11 4.05
N GLY B 242 14.56 -25.98 3.68
CA GLY B 242 15.09 -26.98 4.58
C GLY B 242 16.52 -26.66 4.99
N ASN B 243 16.94 -27.24 6.11
CA ASN B 243 18.36 -27.22 6.47
C ASN B 243 18.64 -28.44 7.31
N VAL B 244 18.60 -29.58 6.64
CA VAL B 244 18.34 -30.86 7.28
C VAL B 244 19.55 -31.36 8.03
N PRO B 245 19.47 -31.43 9.37
CA PRO B 245 20.54 -32.03 10.16
C PRO B 245 20.30 -33.52 10.36
N VAL B 246 21.35 -34.34 10.28
CA VAL B 246 21.19 -35.77 10.45
C VAL B 246 22.09 -36.28 11.56
N TYR B 247 21.47 -36.89 12.55
CA TYR B 247 22.18 -37.45 13.69
C TYR B 247 22.54 -38.92 13.45
N ILE B 248 23.82 -39.25 13.53
CA ILE B 248 24.24 -40.66 13.52
C ILE B 248 24.62 -41.09 14.93
N HIS B 249 23.74 -41.88 15.52
CA HIS B 249 23.94 -42.35 16.88
C HIS B 249 24.89 -43.53 16.87
N GLU B 250 25.58 -43.73 17.98
CA GLU B 250 26.63 -44.74 18.06
C GLU B 250 26.09 -46.16 17.83
N SER B 251 24.77 -46.32 17.94
CA SER B 251 24.14 -47.60 17.65
C SER B 251 23.83 -47.78 16.16
N ALA B 252 24.15 -46.78 15.35
CA ALA B 252 23.79 -46.80 13.92
C ALA B 252 24.56 -47.90 13.21
N ASN B 253 24.00 -48.43 12.12
CA ASN B 253 24.79 -49.21 11.18
C ASN B 253 25.55 -48.27 10.24
N ILE B 254 26.81 -48.00 10.55
CA ILE B 254 27.55 -46.91 9.91
C ILE B 254 27.74 -47.11 8.41
N ALA B 255 28.06 -48.33 8.00
CA ALA B 255 28.27 -48.62 6.60
C ALA B 255 26.98 -48.41 5.81
N LYS B 256 25.86 -48.82 6.38
CA LYS B 256 24.56 -48.73 5.74
C LYS B 256 24.13 -47.26 5.65
N ALA B 257 24.28 -46.54 6.75
CA ALA B 257 23.96 -45.12 6.82
C ALA B 257 24.69 -44.25 5.79
N VAL B 258 26.00 -44.44 5.67
CA VAL B 258 26.80 -43.62 4.75
C VAL B 258 26.30 -43.83 3.34
N GLN B 259 25.92 -45.07 3.04
CA GLN B 259 25.42 -45.41 1.72
C GLN B 259 24.12 -44.62 1.46
N LEU B 260 23.21 -44.65 2.43
CA LEU B 260 21.92 -43.96 2.29
C LEU B 260 22.10 -42.46 2.17
N ILE B 261 22.98 -41.92 3.02
CA ILE B 261 23.27 -40.49 3.06
C ILE B 261 23.88 -39.99 1.76
N ILE B 262 24.88 -40.71 1.25
CA ILE B 262 25.60 -40.28 0.06
C ILE B 262 24.64 -40.29 -1.13
N GLN B 263 23.82 -41.33 -1.24
CA GLN B 263 22.85 -41.42 -2.32
C GLN B 263 21.84 -40.27 -2.30
N SER B 264 21.38 -39.91 -1.11
CA SER B 264 20.37 -38.86 -0.98
C SER B 264 20.98 -37.51 -1.24
N LYS B 265 22.13 -37.27 -0.65
CA LYS B 265 22.80 -35.98 -0.74
C LYS B 265 23.25 -35.66 -2.17
N THR B 266 23.77 -36.65 -2.89
CA THR B 266 24.28 -36.41 -4.23
C THR B 266 23.23 -36.52 -5.31
N PHE B 267 21.99 -36.84 -4.92
CA PHE B 267 20.94 -36.99 -5.91
C PHE B 267 20.61 -35.67 -6.58
N ASP B 268 20.63 -35.65 -7.90
CA ASP B 268 20.50 -34.43 -8.68
C ASP B 268 21.42 -33.30 -8.20
N TYR B 269 22.60 -33.69 -7.73
CA TYR B 269 23.58 -32.82 -7.08
C TYR B 269 23.02 -31.92 -5.96
N GLY B 270 22.13 -32.48 -5.15
CA GLY B 270 21.74 -31.87 -3.89
C GLY B 270 20.69 -30.78 -3.96
N THR B 271 19.89 -30.76 -5.02
CA THR B 271 18.93 -29.69 -5.27
C THR B 271 17.65 -29.90 -4.48
N ILE B 272 17.47 -31.08 -3.91
CA ILE B 272 16.23 -31.43 -3.26
C ILE B 272 16.39 -30.93 -1.83
N ALA B 274 14.97 -31.38 1.17
CA ALA B 274 15.16 -32.44 2.17
C ALA B 274 16.55 -33.10 2.17
N SER B 275 17.46 -32.70 1.29
CA SER B 275 18.78 -33.32 1.22
C SER B 275 19.55 -32.95 2.48
N GLU B 276 20.40 -33.86 2.92
CA GLU B 276 21.25 -33.67 4.07
C GLU B 276 22.06 -32.39 3.94
N GLN B 277 22.25 -31.66 5.04
CA GLN B 277 23.06 -30.43 5.04
C GLN B 277 24.17 -30.47 6.10
N ALA B 278 23.92 -31.20 7.20
CA ALA B 278 24.96 -31.40 8.21
C ALA B 278 24.84 -32.79 8.84
N LEU B 279 25.98 -33.43 9.07
CA LEU B 279 26.01 -34.65 9.89
C LEU B 279 26.46 -34.39 11.31
N LEU B 280 25.71 -34.91 12.27
CA LEU B 280 26.08 -34.87 13.67
C LEU B 280 26.43 -36.29 14.09
N VAL B 281 27.68 -36.48 14.51
CA VAL B 281 28.27 -37.81 14.69
C VAL B 281 28.77 -37.98 16.11
N ASP B 282 28.33 -39.03 16.79
CA ASP B 282 28.84 -39.34 18.11
C ASP B 282 30.37 -39.43 18.06
N GLU B 283 30.99 -38.72 18.98
CA GLU B 283 32.45 -38.67 19.14
C GLU B 283 33.06 -40.07 19.16
N SER B 284 32.40 -40.94 19.91
CA SER B 284 32.82 -42.32 20.15
C SER B 284 32.95 -43.25 18.93
N ILE B 285 32.31 -42.89 17.81
CA ILE B 285 32.32 -43.68 16.57
C ILE B 285 32.85 -42.87 15.39
N LYS B 286 33.47 -41.77 15.73
CA LYS B 286 33.93 -40.74 14.80
C LYS B 286 34.92 -41.29 13.77
N GLU B 287 35.81 -42.16 14.20
CA GLU B 287 36.83 -42.67 13.29
C GLU B 287 36.30 -43.54 12.14
N LYS B 288 35.34 -44.42 12.42
CA LYS B 288 34.70 -45.26 11.39
C LYS B 288 33.91 -44.50 10.35
N VAL B 289 33.23 -43.47 10.79
CA VAL B 289 32.38 -42.72 9.90
C VAL B 289 33.24 -41.98 8.91
N VAL B 290 34.32 -41.39 9.38
CA VAL B 290 35.23 -40.70 8.48
C VAL B 290 35.75 -41.67 7.43
N ALA B 291 36.21 -42.83 7.88
CA ALA B 291 36.79 -43.80 6.97
C ALA B 291 35.80 -44.32 5.93
N GLU B 292 34.58 -44.59 6.39
CA GLU B 292 33.55 -45.10 5.51
C GLU B 292 33.15 -44.05 4.47
N LEU B 293 33.00 -42.81 4.93
CA LEU B 293 32.68 -41.70 4.03
C LEU B 293 33.73 -41.57 2.94
N LYS B 294 35.01 -41.60 3.31
CA LYS B 294 36.09 -41.46 2.33
C LYS B 294 36.07 -42.58 1.30
N GLN B 295 35.92 -43.81 1.79
CA GLN B 295 35.86 -44.98 0.92
C GLN B 295 34.71 -44.89 -0.09
N GLN B 296 33.56 -44.38 0.33
CA GLN B 296 32.38 -44.36 -0.53
C GLN B 296 32.25 -43.05 -1.33
N GLY B 297 33.34 -42.29 -1.39
CA GLY B 297 33.43 -41.16 -2.32
C GLY B 297 33.38 -39.76 -1.73
N ALA B 298 33.57 -39.63 -0.42
CA ALA B 298 33.56 -38.31 0.20
C ALA B 298 34.97 -37.76 0.31
N TYR B 299 35.13 -36.48 -0.01
CA TYR B 299 36.40 -35.79 0.17
C TYR B 299 36.41 -34.83 1.36
N PHE B 300 37.22 -35.12 2.37
CA PHE B 300 37.35 -34.23 3.53
C PHE B 300 38.30 -33.06 3.27
N LEU B 301 37.75 -31.84 3.27
CA LEU B 301 38.52 -30.63 3.02
C LEU B 301 39.45 -30.39 4.19
N ASN B 302 40.71 -30.03 3.96
CA ASN B 302 41.51 -29.60 5.11
C ASN B 302 41.06 -28.16 5.39
N GLU B 303 41.54 -27.58 6.49
CA GLU B 303 41.07 -26.26 6.91
C GLU B 303 41.16 -25.16 5.86
N GLU B 304 42.21 -25.19 5.03
CA GLU B 304 42.39 -24.16 4.02
C GLU B 304 41.46 -24.35 2.83
N GLU B 305 41.27 -25.59 2.41
CA GLU B 305 40.35 -25.91 1.34
C GLU B 305 38.96 -25.48 1.75
N LYS B 306 38.67 -25.61 3.04
CA LYS B 306 37.38 -25.23 3.58
C LYS B 306 37.13 -23.74 3.40
N GLN B 307 38.08 -22.90 3.77
CA GLN B 307 37.93 -21.46 3.56
C GLN B 307 37.71 -21.03 2.09
N LYS B 308 38.43 -21.61 1.12
CA LYS B 308 38.23 -21.21 -0.29
C LYS B 308 36.85 -21.63 -0.79
N VAL B 309 36.40 -22.82 -0.40
CA VAL B 309 35.06 -23.25 -0.77
C VAL B 309 34.05 -22.37 -0.04
N ALA B 310 34.28 -22.14 1.25
CA ALA B 310 33.42 -21.27 2.06
C ALA B 310 33.21 -19.91 1.40
N SER B 311 34.26 -19.39 0.78
CA SER B 311 34.25 -18.03 0.24
C SER B 311 33.41 -17.90 -1.02
N ILE B 312 33.06 -19.02 -1.65
CA ILE B 312 32.13 -18.98 -2.77
C ILE B 312 30.73 -19.46 -2.45
N ILE B 313 30.52 -19.92 -1.22
CA ILE B 313 29.20 -20.39 -0.83
C ILE B 313 28.22 -19.23 -0.80
N MET B 314 28.64 -18.11 -0.20
CA MET B 314 27.77 -16.95 -0.14
C MET B 314 28.29 -15.78 -0.95
N VAL B 315 27.37 -15.15 -1.66
CA VAL B 315 27.58 -13.81 -2.21
C VAL B 315 26.41 -12.91 -1.74
N ASN B 316 26.77 -11.74 -1.21
CA ASN B 316 25.83 -10.72 -0.73
C ASN B 316 24.85 -11.20 0.34
N GLY B 317 25.33 -12.00 1.27
CA GLY B 317 24.58 -12.30 2.47
C GLY B 317 23.66 -13.50 2.32
N SER B 318 23.70 -14.14 1.15
CA SER B 318 22.98 -15.39 0.95
C SER B 318 23.65 -16.32 -0.06
N LEU B 319 23.04 -17.46 -0.26
CA LEU B 319 23.56 -18.52 -1.11
C LEU B 319 23.84 -18.08 -2.55
N ASN B 320 25.03 -18.43 -3.01
CA ASN B 320 25.49 -18.19 -4.38
C ASN B 320 24.82 -19.15 -5.36
N ALA B 321 23.90 -18.63 -6.18
CA ALA B 321 23.19 -19.45 -7.16
C ALA B 321 24.10 -20.27 -8.09
N LYS B 322 25.32 -19.81 -8.31
CA LYS B 322 26.24 -20.44 -9.27
C LYS B 322 26.83 -21.79 -8.84
N ILE B 323 26.78 -22.11 -7.56
CA ILE B 323 27.25 -23.42 -7.08
C ILE B 323 26.11 -24.43 -6.93
N VAL B 324 24.89 -23.94 -6.94
CA VAL B 324 23.69 -24.76 -6.77
C VAL B 324 23.61 -25.90 -7.78
N GLY B 325 23.53 -27.14 -7.29
CA GLY B 325 23.29 -28.28 -8.16
C GLY B 325 24.44 -28.55 -9.12
N LYS B 326 25.64 -28.20 -8.70
CA LYS B 326 26.82 -28.34 -9.54
C LYS B 326 27.63 -29.55 -9.04
N ALA B 327 28.28 -30.26 -9.95
CA ALA B 327 29.09 -31.43 -9.56
C ALA B 327 30.25 -31.04 -8.64
N PRO B 328 30.67 -31.97 -7.75
CA PRO B 328 31.75 -31.67 -6.81
C PRO B 328 33.04 -31.16 -7.44
N GLN B 329 33.37 -31.68 -8.63
CA GLN B 329 34.57 -31.28 -9.34
C GLN B 329 34.45 -29.86 -9.88
N VAL B 330 33.23 -29.51 -10.28
CA VAL B 330 32.94 -28.16 -10.76
C VAL B 330 33.04 -27.16 -9.62
N ILE B 331 32.50 -27.52 -8.46
CA ILE B 331 32.58 -26.66 -7.29
C ILE B 331 34.04 -26.48 -6.92
N ALA B 332 34.79 -27.59 -6.95
CA ALA B 332 36.22 -27.58 -6.64
C ALA B 332 36.95 -26.58 -7.53
N GLU B 333 36.68 -26.63 -8.83
CA GLU B 333 37.32 -25.73 -9.79
C GLU B 333 37.00 -24.27 -9.49
N MET B 334 35.73 -23.99 -9.22
CA MET B 334 35.30 -22.62 -8.93
C MET B 334 36.01 -22.07 -7.70
N ALA B 335 36.28 -22.92 -6.72
CA ALA B 335 36.89 -22.48 -5.47
C ALA B 335 38.41 -22.44 -5.60
N GLY B 336 38.92 -23.06 -6.64
CA GLY B 336 40.36 -23.09 -6.89
C GLY B 336 41.07 -24.15 -6.08
N ILE B 337 40.40 -25.27 -5.82
CA ILE B 337 41.00 -26.39 -5.11
C ILE B 337 41.07 -27.62 -6.02
N GLU B 338 41.72 -28.68 -5.54
CA GLU B 338 42.05 -29.85 -6.36
C GLU B 338 41.64 -31.17 -5.70
N ILE B 339 40.73 -31.89 -6.35
CA ILE B 339 40.21 -33.15 -5.82
C ILE B 339 40.23 -34.26 -6.86
N PRO B 340 40.20 -35.54 -6.42
CA PRO B 340 40.12 -36.63 -7.39
C PRO B 340 38.83 -36.60 -8.20
N SER B 341 38.87 -37.16 -9.40
CA SER B 341 37.74 -37.10 -10.31
C SER B 341 36.63 -38.05 -9.89
N ASP B 342 36.93 -38.96 -8.98
CA ASP B 342 35.95 -39.95 -8.55
C ASP B 342 35.29 -39.54 -7.23
N VAL B 343 35.61 -38.35 -6.75
CA VAL B 343 34.99 -37.82 -5.55
C VAL B 343 33.53 -37.56 -5.85
N LYS B 344 32.64 -38.02 -4.98
CA LYS B 344 31.21 -37.86 -5.20
C LYS B 344 30.62 -36.67 -4.42
N LEU B 345 31.24 -36.30 -3.30
CA LEU B 345 30.77 -35.15 -2.55
C LEU B 345 31.88 -34.61 -1.65
N LEU B 346 31.75 -33.34 -1.30
CA LEU B 346 32.67 -32.68 -0.38
C LEU B 346 32.12 -32.61 1.05
N VAL B 347 33.01 -32.83 2.03
CA VAL B 347 32.66 -32.76 3.46
C VAL B 347 33.65 -31.84 4.19
N ALA B 348 33.13 -31.00 5.08
CA ALA B 348 33.95 -30.17 5.95
C ALA B 348 33.62 -30.29 7.42
N GLU B 349 34.67 -30.32 8.21
CA GLU B 349 34.53 -30.34 9.65
C GLU B 349 33.99 -28.99 10.08
N GLU B 350 33.10 -28.95 11.08
CA GLU B 350 32.52 -27.68 11.47
C GLU B 350 32.19 -27.69 12.96
N THR B 351 32.22 -26.52 13.59
CA THR B 351 31.88 -26.37 15.00
C THR B 351 30.78 -25.34 15.24
N GLU B 352 30.69 -24.37 14.33
CA GLU B 352 29.77 -23.24 14.48
C GLU B 352 28.52 -23.34 13.63
N VAL B 353 27.49 -22.61 14.05
CA VAL B 353 26.22 -22.56 13.33
C VAL B 353 25.74 -21.12 13.21
N GLY B 354 25.38 -20.73 12.00
CA GLY B 354 24.85 -19.40 11.74
C GLY B 354 25.08 -18.95 10.31
N LYS B 355 24.42 -17.84 9.93
CA LYS B 355 24.55 -17.30 8.58
C LYS B 355 25.99 -16.89 8.27
N GLU B 356 26.76 -16.57 9.30
CA GLU B 356 28.13 -16.14 9.12
C GLU B 356 29.09 -17.34 8.98
N TYR B 357 28.52 -18.54 9.02
CA TYR B 357 29.28 -19.78 8.91
C TYR B 357 28.73 -20.55 7.72
N PRO B 358 29.24 -20.26 6.52
CA PRO B 358 28.66 -20.74 5.26
C PRO B 358 28.40 -22.25 5.25
N PHE B 359 29.20 -23.03 5.95
CA PHE B 359 29.01 -24.48 5.94
C PHE B 359 27.82 -24.92 6.79
N SER B 360 27.28 -23.99 7.58
CA SER B 360 26.17 -24.32 8.46
C SER B 360 24.79 -24.02 7.87
N ILE B 361 24.75 -23.36 6.71
CA ILE B 361 23.48 -23.03 6.06
C ILE B 361 23.06 -24.09 5.05
N GLU B 362 21.89 -23.90 4.45
CA GLU B 362 21.44 -24.77 3.37
C GLU B 362 22.26 -24.50 2.12
N LYS B 363 22.90 -25.54 1.60
CA LYS B 363 23.90 -25.37 0.56
C LYS B 363 23.41 -25.76 -0.84
N LEU B 364 22.36 -26.58 -0.91
CA LEU B 364 21.77 -27.02 -2.17
C LEU B 364 22.80 -27.51 -3.20
N SER B 365 23.75 -28.32 -2.73
CA SER B 365 24.85 -28.79 -3.57
C SER B 365 25.53 -29.94 -2.86
N PRO B 366 26.39 -30.69 -3.57
CA PRO B 366 27.04 -31.84 -2.93
C PRO B 366 28.10 -31.43 -1.89
N ILE B 367 27.71 -30.61 -0.92
CA ILE B 367 28.59 -30.22 0.17
C ILE B 367 27.94 -30.53 1.51
N LEU B 368 28.69 -31.16 2.40
CA LEU B 368 28.22 -31.49 3.74
C LEU B 368 29.08 -30.89 4.85
N ALA B 369 28.42 -30.43 5.91
CA ALA B 369 29.10 -30.10 7.16
C ALA B 369 29.17 -31.34 8.04
N PHE B 370 30.19 -31.41 8.88
CA PHE B 370 30.45 -32.57 9.74
C PHE B 370 30.67 -32.08 11.18
N TYR B 371 29.68 -32.27 12.05
CA TYR B 371 29.79 -31.87 13.45
C TYR B 371 29.97 -33.06 14.35
N ILE B 372 30.94 -32.98 15.25
CA ILE B 372 31.10 -33.97 16.31
C ILE B 372 30.30 -33.62 17.56
N VAL B 373 29.65 -34.63 18.15
CA VAL B 373 28.84 -34.43 19.35
C VAL B 373 29.18 -35.51 20.37
N LYS B 374 29.04 -35.19 21.65
CA LYS B 374 29.38 -36.12 22.73
C LYS B 374 28.29 -37.19 22.84
N GLY B 375 27.05 -36.78 22.66
CA GLY B 375 25.93 -37.70 22.70
C GLY B 375 24.63 -37.10 22.22
N MET B 376 23.53 -37.79 22.50
CA MET B 376 22.21 -37.39 22.05
C MET B 376 21.76 -35.99 22.41
N GLU B 377 22.05 -35.58 23.65
CA GLU B 377 21.53 -34.30 24.13
C GLU B 377 22.20 -33.16 23.38
N GLU B 378 23.50 -33.28 23.14
CA GLU B 378 24.23 -32.24 22.40
C GLU B 378 23.82 -32.21 20.93
N ALA B 379 23.49 -33.37 20.35
CA ALA B 379 23.00 -33.41 18.98
C ALA B 379 21.72 -32.60 18.91
N SER B 380 20.83 -32.84 19.86
CA SER B 380 19.54 -32.16 19.91
C SER B 380 19.69 -30.64 20.05
N GLU B 381 20.62 -30.18 20.88
CA GLU B 381 20.83 -28.74 21.03
C GLU B 381 21.17 -28.17 19.67
N LEU B 382 22.21 -28.74 19.08
CA LEU B 382 22.72 -28.34 17.78
C LEU B 382 21.70 -28.51 16.67
N ALA B 383 20.98 -29.63 16.68
CA ALA B 383 19.94 -29.86 15.70
C ALA B 383 18.94 -28.70 15.68
N GLN B 384 18.55 -28.22 16.85
CA GLN B 384 17.60 -27.11 16.97
C GLN B 384 18.17 -25.83 16.38
N LYS B 385 19.44 -25.58 16.68
CA LYS B 385 20.18 -24.43 16.18
C LYS B 385 20.28 -24.42 14.65
N LEU B 386 20.58 -25.56 14.05
CA LEU B 386 20.69 -25.62 12.60
C LEU B 386 19.36 -25.35 11.92
N LEU B 387 18.29 -25.95 12.44
CA LEU B 387 16.93 -25.69 11.95
C LEU B 387 16.53 -24.22 12.01
N GLU B 388 16.89 -23.58 13.11
CA GLU B 388 16.60 -22.15 13.30
C GLU B 388 17.28 -21.28 12.24
N VAL B 389 18.35 -21.77 11.63
CA VAL B 389 18.91 -21.12 10.44
C VAL B 389 18.24 -21.57 9.15
N GLY B 390 16.96 -21.27 9.00
CA GLY B 390 16.30 -21.44 7.72
C GLY B 390 15.84 -22.85 7.43
N GLY B 391 15.49 -23.62 8.46
CA GLY B 391 15.00 -24.97 8.27
C GLY B 391 13.79 -25.39 9.08
N LEU B 392 13.20 -24.47 9.85
CA LEU B 392 12.12 -24.84 10.75
C LEU B 392 10.93 -25.50 10.05
N GLY B 393 10.52 -26.65 10.56
CA GLY B 393 9.28 -27.30 10.15
C GLY B 393 9.45 -28.24 8.97
N HIS B 394 10.66 -28.30 8.41
CA HIS B 394 10.87 -29.03 7.18
C HIS B 394 11.25 -30.48 7.46
N THR B 395 12.54 -30.77 7.57
CA THR B 395 13.01 -32.15 7.70
C THR B 395 14.22 -32.30 8.62
N VAL B 396 14.21 -33.38 9.38
CA VAL B 396 15.39 -33.85 10.11
C VAL B 396 15.62 -35.32 9.84
N GLY B 397 16.84 -35.81 10.08
CA GLY B 397 17.14 -37.23 9.96
C GLY B 397 17.85 -37.82 11.17
N ILE B 398 17.69 -39.12 11.36
CA ILE B 398 18.47 -39.84 12.35
C ILE B 398 18.77 -41.28 11.91
N HIS B 399 19.98 -41.75 12.18
CA HIS B 399 20.37 -43.13 11.94
C HIS B 399 20.72 -43.81 13.25
N ALA B 400 19.97 -44.85 13.61
CA ALA B 400 20.15 -45.50 14.90
C ALA B 400 19.40 -46.82 14.98
N GLU B 401 19.89 -47.71 15.84
CA GLU B 401 19.28 -49.01 16.07
C GLU B 401 18.68 -49.16 17.48
N ASP B 402 18.80 -48.13 18.30
CA ASP B 402 18.24 -48.16 19.65
C ASP B 402 16.92 -47.40 19.55
N GLU B 403 15.80 -48.12 19.68
CA GLU B 403 14.47 -47.53 19.53
C GLU B 403 14.16 -46.45 20.56
N LYS B 404 14.63 -46.65 21.79
CA LYS B 404 14.47 -45.68 22.86
C LYS B 404 15.14 -44.35 22.54
N VAL B 405 16.38 -44.43 22.06
CA VAL B 405 17.15 -43.25 21.67
C VAL B 405 16.49 -42.53 20.51
N ILE B 406 15.96 -43.29 19.56
CA ILE B 406 15.32 -42.71 18.38
C ILE B 406 14.09 -41.94 18.83
N GLU B 407 13.32 -42.57 19.69
CA GLU B 407 12.10 -41.99 20.22
C GLU B 407 12.38 -40.73 21.03
N ALA B 408 13.38 -40.77 21.89
CA ALA B 408 13.69 -39.63 22.75
C ALA B 408 14.22 -38.46 21.93
N TYR B 409 14.98 -38.77 20.88
CA TYR B 409 15.56 -37.72 20.03
C TYR B 409 14.55 -37.06 19.12
N THR B 410 13.67 -37.85 18.53
CA THR B 410 12.80 -37.36 17.47
C THR B 410 11.61 -36.59 18.01
N ILE B 411 11.18 -36.95 19.21
CA ILE B 411 9.89 -36.51 19.72
C ILE B 411 9.66 -35.00 19.64
N ASP B 412 10.68 -34.23 19.94
CA ASP B 412 10.54 -32.78 20.07
C ASP B 412 11.17 -31.94 18.95
N LYS B 413 11.38 -32.54 17.79
CA LYS B 413 11.98 -31.82 16.68
C LYS B 413 10.92 -31.13 15.83
N PRO B 414 11.06 -29.80 15.61
CA PRO B 414 10.09 -29.09 14.77
C PRO B 414 10.31 -29.34 13.28
N ALA B 415 9.91 -30.51 12.81
CA ALA B 415 9.96 -30.86 11.40
C ALA B 415 8.79 -31.78 11.06
N GLY B 416 8.16 -31.53 9.91
CA GLY B 416 7.06 -32.37 9.46
C GLY B 416 7.49 -33.75 9.04
N ARG B 417 8.71 -33.85 8.53
CA ARG B 417 9.29 -35.15 8.21
C ARG B 417 10.49 -35.45 9.07
N ILE B 418 10.37 -36.47 9.90
CA ILE B 418 11.46 -36.88 10.76
C ILE B 418 11.91 -38.27 10.30
N VAL B 419 12.96 -38.32 9.48
CA VAL B 419 13.34 -39.52 8.73
C VAL B 419 14.32 -40.42 9.52
N VAL B 420 13.93 -41.66 9.74
CA VAL B 420 14.74 -42.62 10.50
C VAL B 420 15.30 -43.70 9.57
N ASN B 421 16.63 -43.86 9.60
CA ASN B 421 17.33 -44.90 8.84
C ASN B 421 16.99 -44.88 7.35
N ALA B 422 17.09 -43.70 6.74
CA ALA B 422 16.84 -43.52 5.32
C ALA B 422 17.48 -42.23 4.86
N GLY B 423 17.69 -42.11 3.54
CA GLY B 423 18.18 -40.85 3.01
C GLY B 423 17.07 -39.82 3.11
N THR B 424 17.40 -38.60 3.48
CA THR B 424 16.36 -37.62 3.79
C THR B 424 15.74 -37.06 2.52
N THR B 425 16.51 -37.05 1.44
CA THR B 425 15.97 -36.67 0.13
C THR B 425 14.80 -37.57 -0.22
N PHE B 426 15.07 -38.87 -0.29
CA PHE B 426 14.07 -39.85 -0.69
C PHE B 426 13.04 -40.08 0.40
N GLY B 427 13.44 -39.87 1.64
CA GLY B 427 12.53 -39.97 2.77
C GLY B 427 11.56 -38.80 2.84
N GLY B 428 12.08 -37.58 2.69
CA GLY B 428 11.27 -36.39 2.83
C GLY B 428 10.07 -36.41 1.91
N ILE B 429 10.31 -36.82 0.68
CA ILE B 429 9.29 -36.78 -0.37
C ILE B 429 8.40 -38.04 -0.39
N GLY B 430 8.78 -39.06 0.37
CA GLY B 430 7.96 -40.26 0.50
C GLY B 430 8.29 -41.39 -0.47
N ALA B 431 9.49 -41.32 -1.04
CA ALA B 431 9.99 -42.40 -1.89
C ALA B 431 10.33 -43.69 -1.12
N THR B 432 11.11 -43.56 -0.04
CA THR B 432 11.66 -44.72 0.69
C THR B 432 11.14 -44.88 2.12
N VAL B 433 10.31 -43.95 2.56
CA VAL B 433 9.55 -44.12 3.80
C VAL B 433 8.10 -43.84 3.47
N ASN B 434 7.20 -44.35 4.32
CA ASN B 434 5.78 -44.28 4.02
C ASN B 434 5.13 -42.97 4.51
N VAL B 435 5.58 -41.84 3.96
CA VAL B 435 4.80 -40.63 3.95
C VAL B 435 4.24 -40.46 2.55
N LYS B 436 3.24 -39.59 2.39
CA LYS B 436 2.60 -39.40 1.10
C LYS B 436 3.58 -38.86 0.04
N PRO B 437 3.67 -39.51 -1.13
CA PRO B 437 4.54 -38.99 -2.20
C PRO B 437 4.23 -37.54 -2.61
N SER B 438 5.24 -36.66 -2.57
CA SER B 438 5.00 -35.24 -2.81
C SER B 438 6.28 -34.47 -3.11
N LEU B 439 6.17 -33.39 -3.89
CA LEU B 439 7.27 -32.45 -4.08
C LEU B 439 6.94 -31.06 -3.56
N THR B 440 5.92 -30.96 -2.71
CA THR B 440 5.57 -29.71 -2.07
C THR B 440 5.43 -29.93 -0.56
N LEU B 441 6.50 -29.65 0.18
CA LEU B 441 6.58 -30.03 1.59
C LEU B 441 6.27 -28.88 2.52
N GLY B 442 5.04 -28.88 3.02
CA GLY B 442 4.57 -27.91 4.00
C GLY B 442 5.38 -27.96 5.28
N CYS B 443 5.73 -26.79 5.79
CA CYS B 443 6.51 -26.68 7.01
C CYS B 443 5.71 -26.26 8.24
N GLY B 444 4.39 -26.37 8.18
CA GLY B 444 3.54 -26.12 9.33
C GLY B 444 3.54 -24.66 9.76
N ALA B 445 2.87 -24.36 10.86
CA ALA B 445 2.80 -22.99 11.36
C ALA B 445 4.17 -22.39 11.69
N ILE B 446 5.05 -23.22 12.24
CA ILE B 446 6.39 -22.77 12.61
C ILE B 446 7.22 -22.33 11.39
N GLY B 447 6.89 -22.88 10.23
CA GLY B 447 7.53 -22.52 8.97
C GLY B 447 6.67 -21.58 8.15
N ASN B 448 5.64 -21.01 8.78
CA ASN B 448 4.72 -20.08 8.12
C ASN B 448 3.86 -20.72 7.01
N ASN B 449 3.42 -21.94 7.26
CA ASN B 449 2.58 -22.70 6.32
C ASN B 449 1.32 -23.14 7.03
N ILE B 450 0.26 -23.39 6.27
CA ILE B 450 -1.00 -23.77 6.89
C ILE B 450 -0.99 -25.26 7.29
N THR B 451 -0.12 -26.05 6.66
CA THR B 451 0.03 -27.46 7.04
C THR B 451 1.49 -27.94 6.99
N SER B 452 1.77 -28.99 7.76
CA SER B 452 3.07 -29.67 7.74
C SER B 452 3.03 -30.90 6.85
N ASP B 453 1.89 -31.16 6.23
CA ASP B 453 1.75 -32.37 5.41
C ASP B 453 2.56 -32.27 4.12
N ASN B 454 2.93 -33.45 3.59
CA ASN B 454 3.23 -33.60 2.18
C ASN B 454 1.97 -33.37 1.40
N VAL B 455 1.94 -32.28 0.64
CA VAL B 455 0.72 -31.85 -0.02
C VAL B 455 0.32 -32.87 -1.09
N THR B 456 -0.96 -33.20 -1.14
CA THR B 456 -1.44 -34.24 -2.03
C THR B 456 -2.88 -33.96 -2.44
N VAL B 457 -3.49 -34.93 -3.10
CA VAL B 457 -4.80 -34.73 -3.74
C VAL B 457 -5.91 -34.33 -2.76
N THR B 458 -5.85 -34.81 -1.53
CA THR B 458 -6.89 -34.50 -0.56
C THR B 458 -6.85 -33.04 -0.12
N HIS B 459 -5.73 -32.38 -0.40
CA HIS B 459 -5.60 -30.96 -0.14
C HIS B 459 -6.23 -30.09 -1.22
N LEU B 460 -6.68 -30.69 -2.32
CA LEU B 460 -7.15 -29.91 -3.46
C LEU B 460 -8.62 -30.11 -3.78
N PHE B 461 -9.36 -30.63 -2.83
CA PHE B 461 -10.82 -30.53 -2.90
C PHE B 461 -11.37 -30.32 -1.49
N ASN B 462 -12.45 -29.54 -1.39
CA ASN B 462 -13.13 -29.32 -0.11
C ASN B 462 -14.16 -30.44 0.10
N ILE B 463 -14.45 -30.75 1.36
CA ILE B 463 -15.49 -31.71 1.70
C ILE B 463 -16.82 -31.09 2.15
N LYS B 464 -17.91 -31.49 1.48
CA LYS B 464 -19.27 -31.15 1.90
C LYS B 464 -19.89 -32.32 2.65
N ARG B 465 -20.57 -31.98 3.74
CA ARG B 465 -21.15 -32.99 4.59
C ARG B 465 -22.66 -32.92 4.57
N VAL B 466 -23.28 -34.01 4.15
CA VAL B 466 -24.73 -34.14 4.22
C VAL B 466 -25.00 -34.86 5.52
N ALA B 467 -25.69 -34.17 6.43
CA ALA B 467 -25.90 -34.69 7.76
C ALA B 467 -27.35 -34.53 8.14
N PHE B 468 -27.89 -35.57 8.76
CA PHE B 468 -29.31 -35.61 9.09
C PHE B 468 -29.57 -35.21 10.53
N GLY B 469 -30.70 -34.58 10.79
CA GLY B 469 -31.05 -34.27 12.15
C GLY B 469 -31.15 -35.57 12.89
N VAL B 470 -30.40 -35.67 13.98
CA VAL B 470 -30.35 -36.88 14.81
C VAL B 470 -30.47 -36.54 16.29
N ARG B 471 -30.50 -35.24 16.59
CA ARG B 471 -30.63 -34.74 17.96
C ARG B 471 -31.58 -33.56 18.11
N GLU B 472 -32.05 -33.38 19.35
CA GLU B 472 -32.94 -32.29 19.71
C GLU B 472 -32.18 -31.19 20.44
N MET B 473 -32.53 -29.96 20.07
CA MET B 473 -31.97 -28.75 20.66
C MET B 473 -32.90 -28.60 21.86
N PRO B 474 -32.35 -28.38 23.06
CA PRO B 474 -33.43 -28.15 24.03
C PRO B 474 -34.10 -26.80 23.84
N LYS B 475 -35.35 -26.79 24.27
CA LYS B 475 -36.19 -25.61 24.29
C LYS B 475 -36.28 -24.69 25.53
N LYS B 476 -36.24 -25.25 26.74
CA LYS B 476 -36.11 -24.44 27.96
C LYS B 476 -34.93 -24.82 28.87
N VAL B 477 -34.29 -23.81 29.45
CA VAL B 477 -33.16 -24.04 30.34
C VAL B 477 -33.65 -24.31 31.76
N SER C 23 0.05 -1.31 31.00
CA SER C 23 -0.51 -0.93 29.71
C SER C 23 -0.44 0.58 29.51
N MET C 24 0.69 1.17 29.88
CA MET C 24 1.00 2.54 29.52
C MET C 24 2.02 2.49 28.40
N LEU C 25 1.83 3.34 27.40
CA LEU C 25 2.68 3.33 26.24
C LEU C 25 4.16 3.29 26.63
N ARG C 26 4.83 2.24 26.19
CA ARG C 26 6.25 2.00 26.48
C ARG C 26 7.22 2.12 25.29
N ASP C 27 6.79 1.72 24.10
CA ASP C 27 7.71 1.68 22.96
C ASP C 27 7.96 3.06 22.37
N ILE C 28 9.15 3.17 21.79
CA ILE C 28 9.69 4.46 21.35
C ILE C 28 9.00 4.97 20.10
N ASP C 29 8.64 4.07 19.20
CA ASP C 29 7.88 4.47 18.02
C ASP C 29 6.56 5.07 18.49
N LEU C 30 5.89 4.38 19.40
CA LEU C 30 4.58 4.82 19.90
C LEU C 30 4.62 6.09 20.75
N GLN C 31 5.62 6.22 21.59
CA GLN C 31 5.79 7.42 22.39
C GLN C 31 6.02 8.66 21.55
N SER C 32 6.83 8.50 20.51
CA SER C 32 7.16 9.61 19.65
C SER C 32 5.96 10.11 18.86
N ILE C 33 5.09 9.20 18.43
CA ILE C 33 3.85 9.59 17.78
C ILE C 33 3.00 10.43 18.71
N GLN C 34 2.84 10.00 19.95
CA GLN C 34 2.11 10.77 20.94
C GLN C 34 2.70 12.18 21.04
N GLU C 35 4.03 12.27 21.06
CA GLU C 35 4.75 13.56 21.16
C GLU C 35 4.44 14.50 20.00
N VAL C 36 4.52 14.00 18.78
CA VAL C 36 4.20 14.78 17.59
C VAL C 36 2.78 15.32 17.63
N ARG C 37 1.87 14.47 18.06
CA ARG C 37 0.47 14.86 18.10
C ARG C 37 0.25 16.00 19.08
N ASN C 38 0.91 15.96 20.23
CA ASN C 38 0.80 17.05 21.21
C ASN C 38 1.35 18.35 20.66
N TYR C 39 2.50 18.28 20.00
CA TYR C 39 3.11 19.46 19.43
C TYR C 39 2.19 20.11 18.39
N LEU C 40 1.60 19.30 17.53
CA LEU C 40 0.72 19.81 16.48
C LEU C 40 -0.48 20.50 17.10
N GLU C 41 -1.09 19.91 18.12
CA GLU C 41 -2.23 20.54 18.79
C GLU C 41 -1.88 21.90 19.37
N GLU C 42 -0.70 21.98 19.97
CA GLU C 42 -0.21 23.23 20.57
C GLU C 42 0.19 24.28 19.53
N ALA C 43 0.77 23.83 18.41
CA ALA C 43 1.20 24.73 17.35
C ALA C 43 0.02 25.43 16.65
N LYS C 44 -1.04 24.67 16.42
CA LYS C 44 -2.26 25.21 15.82
C LYS C 44 -2.82 26.37 16.61
N ALA C 45 -2.96 26.15 17.92
CA ALA C 45 -3.45 27.17 18.83
C ALA C 45 -2.50 28.37 18.88
N ALA C 46 -1.21 28.09 18.93
CA ALA C 46 -0.21 29.14 18.92
C ALA C 46 -0.26 29.98 17.64
N GLN C 47 -0.40 29.32 16.50
CA GLN C 47 -0.34 30.02 15.20
C GLN C 47 -1.55 30.92 15.01
N LYS C 48 -2.71 30.50 15.52
CA LYS C 48 -3.91 31.33 15.48
C LYS C 48 -3.68 32.63 16.21
N ILE C 49 -3.02 32.56 17.37
CA ILE C 49 -2.71 33.75 18.13
C ILE C 49 -1.71 34.60 17.36
N LEU C 50 -0.66 33.96 16.85
CA LEU C 50 0.39 34.68 16.15
C LEU C 50 -0.12 35.39 14.91
N GLU C 51 -1.07 34.78 14.22
CA GLU C 51 -1.55 35.31 12.96
C GLU C 51 -2.27 36.64 13.15
N LYS C 52 -2.74 36.88 14.38
CA LYS C 52 -3.47 38.09 14.70
C LYS C 52 -2.59 39.28 15.07
N MET C 53 -1.30 39.03 15.26
CA MET C 53 -0.39 40.11 15.66
C MET C 53 -0.04 41.06 14.52
N THR C 54 0.43 42.24 14.91
CA THR C 54 0.79 43.27 13.95
C THR C 54 2.18 43.01 13.40
N GLN C 55 2.56 43.76 12.37
CA GLN C 55 3.90 43.66 11.81
C GLN C 55 4.96 43.95 12.86
N SER C 56 4.70 44.94 13.71
CA SER C 56 5.71 45.37 14.68
C SER C 56 5.85 44.35 15.79
N GLU C 57 4.74 43.74 16.15
CA GLU C 57 4.73 42.68 17.16
C GLU C 57 5.49 41.46 16.68
N ILE C 58 5.21 41.07 15.44
CA ILE C 58 5.95 40.00 14.77
C ILE C 58 7.45 40.32 14.69
N ASP C 59 7.79 41.54 14.27
CA ASP C 59 9.20 41.89 14.03
C ASP C 59 10.01 41.90 15.33
N LYS C 60 9.39 42.26 16.44
CA LYS C 60 10.06 42.21 17.74
C LYS C 60 10.41 40.77 18.12
N ILE C 61 9.47 39.87 17.88
CA ILE C 61 9.69 38.44 18.13
C ILE C 61 10.84 37.92 17.28
N VAL C 62 10.83 38.24 15.99
CA VAL C 62 11.87 37.76 15.09
C VAL C 62 13.24 38.31 15.48
N GLU C 63 13.28 39.57 15.89
CA GLU C 63 14.52 40.20 16.30
C GLU C 63 15.14 39.55 17.53
N SER C 64 14.29 39.24 18.50
CA SER C 64 14.73 38.56 19.71
C SER C 64 15.33 37.20 19.39
N MET C 65 14.70 36.47 18.48
CA MET C 65 15.20 35.16 18.08
C MET C 65 16.58 35.26 17.42
N ALA C 66 16.72 36.21 16.49
CA ALA C 66 17.98 36.37 15.77
C ALA C 66 19.09 36.79 16.72
N ASN C 67 18.76 37.67 17.65
CA ASN C 67 19.70 38.11 18.66
C ASN C 67 20.07 36.96 19.58
N ALA C 68 19.06 36.18 19.98
CA ALA C 68 19.26 34.98 20.78
C ALA C 68 20.15 33.95 20.10
N ALA C 69 19.94 33.79 18.80
CA ALA C 69 20.76 32.88 17.99
C ALA C 69 22.20 33.35 18.01
N ARG C 70 22.36 34.66 17.92
CA ARG C 70 23.66 35.29 17.92
C ARG C 70 24.48 35.02 19.18
N GLU C 71 23.83 35.09 20.35
CA GLU C 71 24.52 34.79 21.59
C GLU C 71 24.91 33.33 21.75
N GLU C 72 24.06 32.42 21.27
CA GLU C 72 24.27 30.99 21.49
C GLU C 72 24.98 30.31 20.33
N ALA C 73 25.33 31.08 19.31
CA ALA C 73 25.84 30.51 18.06
C ALA C 73 27.09 29.66 18.25
N GLY C 74 27.94 30.05 19.18
CA GLY C 74 29.17 29.33 19.42
C GLY C 74 28.92 28.06 20.21
N ARG C 75 28.10 28.16 21.25
CA ARG C 75 27.78 27.00 22.07
C ARG C 75 27.11 25.92 21.23
N LEU C 76 26.12 26.33 20.44
CA LEU C 76 25.41 25.39 19.57
C LEU C 76 26.35 24.82 18.53
N ALA C 77 27.26 25.64 18.04
CA ALA C 77 28.26 25.16 17.11
C ALA C 77 29.05 24.03 17.77
N ALA C 78 29.51 24.27 19.00
CA ALA C 78 30.31 23.30 19.75
C ALA C 78 29.52 22.04 20.07
N MET C 79 28.24 22.22 20.41
CA MET C 79 27.33 21.10 20.62
C MET C 79 27.22 20.23 19.37
N ALA C 80 27.11 20.88 18.22
CA ALA C 80 26.92 20.17 16.97
C ALA C 80 28.17 19.36 16.63
N VAL C 81 29.34 19.96 16.84
CA VAL C 81 30.60 19.26 16.60
C VAL C 81 30.71 18.04 17.50
N GLU C 82 30.43 18.24 18.78
CA GLU C 82 30.46 17.18 19.78
C GLU C 82 29.54 16.00 19.44
N GLU C 83 28.32 16.30 19.04
CA GLU C 83 27.31 15.27 18.83
C GLU C 83 27.44 14.55 17.48
N THR C 84 27.81 15.28 16.42
CA THR C 84 27.85 14.71 15.06
C THR C 84 29.24 14.25 14.59
N GLY C 85 30.29 14.74 15.23
CA GLY C 85 31.65 14.52 14.77
C GLY C 85 32.04 15.17 13.45
N PHE C 86 31.15 15.99 12.89
CA PHE C 86 31.41 16.70 11.65
C PHE C 86 32.05 18.06 11.90
N GLY C 87 33.00 18.45 11.05
CA GLY C 87 33.41 19.84 10.98
C GLY C 87 34.26 20.31 12.14
N ASN C 88 34.15 21.60 12.43
CA ASN C 88 34.93 22.26 13.48
C ASN C 88 34.10 23.38 14.08
N VAL C 89 34.45 23.79 15.29
CA VAL C 89 33.59 24.69 16.04
C VAL C 89 33.53 26.12 15.49
N GLU C 90 34.67 26.65 15.07
CA GLU C 90 34.73 27.99 14.51
C GLU C 90 33.82 28.16 13.30
N ASP C 91 33.91 27.23 12.36
CA ASP C 91 33.12 27.31 11.14
C ASP C 91 31.62 27.07 11.41
N LYS C 92 31.27 26.13 12.28
CA LYS C 92 29.86 25.99 12.64
C LYS C 92 29.35 27.23 13.36
N THR C 93 30.21 27.91 14.11
CA THR C 93 29.82 29.14 14.78
C THR C 93 29.44 30.18 13.72
N LEU C 94 30.27 30.28 12.68
CA LEU C 94 30.00 31.17 11.56
C LEU C 94 28.74 30.76 10.80
N LYS C 95 28.54 29.45 10.69
CA LYS C 95 27.33 28.90 10.06
C LYS C 95 26.06 29.33 10.76
N ASN C 96 26.04 29.25 12.09
CA ASN C 96 24.91 29.73 12.87
C ASN C 96 24.66 31.24 12.71
N LEU C 97 25.74 32.01 12.66
CA LEU C 97 25.62 33.46 12.50
C LEU C 97 25.06 33.89 11.16
N PHE C 98 25.40 33.15 10.10
CA PHE C 98 24.81 33.36 8.78
C PHE C 98 23.28 33.35 8.85
N ALA C 99 22.74 32.35 9.53
CA ALA C 99 21.30 32.24 9.72
C ALA C 99 20.81 33.33 10.66
N ALA C 100 21.61 33.64 11.69
CA ALA C 100 21.20 34.64 12.67
C ALA C 100 21.35 36.08 12.17
N ASN C 101 22.21 36.29 11.18
CA ASN C 101 22.48 37.65 10.71
C ASN C 101 22.01 37.95 9.29
N ASP C 102 22.59 37.22 8.33
CA ASP C 102 22.27 37.43 6.92
C ASP C 102 20.82 37.11 6.59
N VAL C 103 20.35 35.94 7.05
CA VAL C 103 18.97 35.56 6.81
C VAL C 103 18.07 36.58 7.47
N TYR C 104 18.39 36.93 8.71
CA TYR C 104 17.59 37.87 9.48
C TYR C 104 17.50 39.21 8.76
N ASN C 105 18.62 39.67 8.22
CA ASN C 105 18.65 40.95 7.53
C ASN C 105 17.88 40.91 6.23
N SER C 106 17.84 39.74 5.60
CA SER C 106 17.17 39.59 4.31
C SER C 106 15.66 39.55 4.43
N ILE C 107 15.16 39.37 5.66
CA ILE C 107 13.73 39.23 5.89
C ILE C 107 13.16 40.24 6.88
N LYS C 108 14.02 40.91 7.62
CA LYS C 108 13.54 41.71 8.74
C LYS C 108 12.66 42.84 8.24
N ASP C 109 12.95 43.34 7.05
CA ASP C 109 12.17 44.42 6.47
C ASP C 109 11.09 44.01 5.47
N VAL C 110 10.84 42.70 5.37
CA VAL C 110 9.79 42.22 4.47
C VAL C 110 8.41 42.35 5.10
N LYS C 111 7.44 42.89 4.38
CA LYS C 111 6.09 42.98 4.91
C LYS C 111 5.41 41.63 4.78
N THR C 112 4.91 41.13 5.90
CA THR C 112 4.33 39.80 5.98
C THR C 112 2.97 39.91 6.66
N VAL C 113 2.64 41.12 7.12
CA VAL C 113 1.36 41.34 7.78
C VAL C 113 0.44 42.25 6.99
N GLY C 114 -0.80 41.81 6.85
CA GLY C 114 -1.83 42.60 6.22
C GLY C 114 -1.61 42.78 4.74
N ILE C 115 -1.93 43.97 4.29
CA ILE C 115 -1.80 44.35 2.90
C ILE C 115 -0.34 44.65 2.65
N ILE C 116 0.24 43.92 1.72
CA ILE C 116 1.68 44.00 1.47
C ILE C 116 1.91 44.71 0.15
N ARG C 117 0.84 44.87 -0.63
CA ARG C 117 0.95 45.58 -1.89
C ARG C 117 -0.37 46.16 -2.34
N ARG C 118 -0.34 47.41 -2.78
CA ARG C 118 -1.49 48.08 -3.37
C ARG C 118 -1.13 48.50 -4.80
N ASP C 119 -1.97 48.13 -5.76
CA ASP C 119 -1.81 48.58 -7.14
C ASP C 119 -3.06 49.37 -7.44
N GLU C 120 -2.92 50.68 -7.32
CA GLU C 120 -4.05 51.59 -7.31
C GLU C 120 -4.74 51.66 -8.68
N GLU C 121 -3.92 51.71 -9.74
CA GLU C 121 -4.44 51.89 -11.09
C GLU C 121 -5.02 50.62 -11.71
N ASN C 122 -4.48 49.46 -11.33
CA ASN C 122 -5.02 48.19 -11.80
C ASN C 122 -6.14 47.67 -10.92
N ARG C 123 -6.37 48.36 -9.80
CA ARG C 123 -7.41 48.03 -8.84
C ARG C 123 -7.27 46.62 -8.26
N VAL C 124 -6.07 46.33 -7.75
CA VAL C 124 -5.78 45.03 -7.14
C VAL C 124 -4.86 45.29 -5.95
N TRP C 125 -5.08 44.60 -4.82
CA TRP C 125 -4.06 44.57 -3.78
C TRP C 125 -3.78 43.16 -3.22
N GLU C 126 -2.55 42.99 -2.75
CA GLU C 126 -2.07 41.72 -2.23
C GLU C 126 -2.04 41.66 -0.70
N ILE C 127 -2.49 40.53 -0.17
CA ILE C 127 -2.49 40.27 1.28
C ILE C 127 -1.64 39.02 1.58
N ALA C 128 -0.77 39.12 2.58
CA ALA C 128 0.06 37.99 2.95
C ALA C 128 -0.76 37.00 3.78
N GLN C 129 -0.67 35.72 3.42
CA GLN C 129 -1.41 34.66 4.10
C GLN C 129 -0.54 33.49 4.55
N PRO C 130 -0.40 33.27 5.86
CA PRO C 130 0.37 32.14 6.40
C PRO C 130 -0.09 30.78 5.92
N VAL C 131 0.85 29.87 5.70
CA VAL C 131 0.51 28.52 5.27
C VAL C 131 -0.06 27.73 6.44
N GLY C 132 0.29 28.16 7.65
CA GLY C 132 -0.24 27.62 8.89
C GLY C 132 0.83 26.92 9.73
N ILE C 133 0.90 25.59 9.66
CA ILE C 133 1.89 24.80 10.40
C ILE C 133 2.90 24.13 9.47
N VAL C 134 4.18 24.40 9.71
CA VAL C 134 5.29 23.87 8.91
C VAL C 134 6.03 22.71 9.57
N ALA C 135 6.28 21.64 8.81
CA ALA C 135 7.09 20.52 9.28
C ALA C 135 8.49 20.68 8.73
N GLY C 136 9.46 20.81 9.62
CA GLY C 136 10.85 21.01 9.25
C GLY C 136 11.83 19.89 9.51
N ILE C 137 12.35 19.28 8.43
CA ILE C 137 13.33 18.20 8.53
C ILE C 137 14.75 18.76 8.50
N ILE C 138 15.53 18.41 9.52
CA ILE C 138 16.84 19.01 9.73
C ILE C 138 17.96 18.02 9.47
N PRO C 139 18.96 18.43 8.65
CA PRO C 139 20.05 17.52 8.33
C PRO C 139 21.06 17.39 9.47
N SER C 140 21.90 16.36 9.40
CA SER C 140 22.95 16.14 10.40
C SER C 140 24.15 17.07 10.24
N THR C 141 24.34 17.56 9.03
CA THR C 141 25.51 18.34 8.66
C THR C 141 25.40 19.79 9.10
N ASN C 142 24.16 20.28 9.11
CA ASN C 142 23.87 21.67 9.41
C ASN C 142 22.77 21.77 10.46
N PRO C 143 22.91 21.00 11.55
CA PRO C 143 21.76 20.79 12.43
C PRO C 143 21.31 22.05 13.13
N THR C 144 22.23 22.88 13.59
CA THR C 144 21.84 24.01 14.43
C THR C 144 21.49 25.22 13.59
N SER C 145 22.32 25.49 12.58
CA SER C 145 22.08 26.60 11.68
C SER C 145 20.78 26.53 10.88
N THR C 146 20.42 25.31 10.45
CA THR C 146 19.21 25.08 9.66
C THR C 146 17.96 25.29 10.51
N VAL C 147 18.03 24.95 11.79
CA VAL C 147 16.92 25.22 12.70
C VAL C 147 16.65 26.72 12.74
N ILE C 148 17.70 27.50 12.90
CA ILE C 148 17.55 28.94 12.97
C ILE C 148 16.94 29.54 11.72
N PHE C 149 17.54 29.18 10.59
CA PHE C 149 17.15 29.74 9.32
C PHE C 149 15.64 29.48 9.17
N LYS C 150 15.20 28.25 9.40
CA LYS C 150 13.78 27.89 9.27
C LYS C 150 12.89 28.52 10.33
N ALA C 151 13.36 28.56 11.57
CA ALA C 151 12.58 29.20 12.62
C ALA C 151 12.35 30.67 12.29
N LEU C 152 13.39 31.35 11.82
CA LEU C 152 13.26 32.77 11.46
C LEU C 152 12.26 33.05 10.35
N ILE C 153 12.40 32.36 9.22
CA ILE C 153 11.55 32.64 8.05
C ILE C 153 10.12 32.16 8.26
N ALA C 154 9.95 31.07 8.99
CA ALA C 154 8.63 30.55 9.30
C ALA C 154 7.81 31.52 10.15
N VAL C 155 8.43 32.01 11.23
CA VAL C 155 7.74 32.88 12.18
C VAL C 155 7.50 34.27 11.60
N LYS C 156 8.46 34.75 10.80
CA LYS C 156 8.31 36.04 10.14
C LYS C 156 7.04 36.06 9.28
N ALA C 157 6.73 34.92 8.68
CA ALA C 157 5.53 34.73 7.86
C ALA C 157 4.28 34.31 8.67
N ARG C 158 4.40 34.24 9.99
CA ARG C 158 3.30 33.97 10.94
C ARG C 158 2.90 32.49 10.94
N ASN C 159 3.86 31.57 10.81
CA ASN C 159 3.55 30.14 10.90
C ASN C 159 4.05 29.57 12.21
N ALA C 160 3.48 28.42 12.61
CA ALA C 160 4.09 27.57 13.61
C ALA C 160 5.01 26.56 12.90
N ILE C 161 5.95 25.97 13.64
CA ILE C 161 6.84 24.97 13.05
C ILE C 161 7.22 23.89 14.05
N VAL C 162 7.22 22.66 13.56
CA VAL C 162 7.57 21.48 14.34
C VAL C 162 8.78 20.82 13.69
N PHE C 163 9.86 20.65 14.43
CA PHE C 163 11.10 20.16 13.83
C PHE C 163 11.28 18.65 14.00
N SER C 164 11.89 18.02 13.01
CA SER C 164 12.29 16.61 13.05
C SER C 164 13.78 16.52 12.79
N PRO C 165 14.57 16.19 13.82
CA PRO C 165 16.02 16.11 13.65
C PRO C 165 16.52 14.81 13.01
N HIS C 166 17.67 14.91 12.36
CA HIS C 166 18.46 13.73 12.04
C HIS C 166 18.76 13.09 13.40
N PRO C 167 18.68 11.76 13.50
CA PRO C 167 18.90 11.07 14.77
C PRO C 167 20.24 11.32 15.45
N SER C 168 21.31 11.32 14.67
CA SER C 168 22.65 11.49 15.23
C SER C 168 22.90 12.93 15.68
N ALA C 169 21.92 13.81 15.47
CA ALA C 169 22.03 15.20 15.93
C ALA C 169 20.80 15.68 16.70
N ALA C 170 20.02 14.75 17.24
CA ALA C 170 18.76 15.08 17.89
C ALA C 170 18.90 16.14 19.00
N LYS C 171 19.96 16.05 19.81
CA LYS C 171 20.06 16.89 21.01
C LYS C 171 20.38 18.34 20.71
N CYS C 172 21.35 18.56 19.84
CA CYS C 172 21.78 19.91 19.57
C CYS C 172 20.72 20.61 18.72
N THR C 173 20.03 19.82 17.90
CA THR C 173 18.92 20.32 17.10
C THR C 173 17.78 20.77 18.00
N ALA C 174 17.38 19.89 18.91
CA ALA C 174 16.37 20.20 19.92
C ALA C 174 16.77 21.43 20.75
N GLU C 175 18.05 21.55 21.02
CA GLU C 175 18.53 22.64 21.85
C GLU C 175 18.43 23.97 21.10
N ALA C 176 18.80 23.94 19.82
CA ALA C 176 18.60 25.08 18.94
C ALA C 176 17.12 25.53 18.90
N ALA C 177 16.21 24.57 18.79
CA ALA C 177 14.78 24.85 18.78
C ALA C 177 14.35 25.50 20.09
N ARG C 178 14.86 24.97 21.20
CA ARG C 178 14.51 25.49 22.51
C ARG C 178 14.84 26.94 22.66
N ILE C 179 16.04 27.30 22.22
CA ILE C 179 16.49 28.66 22.31
C ILE C 179 15.60 29.58 21.50
N MET C 180 15.20 29.14 20.32
CA MET C 180 14.29 29.94 19.49
C MET C 180 12.92 30.15 20.12
N GLN C 181 12.32 29.08 20.62
CA GLN C 181 11.04 29.20 21.30
C GLN C 181 11.11 30.14 22.49
N GLU C 182 12.10 29.91 23.35
CA GLU C 182 12.19 30.68 24.57
C GLU C 182 12.52 32.16 24.28
N ALA C 183 13.37 32.41 23.30
CA ALA C 183 13.62 33.79 22.86
C ALA C 183 12.36 34.45 22.31
N ALA C 184 11.64 33.71 21.48
CA ALA C 184 10.38 34.16 20.93
C ALA C 184 9.40 34.54 22.02
N GLU C 185 9.28 33.64 23.00
CA GLU C 185 8.33 33.77 24.10
C GLU C 185 8.60 35.01 24.93
N ARG C 186 9.87 35.33 25.11
CA ARG C 186 10.25 36.50 25.89
C ARG C 186 9.73 37.76 25.23
N ALA C 187 9.57 37.70 23.92
CA ALA C 187 9.09 38.84 23.15
C ALA C 187 7.58 38.81 22.94
N GLY C 188 6.91 37.82 23.54
CA GLY C 188 5.46 37.81 23.60
C GLY C 188 4.79 36.72 22.81
N ALA C 189 5.59 35.83 22.22
CA ALA C 189 5.02 34.73 21.46
C ALA C 189 4.35 33.70 22.38
N PRO C 190 3.32 33.02 21.86
CA PRO C 190 2.64 31.97 22.62
C PRO C 190 3.48 30.69 22.74
N LYS C 191 3.23 29.86 23.75
CA LYS C 191 3.91 28.56 23.82
C LYS C 191 3.50 27.64 22.70
N GLY C 192 4.44 26.78 22.32
CA GLY C 192 4.21 25.76 21.32
C GLY C 192 4.36 26.24 19.89
N LEU C 193 4.77 27.49 19.70
CA LEU C 193 4.92 28.02 18.35
C LEU C 193 6.06 27.28 17.66
N ILE C 194 7.10 26.96 18.43
CA ILE C 194 8.27 26.27 17.89
C ILE C 194 8.58 25.07 18.79
N SER C 195 8.64 23.89 18.17
CA SER C 195 8.87 22.65 18.89
C SER C 195 9.73 21.68 18.06
N CYS C 196 10.15 20.58 18.69
CA CYS C 196 11.07 19.65 18.06
C CYS C 196 10.92 18.23 18.63
N ILE C 197 10.79 17.24 17.75
CA ILE C 197 10.76 15.83 18.16
C ILE C 197 12.06 15.53 18.89
N THR C 198 11.97 14.90 20.06
CA THR C 198 13.18 14.71 20.83
C THR C 198 13.82 13.35 20.65
N GLN C 199 13.00 12.35 20.36
CA GLN C 199 13.49 11.03 20.02
C GLN C 199 12.94 10.65 18.66
N PRO C 200 13.68 10.99 17.60
CA PRO C 200 13.24 10.74 16.23
C PRO C 200 13.03 9.26 15.91
N THR C 201 11.95 8.98 15.19
CA THR C 201 11.66 7.64 14.70
C THR C 201 10.99 7.72 13.35
N MET C 202 11.03 6.60 12.63
CA MET C 202 10.34 6.50 11.35
C MET C 202 8.86 6.75 11.56
N ALA C 203 8.32 6.20 12.65
CA ALA C 203 6.91 6.36 12.95
C ALA C 203 6.58 7.82 13.16
N ALA C 204 7.49 8.53 13.81
CA ALA C 204 7.25 9.93 14.13
C ALA C 204 7.36 10.83 12.91
N THR C 205 8.34 10.53 12.06
CA THR C 205 8.54 11.31 10.84
C THR C 205 7.36 11.22 9.89
N ASN C 206 6.86 10.00 9.71
CA ASN C 206 5.69 9.75 8.88
C ASN C 206 4.45 10.47 9.42
N GLU C 207 4.25 10.35 10.74
CA GLU C 207 3.11 10.98 11.39
C GLU C 207 3.13 12.48 11.16
N LEU C 208 4.29 13.08 11.37
CA LEU C 208 4.45 14.53 11.22
C LEU C 208 4.13 14.98 9.81
N MET C 209 4.65 14.26 8.83
CA MET C 209 4.48 14.66 7.43
C MET C 209 3.04 14.52 6.97
N LYS C 210 2.31 13.55 7.51
CA LYS C 210 1.00 13.24 6.95
C LYS C 210 -0.17 13.71 7.80
N HIS C 211 0.08 14.20 9.02
CA HIS C 211 -1.04 14.50 9.90
C HIS C 211 -1.87 15.62 9.25
N LYS C 212 -3.19 15.61 9.44
CA LYS C 212 -4.08 16.61 8.83
C LYS C 212 -3.72 18.03 9.26
N LEU C 213 -3.14 18.22 10.43
CA LEU C 213 -2.88 19.58 10.88
C LEU C 213 -1.59 20.08 10.25
N THR C 214 -0.81 19.18 9.64
CA THR C 214 0.41 19.59 8.99
C THR C 214 0.06 20.21 7.65
N ASP C 215 0.50 21.45 7.43
CA ASP C 215 0.11 22.19 6.23
C ASP C 215 1.17 22.13 5.13
N VAL C 216 2.43 22.36 5.48
CA VAL C 216 3.53 22.39 4.49
C VAL C 216 4.81 21.75 5.02
N ILE C 217 5.48 20.98 4.15
CA ILE C 217 6.75 20.33 4.50
C ILE C 217 7.98 21.01 3.89
N LEU C 218 8.92 21.43 4.74
CA LEU C 218 10.27 21.75 4.30
C LEU C 218 11.20 20.57 4.52
N ALA C 219 11.55 19.89 3.43
CA ALA C 219 12.32 18.67 3.53
C ALA C 219 13.78 18.87 3.13
N THR C 220 14.64 19.11 4.12
CA THR C 220 16.06 19.26 3.84
C THR C 220 16.79 18.02 4.38
N GLY C 221 17.12 17.13 3.46
CA GLY C 221 17.59 15.79 3.81
C GLY C 221 17.94 15.05 2.53
N GLY C 222 18.27 13.77 2.64
CA GLY C 222 18.58 13.01 1.44
C GLY C 222 17.34 12.75 0.60
N PRO C 223 17.52 12.27 -0.64
CA PRO C 223 16.46 12.11 -1.65
C PRO C 223 15.36 11.14 -1.24
N GLY C 224 15.70 10.16 -0.41
CA GLY C 224 14.74 9.21 0.10
C GLY C 224 13.71 9.92 0.97
N LEU C 225 14.20 10.78 1.85
CA LEU C 225 13.32 11.49 2.75
C LEU C 225 12.54 12.56 1.98
N VAL C 226 13.18 13.14 0.97
CA VAL C 226 12.52 14.19 0.19
C VAL C 226 11.41 13.54 -0.63
N LYS C 227 11.66 12.33 -1.13
CA LYS C 227 10.65 11.56 -1.85
C LYS C 227 9.44 11.24 -0.97
N ALA C 228 9.68 10.85 0.28
CA ALA C 228 8.61 10.59 1.24
C ALA C 228 7.76 11.83 1.40
N ALA C 229 8.42 12.99 1.43
CA ALA C 229 7.71 14.26 1.56
C ALA C 229 6.81 14.55 0.35
N TYR C 230 7.29 14.25 -0.85
CA TYR C 230 6.46 14.44 -2.04
C TYR C 230 5.46 13.30 -2.28
N SER C 231 5.42 12.35 -1.34
CA SER C 231 4.43 11.27 -1.37
C SER C 231 3.49 11.38 -0.18
N SER C 232 3.60 12.47 0.56
CA SER C 232 2.95 12.62 1.86
C SER C 232 1.48 13.02 1.73
N GLY C 233 1.07 13.46 0.54
CA GLY C 233 -0.23 14.09 0.38
C GLY C 233 -0.20 15.58 0.69
N LYS C 234 0.98 16.10 1.01
CA LYS C 234 1.11 17.50 1.43
C LYS C 234 2.01 18.28 0.48
N PRO C 235 1.76 19.60 0.34
CA PRO C 235 2.66 20.49 -0.39
C PRO C 235 4.05 20.46 0.23
N ALA C 236 5.09 20.32 -0.57
CA ALA C 236 6.42 20.18 -0.01
C ALA C 236 7.46 20.96 -0.81
N TYR C 237 8.37 21.60 -0.06
CA TYR C 237 9.59 22.15 -0.62
C TYR C 237 10.73 21.24 -0.18
N GLY C 238 11.29 20.51 -1.13
CA GLY C 238 12.38 19.60 -0.87
C GLY C 238 13.70 20.13 -1.37
N VAL C 239 14.78 19.41 -1.05
CA VAL C 239 16.08 19.67 -1.64
C VAL C 239 16.56 18.47 -2.44
N GLY C 240 17.70 18.65 -3.11
CA GLY C 240 18.44 17.54 -3.68
C GLY C 240 19.90 17.57 -3.25
N PRO C 241 20.62 16.48 -3.51
CA PRO C 241 22.04 16.48 -3.18
C PRO C 241 22.84 17.27 -4.22
N GLY C 242 24.02 17.73 -3.84
CA GLY C 242 24.93 18.41 -4.76
C GLY C 242 26.08 17.55 -5.24
N ASN C 243 26.66 17.92 -6.38
CA ASN C 243 27.94 17.37 -6.78
C ASN C 243 28.66 18.37 -7.67
N VAL C 244 29.08 19.46 -7.05
CA VAL C 244 29.38 20.72 -7.74
C VAL C 244 30.70 20.72 -8.52
N PRO C 245 30.64 20.81 -9.86
CA PRO C 245 31.82 20.97 -10.70
C PRO C 245 32.17 22.43 -10.94
N VAL C 246 33.44 22.79 -10.87
CA VAL C 246 33.87 24.17 -11.07
C VAL C 246 34.89 24.26 -12.20
N TYR C 247 34.59 25.13 -13.17
CA TYR C 247 35.43 25.31 -14.34
C TYR C 247 36.37 26.50 -14.14
N ILE C 248 37.67 26.25 -14.21
CA ILE C 248 38.66 27.32 -14.23
C ILE C 248 39.14 27.54 -15.67
N HIS C 249 38.68 28.64 -16.25
CA HIS C 249 39.06 29.01 -17.61
C HIS C 249 40.44 29.66 -17.59
N GLU C 250 41.15 29.55 -18.71
CA GLU C 250 42.51 30.10 -18.76
C GLU C 250 42.56 31.61 -18.56
N SER C 251 41.40 32.25 -18.59
CA SER C 251 41.32 33.70 -18.35
C SER C 251 41.13 34.03 -16.88
N ALA C 252 41.05 33.00 -16.03
CA ALA C 252 40.74 33.21 -14.63
C ALA C 252 41.91 33.84 -13.89
N ASN C 253 41.62 34.63 -12.86
CA ASN C 253 42.63 35.01 -11.89
C ASN C 253 42.93 33.78 -11.03
N ILE C 254 44.02 33.10 -11.32
CA ILE C 254 44.25 31.76 -10.76
C ILE C 254 44.46 31.83 -9.25
N ALA C 255 45.27 32.80 -8.83
CA ALA C 255 45.58 32.97 -7.42
C ALA C 255 44.33 33.29 -6.62
N LYS C 256 43.51 34.16 -7.19
CA LYS C 256 42.29 34.57 -6.51
C LYS C 256 41.30 33.41 -6.50
N ALA C 257 41.21 32.70 -7.62
CA ALA C 257 40.30 31.56 -7.74
C ALA C 257 40.64 30.40 -6.82
N VAL C 258 41.92 30.04 -6.73
CA VAL C 258 42.32 28.94 -5.87
C VAL C 258 42.07 29.26 -4.41
N GLN C 259 42.35 30.50 -4.04
CA GLN C 259 42.12 30.98 -2.69
C GLN C 259 40.64 30.93 -2.29
N LEU C 260 39.77 31.48 -3.13
CA LEU C 260 38.32 31.45 -2.90
C LEU C 260 37.77 30.03 -2.74
N ILE C 261 38.23 29.13 -3.61
CA ILE C 261 37.78 27.73 -3.66
C ILE C 261 38.15 26.98 -2.38
N ILE C 262 39.38 27.17 -1.92
CA ILE C 262 39.90 26.42 -0.78
C ILE C 262 39.12 26.83 0.45
N GLN C 263 38.95 28.13 0.64
CA GLN C 263 38.19 28.64 1.77
C GLN C 263 36.80 28.03 1.80
N SER C 264 36.18 27.94 0.63
CA SER C 264 34.83 27.41 0.52
C SER C 264 34.83 25.90 0.74
N LYS C 265 35.74 25.21 0.05
CA LYS C 265 35.83 23.75 0.14
C LYS C 265 36.12 23.29 1.55
N THR C 266 37.01 23.98 2.25
CA THR C 266 37.39 23.56 3.58
C THR C 266 36.45 24.10 4.66
N PHE C 267 35.49 24.95 4.29
CA PHE C 267 34.57 25.49 5.29
C PHE C 267 33.80 24.38 5.99
N ASP C 268 33.95 24.33 7.31
CA ASP C 268 33.39 23.26 8.12
C ASP C 268 33.80 21.91 7.56
N TYR C 269 35.01 21.86 7.01
CA TYR C 269 35.56 20.67 6.37
C TYR C 269 34.67 20.10 5.25
N GLY C 270 33.90 20.97 4.60
CA GLY C 270 33.24 20.60 3.36
C GLY C 270 31.89 19.95 3.55
N THR C 271 31.19 20.29 4.62
CA THR C 271 29.97 19.60 4.97
C THR C 271 28.72 20.05 4.20
N ILE C 272 28.76 21.21 3.57
CA ILE C 272 27.57 21.75 2.95
C ILE C 272 27.57 21.10 1.55
N ALA C 274 26.68 22.36 -1.51
CA ALA C 274 27.02 23.22 -2.65
C ALA C 274 28.51 23.37 -2.75
N SER C 275 29.24 22.71 -1.86
CA SER C 275 30.68 22.89 -1.79
C SER C 275 31.27 22.15 -2.98
N GLU C 276 32.40 22.66 -3.46
CA GLU C 276 33.09 22.08 -4.62
C GLU C 276 33.41 20.61 -4.41
N GLN C 277 33.19 19.83 -5.46
CA GLN C 277 33.50 18.41 -5.46
C GLN C 277 34.51 18.03 -6.55
N ALA C 278 34.55 18.80 -7.63
CA ALA C 278 35.49 18.56 -8.71
C ALA C 278 35.95 19.84 -9.40
N LEU C 279 37.24 19.91 -9.74
CA LEU C 279 37.76 20.98 -10.58
C LEU C 279 38.02 20.56 -12.02
N LEU C 280 37.68 21.46 -12.93
CA LEU C 280 37.81 21.25 -14.37
C LEU C 280 38.71 22.37 -14.89
N VAL C 281 39.89 22.03 -15.38
CA VAL C 281 40.92 23.05 -15.60
C VAL C 281 41.53 23.02 -17.01
N ASP C 282 41.58 24.19 -17.63
CA ASP C 282 42.16 24.33 -18.95
C ASP C 282 43.61 23.88 -18.92
N GLU C 283 43.96 23.00 -19.86
CA GLU C 283 45.31 22.46 -19.96
C GLU C 283 46.38 23.55 -19.88
N SER C 284 46.16 24.66 -20.58
CA SER C 284 47.16 25.70 -20.73
C SER C 284 47.57 26.39 -19.41
N ILE C 285 46.70 26.35 -18.40
CA ILE C 285 47.03 26.91 -17.09
C ILE C 285 47.14 25.82 -16.02
N LYS C 286 47.12 24.58 -16.49
CA LYS C 286 47.12 23.40 -15.61
C LYS C 286 48.20 23.44 -14.53
N GLU C 287 49.43 23.57 -14.99
CA GLU C 287 50.59 23.60 -14.10
C GLU C 287 50.53 24.73 -13.08
N LYS C 288 50.16 25.93 -13.53
CA LYS C 288 50.01 27.06 -12.61
C LYS C 288 49.00 26.78 -11.50
N VAL C 289 47.86 26.22 -11.86
CA VAL C 289 46.81 25.96 -10.88
C VAL C 289 47.25 24.93 -9.87
N VAL C 290 47.84 23.84 -10.35
CA VAL C 290 48.43 22.83 -9.47
C VAL C 290 49.40 23.46 -8.49
N ALA C 291 50.29 24.30 -9.02
CA ALA C 291 51.33 24.92 -8.20
C ALA C 291 50.71 25.86 -7.17
N GLU C 292 49.71 26.63 -7.61
CA GLU C 292 49.04 27.55 -6.72
C GLU C 292 48.32 26.79 -5.61
N LEU C 293 47.69 25.68 -5.97
CA LEU C 293 47.03 24.82 -5.00
C LEU C 293 47.95 24.30 -3.91
N LYS C 294 49.07 23.71 -4.34
CA LYS C 294 50.05 23.18 -3.39
C LYS C 294 50.58 24.21 -2.41
N GLN C 295 50.99 25.34 -2.95
CA GLN C 295 51.46 26.50 -2.18
C GLN C 295 50.47 26.92 -1.08
N GLN C 296 49.17 26.83 -1.38
CA GLN C 296 48.11 27.34 -0.51
C GLN C 296 47.48 26.26 0.36
N GLY C 297 48.09 25.07 0.35
CA GLY C 297 47.78 24.04 1.34
C GLY C 297 47.23 22.73 0.81
N ALA C 298 47.26 22.57 -0.51
CA ALA C 298 46.74 21.36 -1.13
C ALA C 298 47.82 20.29 -1.11
N TYR C 299 47.41 19.05 -0.88
CA TYR C 299 48.29 17.88 -0.96
C TYR C 299 47.79 17.00 -2.09
N PHE C 300 48.60 16.87 -3.14
CA PHE C 300 48.22 16.03 -4.27
C PHE C 300 48.55 14.57 -4.03
N LEU C 301 47.52 13.75 -3.99
CA LEU C 301 47.69 12.32 -3.74
C LEU C 301 48.32 11.68 -4.97
N ASN C 302 49.28 10.77 -4.76
CA ASN C 302 49.81 9.99 -5.87
C ASN C 302 48.92 8.79 -6.13
N GLU C 303 49.29 7.97 -7.11
CA GLU C 303 48.42 6.87 -7.52
C GLU C 303 48.17 5.91 -6.37
N GLU C 304 49.25 5.56 -5.68
CA GLU C 304 49.19 4.68 -4.51
C GLU C 304 48.22 5.20 -3.46
N GLU C 305 48.34 6.48 -3.10
CA GLU C 305 47.54 7.04 -2.03
C GLU C 305 46.08 7.21 -2.41
N LYS C 306 45.82 7.62 -3.65
CA LYS C 306 44.46 7.71 -4.16
C LYS C 306 43.63 6.47 -3.84
N GLN C 307 44.12 5.31 -4.26
CA GLN C 307 43.38 4.06 -4.07
C GLN C 307 43.15 3.77 -2.58
N LYS C 308 44.13 4.07 -1.73
CA LYS C 308 43.94 3.84 -0.29
C LYS C 308 42.83 4.77 0.19
N VAL C 309 42.86 6.01 -0.27
CA VAL C 309 41.86 6.98 0.15
C VAL C 309 40.51 6.57 -0.44
N ALA C 310 40.54 6.13 -1.70
CA ALA C 310 39.33 5.69 -2.40
C ALA C 310 38.64 4.52 -1.69
N SER C 311 39.44 3.68 -1.04
CA SER C 311 38.94 2.49 -0.36
C SER C 311 38.02 2.84 0.80
N ILE C 312 38.16 4.06 1.33
CA ILE C 312 37.40 4.47 2.50
C ILE C 312 36.36 5.53 2.13
N ILE C 313 36.38 6.00 0.90
CA ILE C 313 35.44 7.03 0.46
C ILE C 313 34.03 6.45 0.37
N MET C 314 33.93 5.31 -0.32
CA MET C 314 32.68 4.57 -0.41
C MET C 314 32.68 3.25 0.33
N VAL C 315 31.66 3.05 1.15
CA VAL C 315 31.28 1.71 1.57
C VAL C 315 30.01 1.28 0.86
N ASN C 316 29.97 0.01 0.43
CA ASN C 316 28.88 -0.42 -0.44
C ASN C 316 28.87 0.55 -1.65
N GLY C 317 27.68 0.98 -2.07
CA GLY C 317 27.57 1.88 -3.22
C GLY C 317 27.32 3.33 -2.83
N SER C 318 27.44 3.66 -1.55
CA SER C 318 27.18 5.03 -1.10
C SER C 318 28.32 5.58 -0.21
N LEU C 319 28.25 6.88 0.05
CA LEU C 319 29.29 7.58 0.82
C LEU C 319 29.49 7.05 2.24
N ASN C 320 30.75 6.80 2.59
CA ASN C 320 31.17 6.38 3.93
C ASN C 320 30.97 7.53 4.92
N ALA C 321 30.13 7.35 5.94
CA ALA C 321 29.83 8.43 6.89
C ALA C 321 31.01 8.89 7.75
N LYS C 322 32.02 8.03 7.89
CA LYS C 322 33.13 8.31 8.80
C LYS C 322 34.15 9.31 8.27
N ILE C 323 34.14 9.58 6.96
CA ILE C 323 34.99 10.64 6.40
C ILE C 323 34.31 12.01 6.32
N VAL C 324 32.99 12.02 6.50
CA VAL C 324 32.24 13.27 6.35
C VAL C 324 32.66 14.34 7.34
N GLY C 325 33.01 15.51 6.82
CA GLY C 325 33.35 16.65 7.66
C GLY C 325 34.52 16.35 8.59
N LYS C 326 35.43 15.50 8.14
CA LYS C 326 36.59 15.15 8.96
C LYS C 326 37.81 15.94 8.48
N ALA C 327 38.62 16.44 9.40
CA ALA C 327 39.85 17.14 9.01
C ALA C 327 40.74 16.22 8.17
N PRO C 328 41.55 16.79 7.27
CA PRO C 328 42.36 15.95 6.36
C PRO C 328 43.34 15.01 7.05
N GLN C 329 43.81 15.37 8.25
CA GLN C 329 44.71 14.51 9.02
C GLN C 329 43.99 13.28 9.52
N VAL C 330 42.70 13.42 9.82
CA VAL C 330 41.91 12.31 10.30
C VAL C 330 41.71 11.32 9.15
N ILE C 331 41.43 11.86 7.97
CA ILE C 331 41.23 11.05 6.77
C ILE C 331 42.53 10.32 6.42
N ALA C 332 43.65 11.02 6.58
CA ALA C 332 44.96 10.48 6.29
C ALA C 332 45.25 9.27 7.16
N GLU C 333 45.10 9.45 8.48
CA GLU C 333 45.22 8.34 9.44
C GLU C 333 44.31 7.16 9.08
N MET C 334 43.04 7.44 8.81
CA MET C 334 42.07 6.38 8.49
C MET C 334 42.43 5.53 7.27
N ALA C 335 42.96 6.18 6.25
CA ALA C 335 43.36 5.50 5.03
C ALA C 335 44.77 4.91 5.17
N GLY C 336 45.42 5.21 6.28
CA GLY C 336 46.75 4.68 6.54
C GLY C 336 47.79 5.31 5.64
N ILE C 337 47.69 6.63 5.46
CA ILE C 337 48.73 7.39 4.78
C ILE C 337 49.18 8.54 5.67
N GLU C 338 50.31 9.15 5.30
CA GLU C 338 50.89 10.24 6.09
C GLU C 338 50.97 11.53 5.28
N ILE C 339 50.49 12.62 5.87
CA ILE C 339 50.50 13.92 5.23
C ILE C 339 50.93 14.96 6.24
N PRO C 340 51.54 16.06 5.76
CA PRO C 340 51.92 17.11 6.72
C PRO C 340 50.72 17.64 7.50
N SER C 341 50.97 18.09 8.73
CA SER C 341 49.91 18.52 9.63
C SER C 341 49.27 19.85 9.20
N ASP C 342 49.92 20.55 8.28
CA ASP C 342 49.41 21.84 7.80
C ASP C 342 48.59 21.73 6.51
N VAL C 343 48.31 20.51 6.08
CA VAL C 343 47.62 20.28 4.82
C VAL C 343 46.17 20.73 5.04
N LYS C 344 45.66 21.57 4.14
CA LYS C 344 44.29 22.05 4.26
C LYS C 344 43.24 21.22 3.50
N LEU C 345 43.64 20.55 2.42
CA LEU C 345 42.73 19.69 1.66
C LEU C 345 43.53 18.70 0.83
N LEU C 346 42.93 17.55 0.55
CA LEU C 346 43.49 16.56 -0.38
C LEU C 346 42.96 16.72 -1.80
N VAL C 347 43.83 16.48 -2.78
CA VAL C 347 43.47 16.55 -4.18
C VAL C 347 43.95 15.30 -4.91
N ALA C 348 43.10 14.77 -5.78
CA ALA C 348 43.44 13.61 -6.59
C ALA C 348 43.11 13.88 -8.05
N GLU C 349 44.08 13.66 -8.92
CA GLU C 349 43.85 13.79 -10.35
C GLU C 349 42.99 12.61 -10.86
N GLU C 350 42.00 12.89 -11.70
CA GLU C 350 41.05 11.86 -12.13
C GLU C 350 40.69 12.07 -13.60
N THR C 351 40.22 11.00 -14.25
CA THR C 351 39.76 11.08 -15.63
C THR C 351 38.36 10.52 -15.85
N GLU C 352 37.95 9.61 -14.97
CA GLU C 352 36.69 8.89 -15.15
C GLU C 352 35.62 9.48 -14.27
N VAL C 353 34.38 9.33 -14.74
CA VAL C 353 33.21 9.71 -13.97
C VAL C 353 32.25 8.54 -13.89
N GLY C 354 31.78 8.32 -12.66
CA GLY C 354 30.79 7.30 -12.39
C GLY C 354 30.79 6.89 -10.93
N LYS C 355 29.69 6.27 -10.54
CA LYS C 355 29.40 5.98 -9.14
C LYS C 355 30.30 4.88 -8.56
N GLU C 356 31.14 4.26 -9.41
CA GLU C 356 32.10 3.24 -8.94
C GLU C 356 33.51 3.83 -8.79
N TYR C 357 33.67 5.08 -9.25
CA TYR C 357 34.89 5.88 -9.06
C TYR C 357 34.69 6.92 -7.97
N PRO C 358 35.04 6.57 -6.72
CA PRO C 358 34.74 7.35 -5.51
C PRO C 358 35.13 8.83 -5.56
N PHE C 359 36.16 9.18 -6.31
CA PHE C 359 36.54 10.59 -6.40
C PHE C 359 35.64 11.45 -7.29
N SER C 360 34.76 10.82 -8.08
CA SER C 360 33.88 11.59 -8.94
C SER C 360 32.52 11.92 -8.29
N ILE C 361 32.23 11.29 -7.15
CA ILE C 361 30.96 11.53 -6.46
C ILE C 361 31.09 12.71 -5.51
N GLU C 362 29.97 13.09 -4.91
CA GLU C 362 29.96 14.08 -3.84
C GLU C 362 30.62 13.48 -2.61
N LYS C 363 31.65 14.15 -2.09
CA LYS C 363 32.51 13.56 -1.06
C LYS C 363 32.27 14.15 0.33
N LEU C 364 31.58 15.29 0.39
CA LEU C 364 31.27 15.97 1.65
C LEU C 364 32.40 16.01 2.68
N SER C 365 33.59 16.35 2.20
CA SER C 365 34.79 16.32 3.04
C SER C 365 35.86 17.09 2.28
N PRO C 366 36.99 17.39 2.93
CA PRO C 366 37.99 18.22 2.25
C PRO C 366 38.77 17.42 1.19
N ILE C 367 38.04 16.74 0.30
CA ILE C 367 38.64 16.00 -0.81
C ILE C 367 38.10 16.52 -2.12
N LEU C 368 39.01 16.72 -3.06
CA LEU C 368 38.68 17.32 -4.35
C LEU C 368 39.26 16.50 -5.51
N ALA C 369 38.43 16.19 -6.49
CA ALA C 369 38.91 15.63 -7.75
C ALA C 369 39.42 16.74 -8.67
N PHE C 370 40.21 16.37 -9.66
CA PHE C 370 40.91 17.34 -10.48
C PHE C 370 41.00 16.85 -11.92
N TYR C 371 40.17 17.44 -12.79
CA TYR C 371 40.13 17.04 -14.20
C TYR C 371 40.77 18.08 -15.13
N ILE C 372 41.52 17.58 -16.11
CA ILE C 372 42.10 18.42 -17.16
C ILE C 372 41.20 18.46 -18.38
N VAL C 373 41.04 19.65 -18.93
CA VAL C 373 40.19 19.83 -20.10
C VAL C 373 40.88 20.67 -21.17
N LYS C 374 40.53 20.37 -22.42
CA LYS C 374 41.11 21.00 -23.59
C LYS C 374 40.65 22.44 -23.79
N GLY C 375 39.42 22.69 -23.40
CA GLY C 375 38.85 24.01 -23.51
C GLY C 375 37.43 23.93 -23.00
N MET C 376 36.64 24.92 -23.39
CA MET C 376 35.31 25.11 -22.88
C MET C 376 34.39 23.89 -23.12
N GLU C 377 34.48 23.30 -24.31
CA GLU C 377 33.62 22.18 -24.66
C GLU C 377 33.82 20.92 -23.83
N GLU C 378 35.06 20.53 -23.56
CA GLU C 378 35.29 19.32 -22.78
C GLU C 378 34.89 19.58 -21.33
N ALA C 379 35.07 20.81 -20.88
CA ALA C 379 34.64 21.18 -19.53
C ALA C 379 33.13 21.07 -19.35
N SER C 380 32.36 21.59 -20.30
CA SER C 380 30.90 21.52 -20.26
C SER C 380 30.40 20.08 -20.27
N GLU C 381 30.99 19.31 -21.17
CA GLU C 381 30.68 17.91 -21.37
C GLU C 381 30.89 17.14 -20.07
N LEU C 382 32.01 17.42 -19.40
CA LEU C 382 32.40 16.73 -18.16
C LEU C 382 31.53 17.16 -16.96
N ALA C 383 31.22 18.44 -16.87
CA ALA C 383 30.38 18.97 -15.80
C ALA C 383 29.01 18.34 -15.85
N GLN C 384 28.49 18.23 -17.06
CA GLN C 384 27.21 17.57 -17.29
C GLN C 384 27.31 16.13 -16.76
N LYS C 385 28.38 15.42 -17.13
CA LYS C 385 28.58 14.06 -16.66
C LYS C 385 28.59 13.99 -15.15
N LEU C 386 29.26 14.96 -14.53
CA LEU C 386 29.37 14.99 -13.09
C LEU C 386 28.02 15.27 -12.42
N LEU C 387 27.26 16.22 -12.97
CA LEU C 387 25.92 16.54 -12.46
C LEU C 387 24.94 15.38 -12.59
N GLU C 388 25.06 14.62 -13.68
CA GLU C 388 24.23 13.45 -13.89
C GLU C 388 24.43 12.47 -12.73
N VAL C 389 25.56 12.59 -12.02
CA VAL C 389 25.76 11.77 -10.83
C VAL C 389 25.24 12.46 -9.55
N GLY C 390 23.94 12.77 -9.48
CA GLY C 390 23.36 13.13 -8.20
C GLY C 390 23.61 14.56 -7.77
N GLY C 391 23.69 15.46 -8.74
CA GLY C 391 23.93 16.87 -8.44
C GLY C 391 22.97 17.72 -9.22
N LEU C 392 22.05 17.05 -9.89
CA LEU C 392 21.18 17.67 -10.85
C LEU C 392 20.34 18.79 -10.23
N GLY C 393 20.34 19.97 -10.87
CA GLY C 393 19.53 21.08 -10.41
C GLY C 393 20.10 21.86 -9.23
N HIS C 394 21.26 21.45 -8.74
CA HIS C 394 21.81 22.05 -7.52
C HIS C 394 22.72 23.23 -7.84
N THR C 395 24.04 23.01 -7.96
CA THR C 395 24.98 24.13 -8.12
C THR C 395 26.13 23.81 -9.07
N VAL C 396 26.59 24.84 -9.77
CA VAL C 396 27.80 24.78 -10.56
C VAL C 396 28.61 26.05 -10.37
N GLY C 397 29.88 26.02 -10.76
CA GLY C 397 30.73 27.19 -10.66
C GLY C 397 31.65 27.37 -11.84
N ILE C 398 32.03 28.61 -12.10
CA ILE C 398 33.10 28.90 -13.05
C ILE C 398 33.95 30.08 -12.62
N HIS C 399 35.26 29.97 -12.81
CA HIS C 399 36.17 31.09 -12.63
C HIS C 399 36.70 31.52 -13.99
N ALA C 400 36.50 32.78 -14.34
CA ALA C 400 36.85 33.28 -15.67
C ALA C 400 36.71 34.79 -15.71
N GLU C 401 37.54 35.45 -16.53
CA GLU C 401 37.43 36.88 -16.76
C GLU C 401 36.93 37.24 -18.17
N ASP C 402 36.72 36.25 -19.01
CA ASP C 402 36.22 36.44 -20.37
C ASP C 402 34.69 36.38 -20.35
N GLU C 403 34.04 37.52 -20.60
CA GLU C 403 32.58 37.59 -20.49
C GLU C 403 31.85 36.70 -21.48
N LYS C 404 32.35 36.58 -22.69
CA LYS C 404 31.70 35.73 -23.68
C LYS C 404 31.75 34.27 -23.24
N VAL C 405 32.88 33.83 -22.67
CA VAL C 405 32.99 32.45 -22.24
C VAL C 405 32.01 32.17 -21.10
N ILE C 406 31.92 33.08 -20.15
CA ILE C 406 30.98 32.96 -19.03
C ILE C 406 29.53 32.81 -19.51
N GLU C 407 29.12 33.65 -20.45
CA GLU C 407 27.76 33.63 -20.96
C GLU C 407 27.48 32.31 -21.66
N ALA C 408 28.45 31.84 -22.43
CA ALA C 408 28.26 30.64 -23.24
C ALA C 408 28.32 29.37 -22.38
N TYR C 409 29.10 29.41 -21.32
CA TYR C 409 29.24 28.27 -20.43
C TYR C 409 28.06 28.07 -19.52
N THR C 410 27.62 29.16 -18.93
CA THR C 410 26.62 29.10 -17.90
C THR C 410 25.22 28.84 -18.44
N ILE C 411 24.97 29.26 -19.67
CA ILE C 411 23.61 29.33 -20.17
C ILE C 411 22.82 28.01 -20.08
N ASP C 412 23.44 26.88 -20.41
CA ASP C 412 22.75 25.58 -20.47
C ASP C 412 23.07 24.58 -19.36
N LYS C 413 23.59 25.06 -18.24
CA LYS C 413 23.89 24.18 -17.13
C LYS C 413 22.69 23.96 -16.21
N PRO C 414 22.40 22.69 -15.90
CA PRO C 414 21.24 22.38 -15.06
C PRO C 414 21.52 22.58 -13.57
N ALA C 415 21.55 23.83 -13.15
CA ALA C 415 21.74 24.18 -11.74
C ALA C 415 20.97 25.45 -11.40
N GLY C 416 20.32 25.47 -10.24
CA GLY C 416 19.57 26.65 -9.81
C GLY C 416 20.51 27.76 -9.37
N ARG C 417 21.69 27.37 -8.93
CA ARG C 417 22.75 28.30 -8.54
C ARG C 417 23.97 28.15 -9.43
N ILE C 418 24.26 29.16 -10.24
CA ILE C 418 25.40 29.12 -11.15
C ILE C 418 26.39 30.19 -10.67
N VAL C 419 27.45 29.75 -10.00
CA VAL C 419 28.31 30.65 -9.24
C VAL C 419 29.52 31.11 -10.05
N VAL C 420 29.68 32.43 -10.19
CA VAL C 420 30.78 32.99 -10.94
C VAL C 420 31.76 33.71 -10.02
N ASN C 421 33.02 33.30 -10.08
CA ASN C 421 34.11 33.94 -9.36
C ASN C 421 33.83 34.03 -7.86
N ALA C 422 33.47 32.89 -7.27
CA ALA C 422 33.17 32.84 -5.85
C ALA C 422 33.24 31.40 -5.37
N GLY C 423 33.38 31.19 -4.08
CA GLY C 423 33.31 29.83 -3.56
C GLY C 423 31.86 29.41 -3.64
N THR C 424 31.62 28.15 -3.97
CA THR C 424 30.26 27.68 -4.21
C THR C 424 29.47 27.42 -2.93
N THR C 425 30.18 27.06 -1.86
CA THR C 425 29.56 26.92 -0.55
C THR C 425 28.86 28.22 -0.19
N PHE C 426 29.63 29.30 -0.18
CA PHE C 426 29.14 30.59 0.26
C PHE C 426 28.25 31.21 -0.80
N GLY C 427 28.55 30.90 -2.06
CA GLY C 427 27.77 31.38 -3.18
C GLY C 427 26.40 30.73 -3.19
N GLY C 428 26.36 29.41 -3.11
CA GLY C 428 25.12 28.67 -3.21
C GLY C 428 24.09 29.12 -2.20
N ILE C 429 24.54 29.36 -0.97
CA ILE C 429 23.64 29.77 0.13
C ILE C 429 23.33 31.28 0.17
N GLY C 430 24.03 32.07 -0.63
CA GLY C 430 23.77 33.49 -0.73
C GLY C 430 24.55 34.38 0.22
N ALA C 431 25.70 33.90 0.68
CA ALA C 431 26.58 34.69 1.54
C ALA C 431 27.43 35.69 0.75
N THR C 432 28.05 35.17 -0.31
CA THR C 432 29.03 35.92 -1.10
C THR C 432 28.57 36.21 -2.53
N VAL C 433 27.39 35.73 -2.90
CA VAL C 433 26.75 36.16 -4.15
C VAL C 433 25.32 36.55 -3.84
N ASN C 434 24.72 37.33 -4.72
CA ASN C 434 23.42 37.90 -4.41
C ASN C 434 22.21 37.04 -4.77
N VAL C 435 22.11 35.85 -4.17
CA VAL C 435 20.84 35.11 -4.10
C VAL C 435 20.34 35.19 -2.67
N LYS C 436 19.05 34.93 -2.45
CA LYS C 436 18.48 35.09 -1.10
C LYS C 436 19.16 34.12 -0.14
N PRO C 437 19.62 34.62 1.02
CA PRO C 437 20.22 33.77 2.05
C PRO C 437 19.33 32.58 2.45
N SER C 438 19.89 31.38 2.36
CA SER C 438 19.13 30.16 2.62
C SER C 438 20.01 28.94 2.90
N LEU C 439 19.48 28.02 3.67
CA LEU C 439 20.09 26.70 3.87
C LEU C 439 19.20 25.57 3.34
N THR C 440 18.18 25.94 2.56
CA THR C 440 17.32 24.96 1.91
C THR C 440 17.27 25.27 0.41
N LEU C 441 18.13 24.60 -0.33
CA LEU C 441 18.35 24.91 -1.74
C LEU C 441 17.57 23.98 -2.67
N GLY C 442 16.48 24.49 -3.22
CA GLY C 442 15.66 23.74 -4.16
C GLY C 442 16.40 23.43 -5.45
N CYS C 443 16.27 22.19 -5.92
CA CYS C 443 16.94 21.77 -7.14
C CYS C 443 16.02 21.70 -8.36
N GLY C 444 14.83 22.29 -8.27
CA GLY C 444 13.93 22.34 -9.40
C GLY C 444 13.38 20.96 -9.75
N ALA C 445 12.62 20.89 -10.84
CA ALA C 445 12.00 19.63 -11.25
C ALA C 445 13.03 18.55 -11.57
N ILE C 446 14.17 18.98 -12.11
CA ILE C 446 15.22 18.06 -12.52
C ILE C 446 15.86 17.38 -11.32
N GLY C 447 15.77 18.04 -10.16
CA GLY C 447 16.23 17.48 -8.90
C GLY C 447 15.07 17.06 -8.02
N ASN C 448 13.93 16.79 -8.66
CA ASN C 448 12.74 16.28 -7.97
C ASN C 448 12.20 17.26 -6.93
N ASN C 449 12.22 18.55 -7.27
CA ASN C 449 11.73 19.59 -6.38
C ASN C 449 10.73 20.47 -7.10
N ILE C 450 9.84 21.09 -6.33
CA ILE C 450 8.83 21.99 -6.87
C ILE C 450 9.42 23.34 -7.27
N THR C 451 10.57 23.69 -6.71
CA THR C 451 11.26 24.94 -7.06
C THR C 451 12.77 24.80 -7.08
N SER C 452 13.41 25.65 -7.88
CA SER C 452 14.87 25.75 -7.95
C SER C 452 15.37 26.91 -7.09
N ASP C 453 14.44 27.58 -6.41
CA ASP C 453 14.76 28.72 -5.56
C ASP C 453 15.54 28.35 -4.29
N ASN C 454 16.38 29.25 -3.82
CA ASN C 454 16.76 29.26 -2.41
C ASN C 454 15.50 29.58 -1.61
N VAL C 455 15.02 28.61 -0.84
CA VAL C 455 13.76 28.79 -0.11
C VAL C 455 13.90 29.84 0.98
N THR C 456 12.91 30.72 1.08
CA THR C 456 12.94 31.81 2.03
C THR C 456 11.52 32.17 2.43
N VAL C 457 11.37 33.31 3.11
CA VAL C 457 10.12 33.65 3.77
C VAL C 457 8.97 33.74 2.77
N THR C 458 9.26 34.14 1.53
CA THR C 458 8.20 34.31 0.54
C THR C 458 7.60 32.99 0.10
N HIS C 459 8.30 31.89 0.36
CA HIS C 459 7.76 30.58 0.08
C HIS C 459 6.81 30.11 1.18
N LEU C 460 6.75 30.86 2.27
CA LEU C 460 6.01 30.41 3.42
C LEU C 460 4.83 31.32 3.73
N PHE C 461 4.48 32.16 2.77
CA PHE C 461 3.14 32.74 2.76
C PHE C 461 2.60 32.76 1.33
N ASN C 462 1.31 32.53 1.23
CA ASN C 462 0.54 32.61 0.00
C ASN C 462 0.09 34.05 -0.21
N ILE C 463 -0.04 34.46 -1.47
CA ILE C 463 -0.59 35.78 -1.77
C ILE C 463 -2.06 35.67 -2.14
N LYS C 464 -2.85 36.49 -1.45
CA LYS C 464 -4.26 36.64 -1.73
C LYS C 464 -4.44 37.93 -2.52
N ARG C 465 -5.28 37.90 -3.55
CA ARG C 465 -5.49 39.09 -4.36
C ARG C 465 -6.91 39.60 -4.27
N VAL C 466 -7.03 40.80 -3.71
CA VAL C 466 -8.26 41.56 -3.75
C VAL C 466 -8.25 42.30 -5.07
N ALA C 467 -9.21 42.02 -5.94
CA ALA C 467 -9.22 42.60 -7.27
C ALA C 467 -10.62 43.04 -7.64
N PHE C 468 -10.70 44.23 -8.22
CA PHE C 468 -11.97 44.87 -8.50
C PHE C 468 -12.42 44.59 -9.93
N GLY C 469 -13.73 44.56 -10.13
CA GLY C 469 -14.28 44.55 -11.47
C GLY C 469 -13.75 45.75 -12.24
N VAL C 470 -13.07 45.49 -13.36
CA VAL C 470 -12.46 46.55 -14.17
C VAL C 470 -12.83 46.39 -15.64
N ARG C 471 -13.44 45.26 -16.00
CA ARG C 471 -13.82 44.99 -17.38
C ARG C 471 -15.21 44.37 -17.33
N GLU C 472 -15.99 44.57 -18.39
CA GLU C 472 -17.30 43.93 -18.50
C GLU C 472 -17.18 42.69 -19.37
N MET C 473 -17.91 41.63 -18.99
CA MET C 473 -17.89 40.40 -19.79
C MET C 473 -18.95 40.48 -20.91
N PRO C 474 -18.55 40.22 -22.17
CA PRO C 474 -19.53 40.19 -23.27
C PRO C 474 -20.60 39.09 -23.18
N LYS C 475 -21.81 39.42 -23.62
CA LYS C 475 -22.94 38.49 -23.63
C LYS C 475 -23.04 37.73 -24.95
N LYS C 476 -22.61 38.33 -26.05
CA LYS C 476 -22.75 37.69 -27.37
C LYS C 476 -21.37 37.47 -27.98
N VAL C 477 -21.29 36.49 -28.88
CA VAL C 477 -20.04 36.20 -29.60
C VAL C 477 -19.87 37.16 -30.77
N ALA D 22 1.41 -15.16 -28.86
CA ALA D 22 2.69 -14.46 -29.00
C ALA D 22 2.52 -12.98 -28.73
N SER D 23 1.69 -12.34 -29.54
CA SER D 23 1.42 -10.92 -29.42
C SER D 23 -0.08 -10.66 -29.35
N MET D 24 -0.58 -10.42 -28.15
CA MET D 24 -1.97 -10.02 -27.93
C MET D 24 -2.06 -8.97 -26.83
N LEU D 25 -3.26 -8.43 -26.66
CA LEU D 25 -3.61 -7.47 -25.63
C LEU D 25 -5.12 -7.66 -25.54
N ARG D 26 -5.83 -6.77 -24.82
CA ARG D 26 -7.29 -6.88 -24.68
C ARG D 26 -7.95 -6.08 -23.58
N ASP D 27 -7.41 -6.14 -22.36
CA ASP D 27 -8.09 -5.50 -21.26
C ASP D 27 -7.71 -4.04 -21.44
N ILE D 28 -8.61 -3.13 -21.11
CA ILE D 28 -8.46 -1.77 -21.59
C ILE D 28 -7.37 -1.07 -20.80
N ASP D 29 -7.27 -1.48 -19.54
CA ASP D 29 -6.28 -0.95 -18.60
C ASP D 29 -4.86 -1.17 -19.07
N LEU D 30 -4.54 -2.37 -19.53
CA LEU D 30 -3.19 -2.63 -19.96
C LEU D 30 -2.90 -1.79 -21.21
N GLN D 31 -3.87 -1.72 -22.13
CA GLN D 31 -3.70 -0.91 -23.33
C GLN D 31 -3.48 0.57 -22.99
N SER D 32 -4.28 1.08 -22.06
CA SER D 32 -4.17 2.47 -21.62
C SER D 32 -2.82 2.77 -20.98
N ILE D 33 -2.26 1.81 -20.24
CA ILE D 33 -0.93 1.98 -19.68
C ILE D 33 0.15 2.07 -20.76
N GLN D 34 0.08 1.18 -21.75
CA GLN D 34 1.04 1.17 -22.86
C GLN D 34 0.97 2.49 -23.64
N GLU D 35 -0.24 3.00 -23.83
CA GLU D 35 -0.45 4.26 -24.54
C GLU D 35 0.26 5.41 -23.85
N VAL D 36 0.10 5.47 -22.53
CA VAL D 36 0.76 6.49 -21.71
C VAL D 36 2.27 6.41 -21.90
N ARG D 37 2.81 5.19 -21.86
CA ARG D 37 4.24 4.99 -22.02
C ARG D 37 4.67 5.43 -23.43
N ASN D 38 3.89 5.13 -24.46
CA ASN D 38 4.21 5.61 -25.81
C ASN D 38 4.25 7.15 -25.90
N TYR D 39 3.24 7.80 -25.34
CA TYR D 39 3.17 9.26 -25.34
C TYR D 39 4.33 9.96 -24.62
N LEU D 40 4.75 9.41 -23.47
CA LEU D 40 5.79 10.06 -22.68
C LEU D 40 7.13 10.03 -23.39
N GLU D 41 7.45 8.88 -23.96
CA GLU D 41 8.65 8.73 -24.77
C GLU D 41 8.69 9.73 -25.90
N GLU D 42 7.59 9.84 -26.62
CA GLU D 42 7.52 10.75 -27.75
C GLU D 42 7.51 12.18 -27.22
N ALA D 43 6.84 12.40 -26.10
CA ALA D 43 6.87 13.70 -25.46
C ALA D 43 8.30 14.13 -25.08
N LYS D 44 9.11 13.20 -24.56
CA LYS D 44 10.49 13.52 -24.16
C LYS D 44 11.32 13.99 -25.32
N ALA D 45 11.32 13.19 -26.38
CA ALA D 45 12.02 13.49 -27.61
C ALA D 45 11.55 14.83 -28.13
N ALA D 46 10.24 15.02 -28.13
CA ALA D 46 9.68 16.24 -28.64
C ALA D 46 10.14 17.44 -27.83
N GLN D 47 10.10 17.35 -26.50
CA GLN D 47 10.50 18.49 -25.68
C GLN D 47 11.97 18.87 -25.84
N LYS D 48 12.83 17.88 -26.02
CA LYS D 48 14.25 18.18 -26.16
C LYS D 48 14.50 18.95 -27.45
N ILE D 49 13.79 18.60 -28.51
CA ILE D 49 13.93 19.31 -29.78
C ILE D 49 13.35 20.71 -29.63
N LEU D 50 12.21 20.82 -28.94
CA LEU D 50 11.58 22.11 -28.70
C LEU D 50 12.45 23.05 -27.88
N GLU D 51 13.17 22.47 -26.93
CA GLU D 51 13.96 23.24 -25.98
C GLU D 51 15.08 23.98 -26.68
N LYS D 52 15.46 23.48 -27.85
CA LYS D 52 16.51 24.10 -28.65
C LYS D 52 16.02 25.30 -29.49
N MET D 53 14.72 25.53 -29.51
CA MET D 53 14.16 26.61 -30.32
C MET D 53 14.41 28.00 -29.75
N THR D 54 14.38 29.02 -30.62
CA THR D 54 14.50 30.43 -30.21
C THR D 54 13.20 30.93 -29.59
N GLN D 55 13.25 32.07 -28.90
CA GLN D 55 12.03 32.70 -28.38
C GLN D 55 11.07 32.99 -29.52
N SER D 56 11.62 33.35 -30.67
CA SER D 56 10.82 33.71 -31.81
C SER D 56 10.06 32.52 -32.36
N GLU D 57 10.78 31.42 -32.54
CA GLU D 57 10.18 30.17 -33.00
C GLU D 57 9.12 29.63 -32.05
N ILE D 58 9.38 29.71 -30.75
CA ILE D 58 8.41 29.27 -29.76
C ILE D 58 7.15 30.12 -29.87
N ASP D 59 7.33 31.43 -29.96
CA ASP D 59 6.19 32.34 -29.92
C ASP D 59 5.29 32.16 -31.14
N LYS D 60 5.88 31.81 -32.28
CA LYS D 60 5.09 31.52 -33.47
C LYS D 60 4.24 30.27 -33.27
N ILE D 61 4.82 29.24 -32.66
CA ILE D 61 4.09 28.01 -32.35
C ILE D 61 2.91 28.31 -31.44
N VAL D 62 3.15 29.10 -30.41
CA VAL D 62 2.11 29.43 -29.44
C VAL D 62 1.00 30.21 -30.14
N GLU D 63 1.37 31.08 -31.06
CA GLU D 63 0.40 31.90 -31.78
C GLU D 63 -0.52 31.00 -32.61
N SER D 64 0.06 30.00 -33.26
CA SER D 64 -0.69 29.09 -34.11
C SER D 64 -1.73 28.29 -33.32
N MET D 65 -1.31 27.79 -32.17
CA MET D 65 -2.24 27.11 -31.27
C MET D 65 -3.43 27.99 -30.91
N ALA D 66 -3.17 29.25 -30.53
CA ALA D 66 -4.25 30.13 -30.10
C ALA D 66 -5.21 30.48 -31.25
N ASN D 67 -4.65 30.70 -32.43
CA ASN D 67 -5.46 30.93 -33.62
C ASN D 67 -6.43 29.80 -33.91
N ALA D 68 -5.90 28.58 -33.93
CA ALA D 68 -6.70 27.40 -34.22
C ALA D 68 -7.74 27.21 -33.13
N ALA D 69 -7.31 27.43 -31.89
CA ALA D 69 -8.20 27.33 -30.75
C ALA D 69 -9.37 28.29 -30.90
N ARG D 70 -9.06 29.52 -31.28
CA ARG D 70 -10.10 30.51 -31.49
C ARG D 70 -11.17 30.08 -32.49
N GLU D 71 -10.73 29.65 -33.67
CA GLU D 71 -11.63 29.14 -34.72
C GLU D 71 -12.47 27.90 -34.36
N GLU D 72 -11.89 26.97 -33.60
CA GLU D 72 -12.55 25.69 -33.34
C GLU D 72 -13.34 25.75 -32.05
N ALA D 73 -13.38 26.93 -31.44
CA ALA D 73 -13.95 27.14 -30.11
C ALA D 73 -15.40 26.65 -30.08
N GLY D 74 -16.14 27.04 -31.12
CA GLY D 74 -17.56 26.71 -31.19
C GLY D 74 -17.74 25.24 -31.44
N ARG D 75 -16.96 24.67 -32.35
CA ARG D 75 -17.07 23.26 -32.67
C ARG D 75 -16.78 22.40 -31.44
N LEU D 76 -15.71 22.77 -30.75
CA LEU D 76 -15.28 22.08 -29.54
C LEU D 76 -16.32 22.21 -28.44
N ALA D 77 -16.85 23.41 -28.30
CA ALA D 77 -17.93 23.71 -27.36
C ALA D 77 -19.11 22.77 -27.58
N ALA D 78 -19.51 22.60 -28.84
CA ALA D 78 -20.63 21.74 -29.18
C ALA D 78 -20.35 20.30 -28.82
N MET D 79 -19.11 19.84 -29.05
CA MET D 79 -18.76 18.47 -28.70
C MET D 79 -18.85 18.25 -27.18
N ALA D 80 -18.40 19.24 -26.40
CA ALA D 80 -18.34 19.06 -24.96
C ALA D 80 -19.73 19.05 -24.34
N VAL D 81 -20.59 19.94 -24.80
CA VAL D 81 -21.98 19.97 -24.35
C VAL D 81 -22.69 18.69 -24.74
N GLU D 82 -22.43 18.24 -25.96
CA GLU D 82 -23.06 17.05 -26.50
C GLU D 82 -22.59 15.80 -25.76
N GLU D 83 -21.30 15.70 -25.48
CA GLU D 83 -20.75 14.49 -24.87
C GLU D 83 -21.10 14.40 -23.39
N THR D 84 -21.01 15.53 -22.69
CA THR D 84 -21.11 15.56 -21.24
C THR D 84 -22.52 15.87 -20.73
N GLY D 85 -23.33 16.54 -21.55
CA GLY D 85 -24.61 17.02 -21.08
C GLY D 85 -24.55 18.31 -20.28
N PHE D 86 -23.35 18.85 -20.05
CA PHE D 86 -23.22 20.07 -19.23
C PHE D 86 -23.30 21.31 -20.09
N GLY D 87 -23.96 22.34 -19.57
CA GLY D 87 -23.87 23.68 -20.12
C GLY D 87 -24.55 23.91 -21.46
N ASN D 88 -24.08 24.92 -22.18
CA ASN D 88 -24.63 25.31 -23.47
C ASN D 88 -23.49 25.79 -24.35
N VAL D 89 -23.72 25.74 -25.65
CA VAL D 89 -22.66 25.93 -26.62
C VAL D 89 -22.14 27.36 -26.71
N GLU D 90 -23.04 28.34 -26.58
CA GLU D 90 -22.64 29.74 -26.59
C GLU D 90 -21.66 30.08 -25.48
N ASP D 91 -21.98 29.66 -24.26
CA ASP D 91 -21.13 29.99 -23.13
C ASP D 91 -19.84 29.18 -23.15
N LYS D 92 -19.92 27.93 -23.60
CA LYS D 92 -18.70 27.13 -23.77
C LYS D 92 -17.83 27.70 -24.88
N THR D 93 -18.46 28.30 -25.89
CA THR D 93 -17.70 28.93 -26.97
C THR D 93 -16.94 30.12 -26.40
N LEU D 94 -17.63 30.89 -25.56
CA LEU D 94 -16.99 32.00 -24.87
C LEU D 94 -15.89 31.50 -23.94
N LYS D 95 -16.13 30.36 -23.30
CA LYS D 95 -15.14 29.78 -22.39
C LYS D 95 -13.86 29.36 -23.08
N ASN D 96 -13.99 28.72 -24.24
CA ASN D 96 -12.84 28.34 -25.04
C ASN D 96 -12.08 29.57 -25.54
N LEU D 97 -12.81 30.65 -25.79
CA LEU D 97 -12.23 31.88 -26.30
C LEU D 97 -11.46 32.62 -25.22
N PHE D 98 -11.91 32.51 -23.99
CA PHE D 98 -11.17 33.06 -22.86
C PHE D 98 -9.78 32.47 -22.83
N ALA D 99 -9.72 31.15 -23.04
CA ALA D 99 -8.45 30.45 -23.13
C ALA D 99 -7.65 30.84 -24.37
N ALA D 100 -8.32 30.98 -25.51
CA ALA D 100 -7.60 31.27 -26.75
C ALA D 100 -7.11 32.72 -26.85
N ASN D 101 -7.80 33.62 -26.15
CA ASN D 101 -7.51 35.05 -26.24
C ASN D 101 -6.83 35.60 -24.99
N ASP D 102 -7.55 35.59 -23.87
CA ASP D 102 -7.05 36.20 -22.64
C ASP D 102 -5.81 35.49 -22.13
N VAL D 103 -5.81 34.17 -22.15
CA VAL D 103 -4.67 33.43 -21.62
C VAL D 103 -3.48 33.69 -22.55
N TYR D 104 -3.72 33.59 -23.86
CA TYR D 104 -2.70 33.86 -24.88
C TYR D 104 -2.08 35.25 -24.73
N ASN D 105 -2.93 36.26 -24.53
CA ASN D 105 -2.47 37.64 -24.45
C ASN D 105 -1.60 37.85 -23.22
N SER D 106 -1.87 37.05 -22.19
CA SER D 106 -1.17 37.17 -20.91
C SER D 106 0.20 36.52 -20.92
N ILE D 107 0.48 35.69 -21.92
CA ILE D 107 1.74 34.96 -21.97
C ILE D 107 2.59 35.27 -23.20
N LYS D 108 1.99 35.92 -24.20
CA LYS D 108 2.63 35.99 -25.51
C LYS D 108 3.86 36.88 -25.44
N ASP D 109 3.89 37.77 -24.46
CA ASP D 109 5.02 38.67 -24.31
C ASP D 109 5.97 38.30 -23.18
N VAL D 110 5.77 37.13 -22.60
CA VAL D 110 6.66 36.66 -21.54
C VAL D 110 7.95 36.06 -22.10
N LYS D 111 9.09 36.46 -21.53
CA LYS D 111 10.38 35.91 -21.92
C LYS D 111 10.54 34.53 -21.29
N THR D 112 10.89 33.54 -22.09
CA THR D 112 10.92 32.16 -21.63
C THR D 112 12.12 31.40 -22.16
N VAL D 113 12.85 32.02 -23.07
CA VAL D 113 14.07 31.42 -23.62
C VAL D 113 15.33 32.13 -23.13
N GLY D 114 16.25 31.35 -22.55
CA GLY D 114 17.57 31.84 -22.21
C GLY D 114 17.54 32.83 -21.07
N ILE D 115 18.33 33.90 -21.20
CA ILE D 115 18.40 34.91 -20.14
C ILE D 115 17.21 35.83 -20.22
N ILE D 116 16.43 35.85 -19.15
CA ILE D 116 15.17 36.58 -19.16
C ILE D 116 15.24 37.78 -18.23
N ARG D 117 16.34 37.88 -17.48
CA ARG D 117 16.51 38.97 -16.55
C ARG D 117 17.94 39.13 -16.05
N ARG D 118 18.34 40.38 -15.91
CA ARG D 118 19.68 40.80 -15.50
C ARG D 118 19.49 41.84 -14.41
N ASP D 119 20.43 41.82 -13.48
CA ASP D 119 20.38 42.64 -12.29
C ASP D 119 21.83 42.99 -12.24
N GLU D 120 22.06 44.17 -12.83
CA GLU D 120 23.37 44.73 -13.00
C GLU D 120 24.03 45.25 -11.72
N GLU D 121 23.21 45.78 -10.81
CA GLU D 121 23.75 46.40 -9.60
C GLU D 121 24.16 45.35 -8.59
N ASN D 122 23.39 44.28 -8.57
CA ASN D 122 23.63 43.14 -7.72
C ASN D 122 24.47 42.03 -8.36
N ARG D 123 24.72 42.16 -9.66
CA ARG D 123 25.50 41.17 -10.41
C ARG D 123 24.90 39.77 -10.45
N VAL D 124 23.63 39.69 -10.86
CA VAL D 124 22.93 38.42 -10.99
C VAL D 124 22.14 38.49 -12.29
N TRP D 125 22.09 37.39 -13.03
CA TRP D 125 21.07 37.24 -14.07
C TRP D 125 20.40 35.86 -14.14
N GLU D 126 19.15 35.90 -14.58
CA GLU D 126 18.22 34.78 -14.56
C GLU D 126 18.05 34.08 -15.90
N ILE D 127 18.14 32.76 -15.89
CA ILE D 127 17.92 31.93 -17.08
C ILE D 127 16.67 31.05 -16.90
N ALA D 128 15.78 31.06 -17.89
CA ALA D 128 14.61 30.20 -17.86
C ALA D 128 14.94 28.78 -18.21
N GLN D 129 14.50 27.85 -17.36
CA GLN D 129 14.74 26.42 -17.52
C GLN D 129 13.43 25.60 -17.55
N PRO D 130 13.09 24.98 -18.70
CA PRO D 130 11.87 24.16 -18.70
C PRO D 130 11.86 23.01 -17.68
N VAL D 131 10.69 22.71 -17.14
CA VAL D 131 10.55 21.62 -16.17
C VAL D 131 10.65 20.23 -16.82
N GLY D 132 10.33 20.16 -18.11
CA GLY D 132 10.40 18.93 -18.88
C GLY D 132 9.06 18.44 -19.43
N ILE D 133 8.48 17.41 -18.81
CA ILE D 133 7.19 16.89 -19.25
C ILE D 133 6.12 17.13 -18.19
N VAL D 134 5.04 17.77 -18.64
CA VAL D 134 3.91 18.08 -17.78
C VAL D 134 2.75 17.11 -17.95
N ALA D 135 2.24 16.60 -16.82
CA ALA D 135 0.99 15.84 -16.80
C ALA D 135 -0.21 16.71 -16.45
N GLY D 136 -1.11 16.92 -17.41
CA GLY D 136 -2.29 17.74 -17.22
C GLY D 136 -3.57 16.94 -17.01
N ILE D 137 -4.12 17.00 -15.80
CA ILE D 137 -5.39 16.34 -15.50
C ILE D 137 -6.56 17.27 -15.79
N ILE D 138 -7.54 16.78 -16.55
CA ILE D 138 -8.61 17.63 -17.07
C ILE D 138 -9.98 17.28 -16.48
N PRO D 139 -10.69 18.26 -15.90
CA PRO D 139 -12.02 18.01 -15.33
C PRO D 139 -13.09 17.84 -16.41
N SER D 140 -14.27 17.39 -16.01
CA SER D 140 -15.37 17.12 -16.95
C SER D 140 -16.16 18.40 -17.27
N THR D 141 -16.04 19.39 -16.39
CA THR D 141 -16.81 20.63 -16.52
C THR D 141 -16.23 21.63 -17.53
N ASN D 142 -14.90 21.70 -17.56
CA ASN D 142 -14.19 22.61 -18.45
C ASN D 142 -13.23 21.88 -19.35
N PRO D 143 -13.70 20.83 -20.03
CA PRO D 143 -12.76 19.89 -20.63
C PRO D 143 -11.97 20.46 -21.81
N THR D 144 -12.61 21.21 -22.69
CA THR D 144 -11.93 21.69 -23.88
C THR D 144 -11.17 22.98 -23.61
N SER D 145 -11.76 23.86 -22.82
CA SER D 145 -11.13 25.13 -22.49
C SER D 145 -9.85 24.94 -21.67
N THR D 146 -9.86 23.97 -20.77
CA THR D 146 -8.71 23.71 -19.89
C THR D 146 -7.53 23.12 -20.65
N VAL D 147 -7.81 22.29 -21.66
CA VAL D 147 -6.76 21.77 -22.54
C VAL D 147 -6.07 22.90 -23.29
N ILE D 148 -6.87 23.82 -23.80
CA ILE D 148 -6.35 24.95 -24.57
C ILE D 148 -5.46 25.81 -23.69
N PHE D 149 -5.98 26.16 -22.51
CA PHE D 149 -5.23 26.93 -21.52
C PHE D 149 -3.92 26.27 -21.13
N LYS D 150 -3.97 25.00 -20.77
CA LYS D 150 -2.79 24.30 -20.29
C LYS D 150 -1.77 24.11 -21.40
N ALA D 151 -2.24 23.84 -22.61
CA ALA D 151 -1.35 23.64 -23.73
C ALA D 151 -0.56 24.92 -24.03
N LEU D 152 -1.23 26.06 -23.99
CA LEU D 152 -0.57 27.34 -24.28
C LEU D 152 0.55 27.64 -23.30
N ILE D 153 0.26 27.56 -22.02
CA ILE D 153 1.25 27.94 -21.01
C ILE D 153 2.40 26.92 -20.93
N ALA D 154 2.10 25.65 -21.16
CA ALA D 154 3.13 24.62 -21.17
C ALA D 154 4.12 24.75 -22.32
N VAL D 155 3.61 25.01 -23.52
CA VAL D 155 4.43 25.04 -24.72
C VAL D 155 5.21 26.36 -24.80
N LYS D 156 4.61 27.42 -24.29
CA LYS D 156 5.27 28.72 -24.21
C LYS D 156 6.51 28.63 -23.31
N ALA D 157 6.39 27.83 -22.26
CA ALA D 157 7.51 27.57 -21.36
C ALA D 157 8.46 26.50 -21.88
N ARG D 158 8.16 25.96 -23.06
CA ARG D 158 9.04 25.01 -23.77
C ARG D 158 8.98 23.61 -23.16
N ASN D 159 7.80 23.22 -22.68
CA ASN D 159 7.57 21.87 -22.17
C ASN D 159 6.76 21.05 -23.17
N ALA D 160 6.79 19.73 -22.99
CA ALA D 160 5.81 18.87 -23.62
C ALA D 160 4.68 18.65 -22.62
N ILE D 161 3.53 18.20 -23.07
CA ILE D 161 2.43 17.94 -22.15
C ILE D 161 1.58 16.76 -22.58
N VAL D 162 1.28 15.89 -21.62
CA VAL D 162 0.42 14.74 -21.84
C VAL D 162 -0.86 14.88 -21.01
N PHE D 163 -1.99 14.90 -21.70
CA PHE D 163 -3.31 15.06 -21.09
C PHE D 163 -4.01 13.75 -20.71
N SER D 164 -4.78 13.82 -19.62
CA SER D 164 -5.64 12.73 -19.14
C SER D 164 -7.08 13.21 -19.02
N PRO D 165 -7.97 12.79 -19.96
CA PRO D 165 -9.33 13.30 -19.82
C PRO D 165 -10.09 12.62 -18.71
N HIS D 166 -11.04 13.36 -18.15
CA HIS D 166 -12.10 12.79 -17.35
C HIS D 166 -12.88 11.84 -18.29
N PRO D 167 -13.33 10.66 -17.81
CA PRO D 167 -14.00 9.74 -18.75
C PRO D 167 -15.27 10.24 -19.45
N SER D 168 -16.08 11.03 -18.75
CA SER D 168 -17.28 11.61 -19.34
C SER D 168 -17.01 12.58 -20.48
N ALA D 169 -15.76 13.00 -20.62
CA ALA D 169 -15.42 13.99 -21.63
C ALA D 169 -14.21 13.55 -22.44
N ALA D 170 -14.01 12.24 -22.50
CA ALA D 170 -12.82 11.67 -23.12
C ALA D 170 -12.63 12.10 -24.58
N LYS D 171 -13.70 12.10 -25.36
CA LYS D 171 -13.56 12.31 -26.80
C LYS D 171 -13.24 13.75 -27.15
N CYS D 172 -14.01 14.68 -26.59
CA CYS D 172 -13.83 16.09 -26.90
C CYS D 172 -12.50 16.60 -26.36
N THR D 173 -12.05 16.02 -25.25
CA THR D 173 -10.80 16.43 -24.64
C THR D 173 -9.65 16.04 -25.55
N ALA D 174 -9.68 14.81 -26.02
CA ALA D 174 -8.68 14.29 -26.94
C ALA D 174 -8.66 15.12 -28.21
N GLU D 175 -9.84 15.53 -28.64
CA GLU D 175 -9.97 16.30 -29.86
C GLU D 175 -9.34 17.69 -29.68
N ALA D 176 -9.57 18.31 -28.53
CA ALA D 176 -8.92 19.57 -28.20
C ALA D 176 -7.41 19.45 -28.30
N ALA D 177 -6.87 18.41 -27.68
CA ALA D 177 -5.43 18.13 -27.74
C ALA D 177 -4.96 17.99 -29.19
N ARG D 178 -5.74 17.25 -29.98
CA ARG D 178 -5.39 16.95 -31.35
C ARG D 178 -5.27 18.21 -32.18
N ILE D 179 -6.21 19.13 -31.97
CA ILE D 179 -6.22 20.40 -32.66
C ILE D 179 -4.98 21.22 -32.33
N MET D 180 -4.59 21.24 -31.05
CA MET D 180 -3.40 21.96 -30.64
C MET D 180 -2.13 21.37 -31.25
N GLN D 181 -1.97 20.06 -31.17
CA GLN D 181 -0.82 19.39 -31.74
C GLN D 181 -0.72 19.70 -33.23
N GLU D 182 -1.87 19.59 -33.91
CA GLU D 182 -1.91 19.83 -35.34
C GLU D 182 -1.64 21.28 -35.68
N ALA D 183 -2.19 22.19 -34.89
CA ALA D 183 -1.90 23.61 -35.09
C ALA D 183 -0.43 23.90 -34.85
N ALA D 184 0.07 23.36 -33.75
CA ALA D 184 1.46 23.50 -33.35
C ALA D 184 2.45 22.92 -34.35
N GLU D 185 2.20 21.69 -34.77
CA GLU D 185 3.09 21.01 -35.71
C GLU D 185 3.19 21.77 -37.02
N ARG D 186 2.07 22.33 -37.48
CA ARG D 186 2.06 23.15 -38.70
C ARG D 186 3.03 24.31 -38.58
N ALA D 187 3.24 24.80 -37.36
CA ALA D 187 4.06 25.97 -37.12
C ALA D 187 5.49 25.60 -36.70
N GLY D 188 5.79 24.30 -36.76
CA GLY D 188 7.16 23.83 -36.65
C GLY D 188 7.42 22.96 -35.43
N ALA D 189 6.39 22.75 -34.62
CA ALA D 189 6.55 21.96 -33.41
C ALA D 189 6.81 20.50 -33.79
N PRO D 190 7.55 19.76 -32.96
CA PRO D 190 7.87 18.34 -33.19
C PRO D 190 6.68 17.41 -32.95
N LYS D 191 6.65 16.26 -33.62
CA LYS D 191 5.64 15.25 -33.34
C LYS D 191 5.72 14.84 -31.89
N GLY D 192 4.57 14.55 -31.28
CA GLY D 192 4.53 13.98 -29.96
C GLY D 192 4.56 14.99 -28.82
N LEU D 193 4.57 16.27 -29.16
CA LEU D 193 4.66 17.33 -28.16
C LEU D 193 3.42 17.42 -27.29
N ILE D 194 2.26 17.25 -27.92
CA ILE D 194 0.99 17.38 -27.24
C ILE D 194 0.20 16.12 -27.53
N SER D 195 -0.17 15.41 -26.47
CA SER D 195 -0.83 14.13 -26.62
C SER D 195 -1.89 13.98 -25.55
N CYS D 196 -2.69 12.93 -25.69
CA CYS D 196 -3.83 12.73 -24.81
C CYS D 196 -4.23 11.26 -24.73
N ILE D 197 -4.30 10.76 -23.51
CA ILE D 197 -4.77 9.41 -23.23
C ILE D 197 -6.16 9.28 -23.85
N THR D 198 -6.42 8.24 -24.62
CA THR D 198 -7.70 8.20 -25.31
C THR D 198 -8.79 7.51 -24.50
N GLN D 199 -8.43 6.45 -23.78
CA GLN D 199 -9.37 5.83 -22.84
C GLN D 199 -8.80 5.90 -21.42
N PRO D 200 -9.24 6.88 -20.61
CA PRO D 200 -8.78 7.08 -19.23
C PRO D 200 -9.10 5.90 -18.29
N THR D 201 -8.12 5.51 -17.49
CA THR D 201 -8.32 4.55 -16.41
C THR D 201 -7.51 4.97 -15.19
N MET D 202 -7.78 4.35 -14.05
CA MET D 202 -7.01 4.60 -12.85
C MET D 202 -5.60 4.14 -13.05
N ALA D 203 -5.48 3.00 -13.73
CA ALA D 203 -4.18 2.42 -14.00
C ALA D 203 -3.34 3.38 -14.82
N ALA D 204 -3.94 3.88 -15.88
CA ALA D 204 -3.27 4.84 -16.75
C ALA D 204 -2.97 6.16 -16.06
N THR D 205 -3.92 6.67 -15.29
CA THR D 205 -3.69 7.87 -14.51
C THR D 205 -2.52 7.70 -13.55
N ASN D 206 -2.49 6.57 -12.85
CA ASN D 206 -1.40 6.28 -11.91
C ASN D 206 -0.04 6.19 -12.60
N GLU D 207 -0.02 5.57 -13.78
CA GLU D 207 1.19 5.41 -14.58
C GLU D 207 1.70 6.79 -14.97
N LEU D 208 0.80 7.63 -15.45
CA LEU D 208 1.18 8.95 -15.92
C LEU D 208 1.78 9.75 -14.76
N MET D 209 1.18 9.65 -13.59
CA MET D 209 1.63 10.42 -12.43
C MET D 209 2.98 9.98 -11.82
N LYS D 210 3.32 8.69 -11.90
CA LYS D 210 4.51 8.17 -11.19
C LYS D 210 5.71 7.79 -12.08
N HIS D 211 5.49 7.81 -13.38
CA HIS D 211 6.48 7.45 -14.40
C HIS D 211 7.76 8.30 -14.38
N LYS D 212 8.89 7.67 -14.72
CA LYS D 212 10.19 8.35 -14.75
C LYS D 212 10.22 9.61 -15.59
N LEU D 213 9.44 9.61 -16.66
CA LEU D 213 9.48 10.74 -17.55
C LEU D 213 8.53 11.86 -17.14
N THR D 214 7.63 11.59 -16.19
CA THR D 214 6.75 12.66 -15.75
C THR D 214 7.58 13.56 -14.85
N ASP D 215 7.58 14.85 -15.15
CA ASP D 215 8.39 15.78 -14.39
C ASP D 215 7.55 16.57 -13.39
N VAL D 216 6.39 17.03 -13.87
CA VAL D 216 5.48 17.85 -13.09
C VAL D 216 4.03 17.54 -13.39
N ILE D 217 3.21 17.44 -12.35
CA ILE D 217 1.76 17.26 -12.49
C ILE D 217 0.95 18.56 -12.28
N LEU D 218 0.09 18.88 -13.25
CA LEU D 218 -0.89 19.93 -13.11
C LEU D 218 -2.24 19.26 -12.90
N ALA D 219 -2.73 19.29 -11.66
CA ALA D 219 -3.90 18.51 -11.29
C ALA D 219 -5.14 19.36 -11.06
N THR D 220 -6.00 19.46 -12.08
CA THR D 220 -7.24 20.23 -12.00
C THR D 220 -8.42 19.25 -11.97
N GLY D 221 -8.99 19.05 -10.80
CA GLY D 221 -10.00 18.03 -10.59
C GLY D 221 -10.49 18.00 -9.15
N GLY D 222 -11.24 16.97 -8.80
CA GLY D 222 -11.75 16.81 -7.45
C GLY D 222 -10.68 16.49 -6.43
N PRO D 223 -10.99 16.66 -5.14
CA PRO D 223 -10.06 16.47 -4.01
C PRO D 223 -9.38 15.11 -3.99
N GLY D 224 -10.01 14.11 -4.60
CA GLY D 224 -9.45 12.77 -4.64
C GLY D 224 -8.27 12.68 -5.58
N LEU D 225 -8.39 13.27 -6.75
CA LEU D 225 -7.29 13.29 -7.69
C LEU D 225 -6.15 14.18 -7.22
N VAL D 226 -6.49 15.30 -6.60
CA VAL D 226 -5.47 16.23 -6.11
C VAL D 226 -4.60 15.61 -5.03
N LYS D 227 -5.22 14.93 -4.08
CA LYS D 227 -4.48 14.22 -3.04
C LYS D 227 -3.52 13.21 -3.65
N ALA D 228 -4.00 12.45 -4.63
CA ALA D 228 -3.17 11.46 -5.32
C ALA D 228 -1.94 12.10 -5.98
N ALA D 229 -2.12 13.29 -6.52
CA ALA D 229 -1.02 14.00 -7.17
C ALA D 229 0.08 14.43 -6.20
N TYR D 230 -0.29 14.87 -5.00
CA TYR D 230 0.71 15.23 -3.99
C TYR D 230 1.23 14.00 -3.23
N SER D 231 0.81 12.82 -3.67
CA SER D 231 1.25 11.55 -3.10
C SER D 231 2.03 10.73 -4.13
N SER D 232 2.37 11.35 -5.26
CA SER D 232 2.88 10.63 -6.43
C SER D 232 4.38 10.46 -6.39
N GLY D 233 5.03 11.20 -5.52
CA GLY D 233 6.47 11.29 -5.56
C GLY D 233 6.95 12.41 -6.46
N LYS D 234 6.01 13.13 -7.06
CA LYS D 234 6.37 14.17 -8.02
C LYS D 234 5.95 15.55 -7.55
N PRO D 235 6.70 16.58 -7.98
CA PRO D 235 6.26 17.97 -7.80
C PRO D 235 4.89 18.19 -8.40
N ALA D 236 3.98 18.82 -7.68
CA ALA D 236 2.62 19.01 -8.18
C ALA D 236 2.03 20.37 -7.85
N TYR D 237 1.27 20.90 -8.82
CA TYR D 237 0.39 22.05 -8.60
C TYR D 237 -1.04 21.55 -8.58
N GLY D 238 -1.68 21.56 -7.42
CA GLY D 238 -3.07 21.11 -7.33
C GLY D 238 -4.04 22.26 -7.25
N VAL D 239 -5.33 21.94 -7.34
CA VAL D 239 -6.41 22.89 -7.05
C VAL D 239 -7.20 22.39 -5.85
N GLY D 240 -8.19 23.19 -5.44
CA GLY D 240 -9.22 22.75 -4.52
C GLY D 240 -10.59 23.13 -5.03
N PRO D 241 -11.63 22.57 -4.41
CA PRO D 241 -13.00 22.92 -4.81
C PRO D 241 -13.37 24.30 -4.28
N GLY D 242 -14.35 24.94 -4.91
CA GLY D 242 -14.90 26.19 -4.42
C GLY D 242 -16.22 25.99 -3.68
N ASN D 243 -16.60 26.97 -2.88
CA ASN D 243 -17.95 27.03 -2.36
C ASN D 243 -18.23 28.48 -2.05
N VAL D 244 -18.28 29.28 -3.10
CA VAL D 244 -18.06 30.72 -3.02
C VAL D 244 -19.23 31.48 -2.41
N PRO D 245 -19.02 32.09 -1.22
CA PRO D 245 -20.03 32.95 -0.62
C PRO D 245 -19.84 34.39 -1.08
N VAL D 246 -20.94 35.09 -1.35
CA VAL D 246 -20.86 36.48 -1.79
C VAL D 246 -21.72 37.36 -0.91
N TYR D 247 -21.08 38.40 -0.37
CA TYR D 247 -21.73 39.33 0.53
C TYR D 247 -22.20 40.54 -0.24
N ILE D 248 -23.49 40.85 -0.12
CA ILE D 248 -24.03 42.09 -0.66
C ILE D 248 -24.27 43.08 0.48
N HIS D 249 -23.38 44.07 0.56
CA HIS D 249 -23.46 45.13 1.57
C HIS D 249 -24.48 46.21 1.21
N GLU D 250 -25.07 46.82 2.22
CA GLU D 250 -26.14 47.78 2.03
C GLU D 250 -25.70 49.00 1.19
N SER D 251 -24.39 49.17 1.03
CA SER D 251 -23.86 50.26 0.21
C SER D 251 -23.75 49.90 -1.27
N ALA D 252 -24.04 48.65 -1.60
CA ALA D 252 -23.86 48.14 -2.97
C ALA D 252 -24.81 48.80 -3.96
N ASN D 253 -24.37 48.90 -5.22
CA ASN D 253 -25.29 49.16 -6.32
C ASN D 253 -26.06 47.87 -6.67
N ILE D 254 -27.27 47.73 -6.12
CA ILE D 254 -27.97 46.44 -6.13
C ILE D 254 -28.27 45.97 -7.56
N ALA D 255 -28.77 46.88 -8.39
CA ALA D 255 -29.14 46.53 -9.75
C ALA D 255 -27.93 46.05 -10.54
N LYS D 256 -26.78 46.61 -10.22
CA LYS D 256 -25.55 46.26 -10.92
C LYS D 256 -24.99 44.97 -10.34
N ALA D 257 -25.08 44.82 -9.02
CA ALA D 257 -24.61 43.61 -8.36
C ALA D 257 -25.41 42.38 -8.82
N VAL D 258 -26.74 42.51 -8.84
CA VAL D 258 -27.61 41.40 -9.23
C VAL D 258 -27.30 40.93 -10.63
N GLN D 259 -27.12 41.88 -11.54
CA GLN D 259 -26.85 41.59 -12.95
C GLN D 259 -25.52 40.83 -13.10
N LEU D 260 -24.47 41.31 -12.42
CA LEU D 260 -23.17 40.66 -12.46
C LEU D 260 -23.25 39.25 -11.87
N ILE D 261 -24.03 39.13 -10.80
CA ILE D 261 -24.18 37.86 -10.10
C ILE D 261 -24.86 36.84 -11.00
N ILE D 262 -25.97 37.25 -11.63
CA ILE D 262 -26.73 36.32 -12.48
C ILE D 262 -25.93 35.90 -13.71
N GLN D 263 -25.23 36.84 -14.34
CA GLN D 263 -24.44 36.48 -15.52
C GLN D 263 -23.36 35.48 -15.16
N SER D 264 -22.79 35.61 -13.97
CA SER D 264 -21.69 34.76 -13.53
C SER D 264 -22.23 33.41 -13.09
N LYS D 265 -23.32 33.43 -12.34
CA LYS D 265 -23.89 32.23 -11.76
C LYS D 265 -24.45 31.32 -12.85
N THR D 266 -25.01 31.91 -13.89
CA THR D 266 -25.72 31.16 -14.91
C THR D 266 -24.83 30.84 -16.10
N PHE D 267 -23.60 31.36 -16.09
CA PHE D 267 -22.63 31.06 -17.13
C PHE D 267 -22.35 29.57 -17.28
N ASP D 268 -22.62 29.06 -18.47
CA ASP D 268 -22.48 27.64 -18.76
C ASP D 268 -23.28 26.81 -17.74
N TYR D 269 -24.36 27.40 -17.25
CA TYR D 269 -25.24 26.81 -16.24
C TYR D 269 -24.52 26.41 -14.93
N GLY D 270 -23.53 27.19 -14.52
CA GLY D 270 -22.98 27.11 -13.17
C GLY D 270 -21.92 26.04 -12.99
N THR D 271 -21.29 25.61 -14.08
CA THR D 271 -20.32 24.51 -14.04
C THR D 271 -18.90 24.81 -13.57
N ILE D 272 -18.54 26.08 -13.43
CA ILE D 272 -17.14 26.39 -13.11
C ILE D 272 -17.03 26.47 -11.58
N ALA D 274 -15.92 28.14 -9.45
CA ALA D 274 -15.85 29.49 -8.86
C ALA D 274 -17.20 30.22 -8.85
N SER D 275 -18.25 29.58 -9.32
CA SER D 275 -19.54 30.25 -9.43
C SER D 275 -20.11 30.42 -8.01
N GLU D 276 -20.80 31.55 -7.84
CA GLU D 276 -21.44 31.89 -6.57
C GLU D 276 -22.29 30.71 -6.16
N GLN D 277 -22.26 30.40 -4.88
CA GLN D 277 -23.06 29.32 -4.33
C GLN D 277 -24.02 29.80 -3.25
N ALA D 278 -23.74 30.95 -2.64
CA ALA D 278 -24.60 31.47 -1.59
C ALA D 278 -24.49 32.99 -1.55
N LEU D 279 -25.63 33.67 -1.39
CA LEU D 279 -25.64 35.10 -1.18
C LEU D 279 -25.88 35.41 0.29
N LEU D 280 -25.08 36.32 0.82
CA LEU D 280 -25.28 36.84 2.17
C LEU D 280 -25.70 38.28 2.03
N VAL D 281 -26.90 38.58 2.49
CA VAL D 281 -27.52 39.86 2.20
C VAL D 281 -27.87 40.60 3.48
N ASP D 282 -27.46 41.87 3.53
CA ASP D 282 -27.81 42.76 4.61
C ASP D 282 -29.33 42.92 4.74
N GLU D 283 -29.82 42.57 5.92
CA GLU D 283 -31.22 42.71 6.30
C GLU D 283 -31.83 43.99 5.74
N SER D 284 -31.13 45.10 5.94
CA SER D 284 -31.61 46.43 5.58
C SER D 284 -31.88 46.66 4.08
N ILE D 285 -31.39 45.77 3.21
CA ILE D 285 -31.65 45.91 1.77
C ILE D 285 -32.32 44.67 1.18
N LYS D 286 -32.72 43.75 2.06
CA LYS D 286 -33.22 42.45 1.65
C LYS D 286 -34.33 42.62 0.61
N GLU D 287 -35.28 43.50 0.91
CA GLU D 287 -36.46 43.69 0.08
C GLU D 287 -36.13 44.10 -1.36
N LYS D 288 -35.22 45.06 -1.53
CA LYS D 288 -34.85 45.49 -2.88
C LYS D 288 -34.14 44.36 -3.66
N VAL D 289 -33.32 43.57 -2.98
CA VAL D 289 -32.58 42.48 -3.62
C VAL D 289 -33.50 41.38 -4.13
N VAL D 290 -34.46 40.95 -3.30
CA VAL D 290 -35.43 39.92 -3.71
C VAL D 290 -36.17 40.37 -4.95
N ALA D 291 -36.72 41.57 -4.88
CA ALA D 291 -37.47 42.15 -5.98
C ALA D 291 -36.57 42.22 -7.21
N GLU D 292 -35.33 42.65 -7.00
CA GLU D 292 -34.37 42.80 -8.08
C GLU D 292 -33.97 41.47 -8.70
N LEU D 293 -33.83 40.43 -7.88
CA LEU D 293 -33.52 39.11 -8.40
C LEU D 293 -34.63 38.56 -9.29
N LYS D 294 -35.87 38.63 -8.80
CA LYS D 294 -37.01 38.14 -9.58
C LYS D 294 -37.13 38.84 -10.92
N GLN D 295 -37.03 40.17 -10.90
CA GLN D 295 -37.11 40.98 -12.12
C GLN D 295 -36.08 40.55 -13.16
N GLN D 296 -34.91 40.11 -12.69
CA GLN D 296 -33.82 39.77 -13.58
C GLN D 296 -33.72 38.26 -13.87
N GLY D 297 -34.74 37.50 -13.46
CA GLY D 297 -34.89 36.13 -13.91
C GLY D 297 -34.82 35.05 -12.84
N ALA D 298 -34.68 35.43 -11.58
CA ALA D 298 -34.70 34.47 -10.47
C ALA D 298 -36.09 33.97 -10.10
N TYR D 299 -36.17 32.66 -9.85
CA TYR D 299 -37.37 32.02 -9.33
C TYR D 299 -37.11 31.62 -7.88
N PHE D 300 -37.82 32.25 -6.93
CA PHE D 300 -37.65 31.87 -5.53
C PHE D 300 -38.51 30.68 -5.17
N LEU D 301 -37.86 29.62 -4.75
CA LEU D 301 -38.56 28.40 -4.41
C LEU D 301 -39.22 28.64 -3.07
N ASN D 302 -40.47 28.21 -2.92
CA ASN D 302 -41.07 28.23 -1.60
C ASN D 302 -40.57 27.00 -0.86
N GLU D 303 -40.89 26.90 0.42
CA GLU D 303 -40.26 25.90 1.27
C GLU D 303 -40.67 24.49 0.84
N GLU D 304 -41.83 24.37 0.20
CA GLU D 304 -42.28 23.08 -0.30
C GLU D 304 -41.47 22.76 -1.54
N GLU D 305 -41.29 23.73 -2.41
CA GLU D 305 -40.47 23.55 -3.60
C GLU D 305 -39.03 23.24 -3.15
N LYS D 306 -38.59 23.94 -2.11
CA LYS D 306 -37.26 23.75 -1.54
C LYS D 306 -36.91 22.33 -1.07
N GLN D 307 -37.81 21.69 -0.35
CA GLN D 307 -37.57 20.37 0.16
C GLN D 307 -37.43 19.42 -1.04
N LYS D 308 -38.23 19.69 -2.08
CA LYS D 308 -38.24 18.87 -3.29
C LYS D 308 -36.99 19.02 -4.12
N VAL D 309 -36.47 20.23 -4.22
CA VAL D 309 -35.24 20.46 -4.98
C VAL D 309 -34.06 19.91 -4.18
N ALA D 310 -34.10 20.19 -2.88
CA ALA D 310 -33.10 19.68 -1.93
C ALA D 310 -32.92 18.17 -2.09
N SER D 311 -34.03 17.49 -2.35
CA SER D 311 -34.03 16.03 -2.41
C SER D 311 -33.15 15.50 -3.53
N ILE D 312 -32.89 16.32 -4.53
CA ILE D 312 -32.07 15.87 -5.66
C ILE D 312 -30.70 16.55 -5.74
N ILE D 313 -30.45 17.54 -4.88
CA ILE D 313 -29.11 18.14 -4.85
C ILE D 313 -28.03 17.17 -4.34
N MET D 314 -28.34 16.54 -3.20
CA MET D 314 -27.46 15.57 -2.53
C MET D 314 -27.99 14.15 -2.66
N VAL D 315 -27.10 13.21 -2.99
CA VAL D 315 -27.48 11.80 -3.03
C VAL D 315 -26.50 10.97 -2.20
N ASN D 316 -27.00 10.38 -1.11
CA ASN D 316 -26.23 9.52 -0.20
C ASN D 316 -25.01 8.82 -0.77
N GLY D 317 -23.84 9.45 -0.81
CA GLY D 317 -23.63 10.84 -0.42
C GLY D 317 -22.90 11.55 -1.54
N SER D 318 -23.06 12.88 -1.59
CA SER D 318 -22.37 13.79 -2.53
C SER D 318 -23.30 14.41 -3.55
N LEU D 319 -22.76 15.42 -4.21
CA LEU D 319 -23.48 16.23 -5.19
C LEU D 319 -24.03 15.38 -6.33
N ASN D 320 -25.33 15.49 -6.57
CA ASN D 320 -25.97 14.77 -7.67
C ASN D 320 -25.44 15.24 -9.02
N ALA D 321 -24.71 14.37 -9.70
CA ALA D 321 -24.12 14.69 -10.98
C ALA D 321 -25.16 15.10 -12.02
N LYS D 322 -26.40 14.65 -11.81
CA LYS D 322 -27.46 14.85 -12.81
C LYS D 322 -28.05 16.26 -12.84
N ILE D 323 -27.78 17.08 -11.82
CA ILE D 323 -28.18 18.49 -11.89
C ILE D 323 -27.01 19.37 -12.32
N VAL D 324 -25.82 18.78 -12.37
CA VAL D 324 -24.63 19.56 -12.70
C VAL D 324 -24.74 20.13 -14.12
N GLY D 325 -24.49 21.43 -14.25
CA GLY D 325 -24.53 22.10 -15.54
C GLY D 325 -25.82 21.95 -16.30
N LYS D 326 -26.93 21.83 -15.58
CA LYS D 326 -28.24 21.68 -16.21
C LYS D 326 -29.05 22.98 -16.16
N ALA D 327 -29.84 23.25 -17.20
CA ALA D 327 -30.74 24.40 -17.20
C ALA D 327 -31.73 24.30 -16.04
N PRO D 328 -32.20 25.45 -15.52
CA PRO D 328 -33.12 25.40 -14.38
C PRO D 328 -34.45 24.67 -14.67
N GLN D 329 -34.90 24.69 -15.91
CA GLN D 329 -36.15 24.00 -16.28
C GLN D 329 -35.93 22.49 -16.22
N VAL D 330 -34.74 22.05 -16.56
CA VAL D 330 -34.40 20.64 -16.50
C VAL D 330 -34.36 20.19 -15.04
N ILE D 331 -33.73 21.00 -14.19
CA ILE D 331 -33.66 20.72 -12.76
C ILE D 331 -35.04 20.72 -12.11
N ALA D 332 -35.87 21.70 -12.50
CA ALA D 332 -37.24 21.81 -12.01
C ALA D 332 -38.08 20.56 -12.30
N GLU D 333 -37.97 20.05 -13.52
CA GLU D 333 -38.70 18.86 -13.93
C GLU D 333 -38.26 17.65 -13.10
N MET D 334 -36.96 17.49 -12.90
CA MET D 334 -36.42 16.38 -12.10
C MET D 334 -36.93 16.37 -10.66
N ALA D 335 -37.20 17.57 -10.13
CA ALA D 335 -37.61 17.73 -8.73
C ALA D 335 -39.12 17.59 -8.62
N GLY D 336 -39.79 17.66 -9.77
CA GLY D 336 -41.23 17.58 -9.82
C GLY D 336 -41.93 18.87 -9.49
N ILE D 337 -41.31 19.98 -9.90
CA ILE D 337 -41.91 21.29 -9.77
C ILE D 337 -42.04 21.92 -11.17
N GLU D 338 -42.78 23.01 -11.24
CA GLU D 338 -43.16 23.63 -12.51
C GLU D 338 -42.84 25.11 -12.51
N ILE D 339 -42.00 25.54 -13.46
CA ILE D 339 -41.55 26.93 -13.49
C ILE D 339 -41.71 27.51 -14.89
N PRO D 340 -41.85 28.85 -14.99
CA PRO D 340 -41.93 29.59 -16.25
C PRO D 340 -40.66 29.44 -17.11
N SER D 341 -40.79 29.70 -18.41
CA SER D 341 -39.64 29.60 -19.29
C SER D 341 -38.59 30.64 -18.95
N ASP D 342 -38.92 31.91 -19.17
CA ASP D 342 -37.95 33.01 -19.00
C ASP D 342 -37.17 33.03 -17.70
N VAL D 343 -37.45 32.03 -16.89
CA VAL D 343 -36.80 31.88 -15.59
C VAL D 343 -35.39 31.45 -15.90
N LYS D 344 -34.44 32.13 -15.28
CA LYS D 344 -33.03 31.85 -15.53
C LYS D 344 -32.27 31.04 -14.46
N LEU D 345 -32.70 31.12 -13.21
CA LEU D 345 -32.05 30.41 -12.12
C LEU D 345 -33.00 30.19 -10.93
N LEU D 346 -32.73 29.14 -10.16
CA LEU D 346 -33.45 28.86 -8.91
C LEU D 346 -32.75 29.40 -7.67
N VAL D 347 -33.58 29.90 -6.74
CA VAL D 347 -33.11 30.45 -5.48
C VAL D 347 -33.94 29.84 -4.34
N ALA D 348 -33.24 29.50 -3.26
CA ALA D 348 -33.85 28.98 -2.04
C ALA D 348 -33.42 29.78 -0.81
N GLU D 349 -34.40 30.10 0.04
CA GLU D 349 -34.10 30.75 1.30
C GLU D 349 -33.45 29.76 2.26
N GLU D 350 -32.42 30.19 2.97
CA GLU D 350 -31.68 29.28 3.86
C GLU D 350 -31.23 29.95 5.16
N THR D 351 -31.08 29.14 6.21
CA THR D 351 -30.60 29.61 7.51
C THR D 351 -29.40 28.79 7.99
N GLU D 352 -29.35 27.52 7.57
CA GLU D 352 -28.33 26.58 8.03
C GLU D 352 -27.17 26.36 7.07
N VAL D 353 -26.04 25.91 7.62
CA VAL D 353 -24.82 25.62 6.87
C VAL D 353 -24.27 24.26 7.33
N GLY D 354 -24.01 23.35 6.39
CA GLY D 354 -23.49 22.03 6.76
C GLY D 354 -23.73 20.98 5.70
N LYS D 355 -22.97 19.88 5.78
CA LYS D 355 -23.14 18.78 4.82
C LYS D 355 -24.58 18.23 4.80
N GLU D 356 -25.26 18.30 5.94
CA GLU D 356 -26.63 17.81 6.06
C GLU D 356 -27.67 18.82 5.51
N TYR D 357 -27.17 19.93 4.96
CA TYR D 357 -28.02 20.95 4.34
C TYR D 357 -27.64 21.21 2.88
N PRO D 358 -28.23 20.45 1.94
CA PRO D 358 -27.84 20.46 0.52
C PRO D 358 -27.76 21.84 -0.12
N PHE D 359 -28.54 22.81 0.33
CA PHE D 359 -28.50 24.13 -0.28
C PHE D 359 -27.25 24.91 0.14
N SER D 360 -26.53 24.40 1.14
CA SER D 360 -25.34 25.08 1.64
C SER D 360 -24.04 24.64 0.96
N ILE D 361 -24.11 23.59 0.16
CA ILE D 361 -22.92 23.07 -0.53
C ILE D 361 -22.73 23.67 -1.91
N GLU D 362 -21.59 23.36 -2.53
CA GLU D 362 -21.30 23.80 -3.88
C GLU D 362 -22.21 22.99 -4.81
N LYS D 363 -22.96 23.67 -5.67
CA LYS D 363 -24.05 23.04 -6.42
C LYS D 363 -23.76 22.84 -7.91
N LEU D 364 -22.75 23.56 -8.41
CA LEU D 364 -22.36 23.50 -9.82
C LEU D 364 -23.56 23.52 -10.78
N SER D 365 -24.49 24.43 -10.54
CA SER D 365 -25.72 24.51 -11.30
C SER D 365 -26.40 25.83 -10.97
N PRO D 366 -27.41 26.24 -11.75
CA PRO D 366 -28.05 27.55 -11.51
C PRO D 366 -28.96 27.52 -10.27
N ILE D 367 -28.36 27.21 -9.13
CA ILE D 367 -29.04 27.22 -7.84
C ILE D 367 -28.25 28.03 -6.83
N LEU D 368 -28.95 28.93 -6.13
CA LEU D 368 -28.34 29.75 -5.09
C LEU D 368 -29.03 29.60 -3.74
N ALA D 369 -28.24 29.65 -2.68
CA ALA D 369 -28.74 29.79 -1.32
C ALA D 369 -28.90 31.27 -1.01
N PHE D 370 -29.86 31.60 -0.14
CA PHE D 370 -30.12 32.99 0.20
C PHE D 370 -30.16 33.19 1.72
N TYR D 371 -29.12 33.81 2.27
CA TYR D 371 -29.02 34.07 3.72
C TYR D 371 -29.19 35.54 4.05
N ILE D 372 -30.01 35.83 5.05
CA ILE D 372 -30.13 37.16 5.63
C ILE D 372 -29.15 37.34 6.79
N VAL D 373 -28.45 38.48 6.83
CA VAL D 373 -27.54 38.78 7.94
C VAL D 373 -27.76 40.18 8.51
N LYS D 374 -27.42 40.37 9.79
CA LYS D 374 -27.56 41.67 10.44
C LYS D 374 -26.52 42.67 9.96
N GLY D 375 -25.33 42.19 9.61
CA GLY D 375 -24.28 43.05 9.13
C GLY D 375 -23.01 42.29 8.85
N MET D 376 -21.93 43.02 8.57
CA MET D 376 -20.67 42.41 8.17
C MET D 376 -20.18 41.31 9.10
N GLU D 377 -20.32 41.52 10.40
CA GLU D 377 -19.77 40.57 11.35
C GLU D 377 -20.51 39.24 11.25
N GLU D 378 -21.82 39.29 11.14
CA GLU D 378 -22.60 38.07 10.99
C GLU D 378 -22.37 37.48 9.61
N ALA D 379 -22.06 38.34 8.65
CA ALA D 379 -21.86 37.90 7.27
C ALA D 379 -20.58 37.06 7.16
N SER D 380 -19.51 37.58 7.75
CA SER D 380 -18.22 36.89 7.82
C SER D 380 -18.30 35.52 8.51
N GLU D 381 -19.03 35.47 9.62
CA GLU D 381 -19.21 34.22 10.35
C GLU D 381 -19.83 33.12 9.48
N LEU D 382 -20.87 33.44 8.72
CA LEU D 382 -21.55 32.42 7.94
C LEU D 382 -20.64 32.03 6.78
N ALA D 383 -19.98 33.04 6.21
CA ALA D 383 -19.10 32.87 5.07
C ALA D 383 -17.94 31.98 5.45
N GLN D 384 -17.39 32.22 6.64
CA GLN D 384 -16.32 31.39 7.16
C GLN D 384 -16.84 29.96 7.24
N LYS D 385 -18.04 29.79 7.75
CA LYS D 385 -18.62 28.47 7.91
C LYS D 385 -18.90 27.81 6.58
N LEU D 386 -19.33 28.60 5.61
CA LEU D 386 -19.57 28.08 4.27
C LEU D 386 -18.28 27.62 3.59
N LEU D 387 -17.22 28.41 3.69
CA LEU D 387 -15.92 28.03 3.14
C LEU D 387 -15.33 26.76 3.71
N GLU D 388 -15.56 26.52 5.01
CA GLU D 388 -15.00 25.34 5.64
C GLU D 388 -15.69 24.08 5.14
N VAL D 389 -16.85 24.24 4.51
CA VAL D 389 -17.45 23.14 3.77
C VAL D 389 -16.96 23.17 2.31
N GLY D 390 -15.73 22.70 2.10
CA GLY D 390 -15.22 22.48 0.75
C GLY D 390 -15.05 23.71 -0.11
N GLY D 391 -14.70 24.85 0.49
CA GLY D 391 -14.40 26.05 -0.28
C GLY D 391 -13.12 26.76 0.09
N LEU D 392 -12.40 26.23 1.09
CA LEU D 392 -11.28 26.95 1.68
C LEU D 392 -10.22 27.28 0.65
N GLY D 393 -9.72 28.51 0.68
CA GLY D 393 -8.59 28.88 -0.14
C GLY D 393 -8.93 29.24 -1.58
N HIS D 394 -10.20 29.07 -1.96
CA HIS D 394 -10.56 29.26 -3.36
C HIS D 394 -10.95 30.70 -3.65
N THR D 395 -12.23 31.02 -3.61
CA THR D 395 -12.70 32.33 -4.03
C THR D 395 -13.80 32.84 -3.11
N VAL D 396 -13.85 34.15 -2.93
CA VAL D 396 -14.96 34.81 -2.26
C VAL D 396 -15.33 36.10 -2.98
N GLY D 397 -16.55 36.59 -2.74
CA GLY D 397 -17.01 37.81 -3.37
C GLY D 397 -17.67 38.78 -2.40
N ILE D 398 -17.55 40.07 -2.71
CA ILE D 398 -18.31 41.10 -2.01
C ILE D 398 -18.76 42.20 -2.97
N HIS D 399 -19.97 42.71 -2.79
CA HIS D 399 -20.45 43.86 -3.56
C HIS D 399 -20.71 45.04 -2.61
N ALA D 400 -19.98 46.12 -2.80
CA ALA D 400 -20.09 47.26 -1.90
C ALA D 400 -19.36 48.47 -2.47
N GLU D 401 -19.73 49.67 -2.01
CA GLU D 401 -19.08 50.88 -2.48
C GLU D 401 -18.37 51.65 -1.37
N ASP D 402 -18.60 51.26 -0.12
CA ASP D 402 -17.90 51.82 1.04
C ASP D 402 -16.56 51.11 1.25
N GLU D 403 -15.47 51.78 0.88
CA GLU D 403 -14.14 51.16 0.90
C GLU D 403 -13.69 50.59 2.26
N LYS D 404 -14.12 51.19 3.37
CA LYS D 404 -13.67 50.70 4.69
C LYS D 404 -14.35 49.39 5.02
N VAL D 405 -15.61 49.23 4.60
CA VAL D 405 -16.32 47.99 4.86
C VAL D 405 -15.66 46.87 4.06
N ILE D 406 -15.30 47.17 2.81
CA ILE D 406 -14.59 46.22 1.96
C ILE D 406 -13.29 45.72 2.62
N GLU D 407 -12.42 46.63 3.02
CA GLU D 407 -11.17 46.25 3.68
C GLU D 407 -11.38 45.40 4.94
N ALA D 408 -12.31 45.80 5.79
CA ALA D 408 -12.53 45.09 7.05
C ALA D 408 -13.03 43.68 6.79
N TYR D 409 -13.87 43.52 5.78
CA TYR D 409 -14.49 42.23 5.50
C TYR D 409 -13.50 41.28 4.85
N THR D 410 -12.68 41.82 3.96
CA THR D 410 -11.85 41.00 3.08
C THR D 410 -10.58 40.51 3.73
N ILE D 411 -10.00 41.34 4.59
CA ILE D 411 -8.67 41.08 5.12
C ILE D 411 -8.44 39.67 5.67
N ASP D 412 -9.45 39.09 6.33
CA ASP D 412 -9.29 37.81 7.01
C ASP D 412 -9.95 36.60 6.35
N LYS D 413 -10.31 36.74 5.08
CA LYS D 413 -10.97 35.66 4.35
C LYS D 413 -9.93 34.71 3.72
N PRO D 414 -10.03 33.40 4.01
CA PRO D 414 -9.07 32.48 3.40
C PRO D 414 -9.40 32.09 1.96
N ALA D 415 -9.09 33.00 1.05
CA ALA D 415 -9.27 32.77 -0.37
C ALA D 415 -8.17 33.48 -1.16
N GLY D 416 -7.63 32.80 -2.17
CA GLY D 416 -6.60 33.37 -3.01
C GLY D 416 -7.17 34.40 -3.96
N ARG D 417 -8.48 34.30 -4.19
CA ARG D 417 -9.21 35.28 -5.01
C ARG D 417 -10.31 35.93 -4.18
N ILE D 418 -10.21 37.24 -4.01
CA ILE D 418 -11.19 38.01 -3.27
C ILE D 418 -11.77 39.08 -4.20
N VAL D 419 -12.94 38.76 -4.77
CA VAL D 419 -13.50 39.49 -5.90
C VAL D 419 -14.44 40.61 -5.44
N VAL D 420 -14.12 41.84 -5.84
CA VAL D 420 -14.92 43.00 -5.44
C VAL D 420 -15.65 43.62 -6.63
N ASN D 421 -16.97 43.70 -6.51
CA ASN D 421 -17.82 44.32 -7.52
C ASN D 421 -17.64 43.67 -8.91
N ALA D 422 -17.75 42.34 -8.95
CA ALA D 422 -17.64 41.58 -10.19
C ALA D 422 -18.23 40.19 -10.01
N GLY D 423 -18.61 39.53 -11.09
CA GLY D 423 -19.06 38.15 -10.99
C GLY D 423 -17.87 37.26 -10.64
N THR D 424 -18.08 36.30 -9.75
CA THR D 424 -16.98 35.50 -9.22
C THR D 424 -16.50 34.44 -10.20
N THR D 425 -17.38 34.03 -11.11
CA THR D 425 -16.99 33.12 -12.18
C THR D 425 -15.89 33.80 -12.98
N PHE D 426 -16.19 35.01 -13.45
CA PHE D 426 -15.33 35.73 -14.39
C PHE D 426 -14.20 36.41 -13.65
N GLY D 427 -14.43 36.69 -12.38
CA GLY D 427 -13.41 37.26 -11.52
C GLY D 427 -12.34 36.25 -11.16
N GLY D 428 -12.77 35.09 -10.66
CA GLY D 428 -11.84 34.07 -10.20
C GLY D 428 -10.86 33.61 -11.26
N ILE D 429 -11.34 33.44 -12.50
CA ILE D 429 -10.48 33.03 -13.60
C ILE D 429 -9.65 34.17 -14.22
N GLY D 430 -9.96 35.41 -13.86
CA GLY D 430 -9.20 36.57 -14.32
C GLY D 430 -9.71 37.25 -15.57
N ALA D 431 -10.96 36.97 -15.94
CA ALA D 431 -11.60 37.63 -17.07
C ALA D 431 -11.96 39.10 -16.80
N THR D 432 -12.58 39.37 -15.65
CA THR D 432 -13.20 40.66 -15.36
C THR D 432 -12.58 41.37 -14.15
N VAL D 433 -11.66 40.70 -13.48
CA VAL D 433 -10.79 41.36 -12.51
C VAL D 433 -9.36 41.03 -12.85
N ASN D 434 -8.45 41.86 -12.38
CA ASN D 434 -7.06 41.70 -12.75
C ASN D 434 -6.37 40.66 -11.87
N VAL D 435 -6.76 39.41 -12.09
CA VAL D 435 -5.92 38.26 -11.72
C VAL D 435 -5.46 37.60 -13.00
N LYS D 436 -4.41 36.79 -12.88
CA LYS D 436 -3.77 36.16 -14.02
C LYS D 436 -4.80 35.22 -14.70
N PRO D 437 -5.04 35.39 -16.02
CA PRO D 437 -5.92 34.44 -16.71
C PRO D 437 -5.59 32.96 -16.50
N SER D 438 -6.54 32.17 -16.01
CA SER D 438 -6.27 30.78 -15.65
C SER D 438 -7.55 29.98 -15.43
N LEU D 439 -7.47 28.67 -15.66
CA LEU D 439 -8.55 27.76 -15.32
C LEU D 439 -8.07 26.73 -14.30
N THR D 440 -6.93 27.01 -13.67
CA THR D 440 -6.38 26.17 -12.60
C THR D 440 -6.06 27.06 -11.41
N LEU D 441 -6.98 27.11 -10.46
CA LEU D 441 -6.92 28.08 -9.38
C LEU D 441 -6.40 27.46 -8.09
N GLY D 442 -5.11 27.69 -7.82
CA GLY D 442 -4.48 27.12 -6.64
C GLY D 442 -5.09 27.71 -5.39
N CYS D 443 -5.29 26.87 -4.38
CA CYS D 443 -5.96 27.30 -3.16
C CYS D 443 -5.05 27.43 -1.94
N GLY D 444 -3.74 27.50 -2.16
CA GLY D 444 -2.84 27.71 -1.04
C GLY D 444 -2.80 26.52 -0.09
N ALA D 445 -2.00 26.64 0.97
CA ALA D 445 -1.88 25.56 1.97
C ALA D 445 -3.20 25.12 2.58
N ILE D 446 -4.11 26.06 2.81
CA ILE D 446 -5.42 25.76 3.41
C ILE D 446 -6.30 24.87 2.52
N GLY D 447 -6.06 24.93 1.21
CA GLY D 447 -6.74 24.07 0.26
C GLY D 447 -5.88 22.89 -0.18
N ASN D 448 -4.87 22.56 0.63
CA ASN D 448 -3.93 21.47 0.33
C ASN D 448 -3.19 21.69 -1.01
N ASN D 449 -2.92 22.94 -1.36
CA ASN D 449 -2.18 23.26 -2.58
C ASN D 449 -0.87 23.96 -2.27
N ILE D 450 0.09 23.78 -3.16
CA ILE D 450 1.40 24.40 -3.04
C ILE D 450 1.39 25.91 -3.33
N THR D 451 0.35 26.38 -4.03
CA THR D 451 0.20 27.81 -4.28
C THR D 451 -1.23 28.31 -4.29
N SER D 452 -1.36 29.61 -4.05
CA SER D 452 -2.64 30.30 -4.13
C SER D 452 -2.82 31.04 -5.45
N ASP D 453 -1.79 31.04 -6.29
CA ASP D 453 -1.87 31.73 -7.58
C ASP D 453 -2.82 31.09 -8.59
N ASN D 454 -3.38 31.92 -9.48
CA ASN D 454 -3.89 31.43 -10.74
C ASN D 454 -2.71 30.91 -11.55
N VAL D 455 -2.67 29.61 -11.80
CA VAL D 455 -1.50 29.01 -12.42
C VAL D 455 -1.39 29.47 -13.87
N THR D 456 -0.19 29.87 -14.27
CA THR D 456 0.06 30.38 -15.61
C THR D 456 1.48 29.99 -16.06
N VAL D 457 1.99 30.65 -17.10
CA VAL D 457 3.18 30.18 -17.80
C VAL D 457 4.45 30.19 -16.94
N THR D 458 4.53 31.14 -16.00
CA THR D 458 5.73 31.30 -15.20
C THR D 458 5.89 30.15 -14.20
N HIS D 459 4.82 29.39 -13.99
CA HIS D 459 4.87 28.25 -13.10
C HIS D 459 5.43 27.00 -13.77
N LEU D 460 5.73 27.06 -15.07
CA LEU D 460 6.14 25.87 -15.80
C LEU D 460 7.55 26.01 -16.35
N PHE D 461 8.28 27.01 -15.86
CA PHE D 461 9.73 26.97 -15.98
C PHE D 461 10.38 27.43 -14.68
N ASN D 462 11.49 26.78 -14.34
CA ASN D 462 12.34 27.17 -13.22
C ASN D 462 13.30 28.27 -13.65
N ILE D 463 13.72 29.09 -12.69
CA ILE D 463 14.78 30.07 -12.92
C ILE D 463 16.11 29.57 -12.36
N LYS D 464 17.13 29.61 -13.22
CA LYS D 464 18.52 29.37 -12.85
C LYS D 464 19.18 30.72 -12.69
N ARG D 465 19.99 30.86 -11.64
CA ARG D 465 20.68 32.12 -11.39
C ARG D 465 22.19 32.10 -11.53
N VAL D 466 22.67 32.93 -12.45
CA VAL D 466 24.09 33.19 -12.60
C VAL D 466 24.42 34.35 -11.68
N ALA D 467 25.20 34.10 -10.64
CA ALA D 467 25.47 35.10 -9.62
C ALA D 467 26.96 35.25 -9.36
N PHE D 468 27.42 36.49 -9.27
CA PHE D 468 28.85 36.77 -9.20
C PHE D 468 29.34 37.02 -7.77
N GLY D 469 30.60 36.69 -7.49
CA GLY D 469 31.20 36.99 -6.20
C GLY D 469 31.14 38.49 -6.00
N VAL D 470 30.55 38.95 -4.90
CA VAL D 470 30.53 40.38 -4.58
C VAL D 470 31.00 40.73 -3.17
N ARG D 471 31.25 39.71 -2.36
CA ARG D 471 31.64 39.91 -0.95
C ARG D 471 32.69 38.90 -0.50
N GLU D 472 33.45 39.31 0.52
CA GLU D 472 34.46 38.47 1.14
C GLU D 472 33.88 37.81 2.39
N MET D 473 34.32 36.59 2.66
CA MET D 473 33.91 35.85 3.83
C MET D 473 34.86 36.03 5.03
N PRO D 474 34.31 36.38 6.21
CA PRO D 474 35.14 36.73 7.37
C PRO D 474 35.51 35.52 8.24
#